data_9N3R
#
_entry.id   9N3R
#
_cell.length_a   98.210
_cell.length_b   136.600
_cell.length_c   178.010
_cell.angle_alpha   90.000
_cell.angle_beta   90.000
_cell.angle_gamma   90.000
#
_symmetry.space_group_name_H-M   'P 21 21 2'
#
loop_
_entity.id
_entity.type
_entity.pdbx_description
1 polymer 'Protein arginine N-methyltransferase 5'
2 polymer 'Methylosome protein 50'
3 non-polymer "5'-DEOXY-5'-METHYLTHIOADENOSINE"
4 non-polymer N-(6-amino-5-ethylpyridin-3-yl)-2-{(2R,5S)-5-methyl-2-[2-(1-methylpiperidin-4-yl)-1,3-benzothiazol-5-yl]piperidin-1-yl}-2-oxoacetamide
5 non-polymer 'CHLORIDE ION'
6 non-polymer 1,2-ETHANEDIOL
7 water water
#
loop_
_entity_poly.entity_id
_entity_poly.type
_entity_poly.pdbx_seq_one_letter_code
_entity_poly.pdbx_strand_id
1 'polypeptide(L)'
;MDYKDDDDKAAMAVGGAGGSRVSSGRDLNCVPEIADTLGAVAKQGFDFLCMPVFHPRFKREFIQEPAKNRPGPQTRSDLL
LSGRDWNTLIVGKLSPWIRPDSKVEKIRRNSEAAMLQELNFGAYLGLPAFLLPLNQEDNTNLARVLTNHIHTGHHSSMFW
MRVPLVAPEDLRDDIIENAPTTHTEEYSGEEKTWMWWHNFRTLCDYSKRIAVALEIGADLPSNHVIDRWLGEPIKAAILP
TSIFLTNKKGFPVLSKMHQRLIFRLLKLEVQFIITGTNHHSEKEFCSYLQYLEYLSQNRPPPNAYELFAKGYEDYLQSPL
QPLMDNLESQTYEVFEKDPIKYSQYQQAIYKCLLDRVPEEEKDTNVQVLMVLGAGRGPLVNASLRAAKQADRRIKLYAVE
KNPNAVVTLENWQFEEWGSQVTVVSSDMREWVAPEKADIIVSELLGSFADNELSPECLDGAQHFLKDDGVSIPGEYTSFL
APISSSKLYNEVRACREKDRDPEAQFEMPYVVRLHNFHQLSAPQPCFTFSHPNRDPMIDNNRYCTLEFPVEVNTVLHGFA
GYFETVLYQDITLSIRPETHSPGMFSWFPILFPIKQPITVREGQTICVRFWRCSNSKKVWYEWAVTAPVCSAIHNPTGRS
YTIGL
;
A,C
2 'polypeptide(L)'
;MHHHHHHHHRKETPPPLVPPAAREWNLPPNAPACMERQLEAARYRSDGALLLGASSLSGRCWAGSLWLFKDPCAAPNEGF
CSAGVQTEAGVADLTWVGERGILVASDSGAVELWELDENETLIVSKFCKYEHDDIVSTVSVLSSGTQAVSGSKDICIKVW
DLAQQVVLSSYRAHAAQVTCVAASPHKDSVFLSCSEDNRILLWDTRCPKPASQIGCSAPGYLPTSLAWHPQQSEVFVFGD
ENGTVSLVDTKSTSCVLSSAVHSQCVTGLVFSPHSVPFLASLSEDCSLAVLDSSLSELFRSQAHRDFVRDATWSPLNHSL
LTTVGWDHQVVHHVVPTEPLPAPGPASVTE
;
B,D
#
loop_
_chem_comp.id
_chem_comp.type
_chem_comp.name
_chem_comp.formula
A1BV0 non-polymer N-(6-amino-5-ethylpyridin-3-yl)-2-{(2R,5S)-5-methyl-2-[2-(1-methylpiperidin-4-yl)-1,3-benzothiazol-5-yl]piperidin-1-yl}-2-oxoacetamide 'C28 H36 N6 O2 S'
CL non-polymer 'CHLORIDE ION' 'Cl -1'
EDO non-polymer 1,2-ETHANEDIOL 'C2 H6 O2'
MTA non-polymer 5'-DEOXY-5'-METHYLTHIOADENOSINE 'C11 H15 N5 O3 S'
#
# COMPACT_ATOMS: atom_id res chain seq x y z
N ARG A 21 -3.89 24.46 4.80
CA ARG A 21 -2.90 25.47 5.17
C ARG A 21 -1.47 24.95 4.97
N VAL A 22 -0.58 25.29 5.90
CA VAL A 22 0.85 25.05 5.74
C VAL A 22 1.30 24.02 6.77
N SER A 23 2.08 23.05 6.30
CA SER A 23 2.86 22.15 7.16
C SER A 23 4.27 22.72 7.27
N SER A 24 4.80 22.77 8.48
CA SER A 24 6.01 23.53 8.73
C SER A 24 6.79 22.97 9.92
N GLY A 25 8.03 23.43 10.02
CA GLY A 25 8.89 23.04 11.12
C GLY A 25 9.86 24.16 11.48
N ARG A 26 10.50 24.00 12.63
CA ARG A 26 11.44 24.98 13.16
C ARG A 26 12.84 24.39 13.15
N ASP A 27 13.81 25.14 12.62
CA ASP A 27 15.19 24.69 12.54
C ASP A 27 15.99 25.33 13.66
N LEU A 28 16.52 24.51 14.56
CA LEU A 28 17.34 24.98 15.67
C LEU A 28 18.65 24.21 15.71
N ASN A 29 19.74 24.93 16.02
CA ASN A 29 21.03 24.31 16.26
C ASN A 29 21.41 24.35 17.74
N CYS A 30 20.49 24.77 18.61
CA CYS A 30 20.72 24.84 20.05
C CYS A 30 19.51 24.22 20.75
N VAL A 31 19.72 23.06 21.35
CA VAL A 31 18.64 22.37 22.08
C VAL A 31 19.16 22.02 23.47
N PRO A 32 18.89 22.85 24.49
CA PRO A 32 19.37 22.52 25.84
C PRO A 32 18.59 21.38 26.46
N GLU A 33 17.26 21.49 26.46
CA GLU A 33 16.36 20.44 26.93
C GLU A 33 15.45 20.07 25.78
N ILE A 34 15.54 18.81 25.34
CA ILE A 34 14.81 18.39 24.14
C ILE A 34 13.30 18.46 24.38
N ALA A 35 12.85 18.10 25.58
CA ALA A 35 11.42 18.13 25.89
C ALA A 35 10.90 19.56 25.95
N ASP A 36 11.63 20.45 26.64
CA ASP A 36 11.19 21.84 26.72
C ASP A 36 11.19 22.49 25.34
N THR A 37 12.22 22.23 24.55
CA THR A 37 12.29 22.80 23.20
C THR A 37 11.15 22.28 22.34
N LEU A 38 10.84 20.99 22.42
CA LEU A 38 9.76 20.44 21.62
C LEU A 38 8.42 21.02 22.04
N GLY A 39 8.18 21.15 23.35
CA GLY A 39 6.96 21.78 23.81
C GLY A 39 6.84 23.22 23.37
N ALA A 40 7.97 23.95 23.37
CA ALA A 40 7.94 25.34 22.93
C ALA A 40 7.60 25.45 21.45
N VAL A 41 8.27 24.65 20.61
CA VAL A 41 7.99 24.72 19.18
C VAL A 41 6.59 24.20 18.87
N ALA A 42 6.04 23.33 19.72
CA ALA A 42 4.66 22.89 19.52
C ALA A 42 3.69 24.01 19.87
N LYS A 43 3.92 24.70 20.98
CA LYS A 43 3.05 25.81 21.36
C LYS A 43 3.19 26.99 20.41
N GLN A 44 4.30 27.10 19.69
CA GLN A 44 4.44 28.12 18.67
C GLN A 44 3.69 27.79 17.39
N GLY A 45 3.19 26.56 17.25
CA GLY A 45 2.38 26.18 16.11
C GLY A 45 3.08 25.34 15.07
N PHE A 46 4.35 24.99 15.27
CA PHE A 46 5.12 24.25 14.27
C PHE A 46 4.73 22.77 14.29
N ASP A 47 4.88 22.13 13.13
CA ASP A 47 4.54 20.72 13.02
C ASP A 47 5.72 19.80 13.29
N PHE A 48 6.95 20.26 13.04
CA PHE A 48 8.12 19.43 13.33
C PHE A 48 9.30 20.31 13.70
N LEU A 49 10.40 19.66 14.09
CA LEU A 49 11.60 20.34 14.56
C LEU A 49 12.84 19.69 13.96
N CYS A 50 13.67 20.49 13.31
CA CYS A 50 14.97 20.03 12.81
C CYS A 50 16.02 20.36 13.87
N MET A 51 16.67 19.34 14.40
CA MET A 51 17.58 19.49 15.52
C MET A 51 18.75 18.54 15.33
N PRO A 52 19.88 18.83 15.96
CA PRO A 52 21.02 17.90 15.91
C PRO A 52 20.81 16.73 16.87
N VAL A 53 21.22 15.55 16.42
CA VAL A 53 21.15 14.36 17.26
C VAL A 53 22.38 14.21 18.15
N PHE A 54 23.52 14.79 17.75
CA PHE A 54 24.68 14.96 18.62
C PHE A 54 24.91 16.46 18.77
N HIS A 55 25.56 16.84 19.86
CA HIS A 55 25.81 18.26 20.10
C HIS A 55 26.66 18.83 18.96
N PRO A 56 26.28 19.97 18.39
CA PRO A 56 26.97 20.44 17.17
C PRO A 56 28.45 20.70 17.36
N ARG A 57 28.87 21.14 18.55
CA ARG A 57 30.28 21.40 18.81
C ARG A 57 31.01 20.20 19.39
N PHE A 58 30.32 19.08 19.59
CA PHE A 58 30.91 17.92 20.25
C PHE A 58 31.58 17.00 19.22
N LYS A 59 32.73 17.46 18.74
CA LYS A 59 33.51 16.67 17.79
C LYS A 59 34.05 15.41 18.48
N ARG A 60 34.05 14.30 17.75
CA ARG A 60 34.49 13.01 18.27
C ARG A 60 35.60 12.46 17.41
N GLU A 61 36.54 11.77 18.05
CA GLU A 61 37.68 11.15 17.39
C GLU A 61 37.48 9.64 17.33
N PHE A 62 37.78 9.05 16.18
CA PHE A 62 37.55 7.63 15.95
C PHE A 62 38.82 6.82 15.70
N ILE A 63 39.97 7.46 15.57
CA ILE A 63 41.20 6.74 15.20
C ILE A 63 42.25 6.92 16.29
N GLN A 64 42.70 8.16 16.49
CA GLN A 64 43.84 8.42 17.36
C GLN A 64 43.42 8.47 18.83
N GLU A 65 44.16 7.77 19.67
CA GLU A 65 44.02 7.90 21.11
C GLU A 65 44.76 9.15 21.58
N PRO A 66 44.41 9.69 22.76
CA PRO A 66 43.44 9.21 23.77
C PRO A 66 41.99 9.63 23.56
N ALA A 67 41.72 10.65 22.73
CA ALA A 67 40.35 11.11 22.53
C ALA A 67 39.45 10.03 21.93
N LYS A 68 40.06 9.00 21.33
CA LYS A 68 39.31 7.87 20.80
C LYS A 68 38.49 7.18 21.89
N ASN A 69 39.03 7.13 23.11
CA ASN A 69 38.40 6.42 24.23
C ASN A 69 37.64 7.37 25.14
N ARG A 70 36.98 8.39 24.58
CA ARG A 70 36.25 9.34 25.40
C ARG A 70 35.05 8.65 26.06
N PRO A 71 34.91 8.77 27.38
CA PRO A 71 33.80 8.08 28.05
C PRO A 71 32.45 8.65 27.64
N GLY A 72 31.48 7.75 27.45
CA GLY A 72 30.15 8.15 27.08
C GLY A 72 29.39 8.78 28.23
N PRO A 73 28.12 9.10 27.99
CA PRO A 73 27.34 8.92 26.76
C PRO A 73 27.76 9.88 25.65
N GLN A 74 27.60 9.48 24.39
CA GLN A 74 28.00 10.34 23.28
C GLN A 74 26.91 11.33 22.87
N THR A 75 25.67 11.10 23.30
CA THR A 75 24.56 12.02 23.02
C THR A 75 23.45 11.71 24.01
N ARG A 76 22.35 12.45 23.87
CA ARG A 76 21.21 12.25 24.76
C ARG A 76 20.51 10.93 24.42
N SER A 77 19.76 10.42 25.40
CA SER A 77 19.18 9.09 25.30
C SER A 77 17.95 9.08 24.41
N ASP A 78 17.65 7.92 23.84
CA ASP A 78 16.46 7.74 23.02
C ASP A 78 15.19 7.57 23.85
N LEU A 79 15.31 7.45 25.17
CA LEU A 79 14.14 7.33 26.03
C LEU A 79 13.44 8.65 26.24
N LEU A 80 14.10 9.77 25.93
CA LEU A 80 13.56 11.09 26.23
C LEU A 80 12.33 11.45 25.39
N LEU A 81 12.01 10.66 24.37
CA LEU A 81 10.83 10.86 23.56
C LEU A 81 10.17 9.52 23.28
N SER A 82 8.87 9.56 23.03
CA SER A 82 8.16 8.37 22.61
C SER A 82 8.53 8.03 21.16
N GLY A 83 8.27 6.77 20.79
CA GLY A 83 8.56 6.35 19.42
C GLY A 83 7.82 7.16 18.39
N ARG A 84 6.56 7.52 18.69
CA ARG A 84 5.78 8.32 17.76
C ARG A 84 6.38 9.70 17.56
N ASP A 85 6.90 10.30 18.64
CA ASP A 85 7.54 11.62 18.53
C ASP A 85 8.78 11.55 17.65
N TRP A 86 9.61 10.52 17.82
CA TRP A 86 10.75 10.32 16.93
C TRP A 86 10.29 10.11 15.49
N ASN A 87 9.18 9.39 15.30
CA ASN A 87 8.75 9.04 13.96
C ASN A 87 8.15 10.23 13.22
N THR A 88 7.55 11.18 13.94
CA THR A 88 6.76 12.21 13.28
C THR A 88 7.27 13.64 13.48
N LEU A 89 7.98 13.93 14.56
CA LEU A 89 8.23 15.31 14.94
C LEU A 89 9.69 15.74 14.86
N ILE A 90 10.64 14.81 14.74
CA ILE A 90 12.06 15.13 14.86
C ILE A 90 12.73 14.85 13.52
N VAL A 91 13.38 15.88 12.96
CA VAL A 91 14.19 15.75 11.76
C VAL A 91 15.65 15.92 12.16
N GLY A 92 16.47 14.90 11.87
CA GLY A 92 17.86 14.94 12.26
C GLY A 92 18.68 15.88 11.40
N LYS A 93 19.82 16.32 11.97
CA LYS A 93 20.73 17.22 11.29
C LYS A 93 22.15 16.68 11.43
N LEU A 94 22.89 16.65 10.32
CA LEU A 94 24.29 16.27 10.36
C LEU A 94 25.09 17.36 11.06
N SER A 95 25.98 16.96 11.96
CA SER A 95 26.77 17.93 12.70
C SER A 95 27.64 18.74 11.75
N PRO A 96 27.76 20.06 11.96
CA PRO A 96 28.48 20.89 10.98
C PRO A 96 29.98 20.63 10.93
N TRP A 97 30.57 20.03 11.95
CA TRP A 97 32.00 19.77 11.95
C TRP A 97 32.37 18.56 11.09
N ILE A 98 31.39 17.76 10.66
CA ILE A 98 31.65 16.58 9.85
C ILE A 98 31.95 17.03 8.43
N ARG A 99 33.16 16.73 7.94
CA ARG A 99 33.62 17.14 6.62
C ARG A 99 34.14 15.93 5.87
N PRO A 100 33.26 15.17 5.21
CA PRO A 100 33.71 13.97 4.49
C PRO A 100 34.59 14.27 3.29
N ASP A 101 34.54 15.48 2.75
CA ASP A 101 35.32 15.85 1.56
C ASP A 101 36.49 16.76 1.88
N SER A 102 36.99 16.71 3.11
CA SER A 102 38.11 17.57 3.49
C SER A 102 39.35 17.22 2.69
N LYS A 103 40.19 18.23 2.45
CA LYS A 103 41.47 17.98 1.79
C LYS A 103 42.43 17.20 2.67
N VAL A 104 42.15 17.09 3.96
CA VAL A 104 43.01 16.37 4.89
C VAL A 104 42.49 14.94 5.03
N GLU A 105 43.40 13.97 4.94
CA GLU A 105 43.01 12.56 4.94
C GLU A 105 42.47 12.14 6.31
N LYS A 106 43.14 12.55 7.38
CA LYS A 106 42.69 12.22 8.73
C LYS A 106 41.26 12.71 8.96
N ILE A 107 41.01 13.98 8.64
CA ILE A 107 39.68 14.54 8.81
C ILE A 107 38.68 13.80 7.92
N ARG A 108 39.11 13.40 6.72
CA ARG A 108 38.21 12.66 5.84
C ARG A 108 37.75 11.36 6.48
N ARG A 109 38.69 10.54 6.96
CA ARG A 109 38.32 9.26 7.54
C ARG A 109 37.49 9.46 8.81
N ASN A 110 37.90 10.40 9.66
CA ASN A 110 37.15 10.66 10.88
C ASN A 110 35.73 11.11 10.59
N SER A 111 35.56 11.94 9.55
CA SER A 111 34.23 12.42 9.20
C SER A 111 33.40 11.33 8.55
N GLU A 112 34.03 10.42 7.80
CA GLU A 112 33.31 9.24 7.33
C GLU A 112 32.72 8.47 8.52
N ALA A 113 33.56 8.19 9.52
CA ALA A 113 33.08 7.48 10.70
C ALA A 113 31.96 8.23 11.39
N ALA A 114 32.11 9.55 11.55
CA ALA A 114 31.12 10.33 12.27
C ALA A 114 29.80 10.42 11.50
N MET A 115 29.87 10.57 10.17
CA MET A 115 28.65 10.62 9.37
C MET A 115 27.92 9.30 9.43
N LEU A 116 28.65 8.17 9.33
CA LEU A 116 28.01 6.88 9.51
C LEU A 116 27.36 6.78 10.88
N GLN A 117 28.06 7.24 11.93
CA GLN A 117 27.51 7.18 13.28
C GLN A 117 26.20 7.95 13.38
N GLU A 118 26.17 9.19 12.88
CA GLU A 118 24.98 10.01 13.03
C GLU A 118 23.83 9.50 12.18
N LEU A 119 24.12 9.04 10.95
CA LEU A 119 23.05 8.48 10.12
C LEU A 119 22.47 7.22 10.74
N ASN A 120 23.34 6.36 11.29
CA ASN A 120 22.86 5.14 11.92
C ASN A 120 22.03 5.45 13.16
N PHE A 121 22.42 6.47 13.93
CA PHE A 121 21.62 6.84 15.10
C PHE A 121 20.27 7.41 14.67
N GLY A 122 20.25 8.22 13.60
CA GLY A 122 18.99 8.72 13.09
C GLY A 122 18.06 7.60 12.64
N ALA A 123 18.62 6.58 11.97
CA ALA A 123 17.80 5.44 11.58
C ALA A 123 17.36 4.63 12.80
N TYR A 124 18.22 4.56 13.82
CA TYR A 124 17.88 3.87 15.05
C TYR A 124 16.70 4.53 15.75
N LEU A 125 16.64 5.86 15.71
CA LEU A 125 15.49 6.56 16.28
C LEU A 125 14.24 6.43 15.42
N GLY A 126 14.39 6.03 14.15
CA GLY A 126 13.26 5.99 13.26
C GLY A 126 12.80 7.36 12.81
N LEU A 127 13.73 8.26 12.54
CA LEU A 127 13.38 9.63 12.17
C LEU A 127 12.81 9.66 10.76
N PRO A 128 11.83 10.52 10.49
CA PRO A 128 11.24 10.56 9.14
C PRO A 128 12.14 11.18 8.11
N ALA A 129 13.09 12.04 8.50
CA ALA A 129 13.97 12.69 7.54
C ALA A 129 15.27 13.08 8.24
N PHE A 130 16.32 13.27 7.45
CA PHE A 130 17.63 13.62 7.97
C PHE A 130 18.25 14.65 7.03
N LEU A 131 18.64 15.80 7.58
CA LEU A 131 19.19 16.90 6.79
C LEU A 131 20.70 16.75 6.63
N LEU A 132 21.16 16.87 5.39
CA LEU A 132 22.59 16.89 5.08
C LEU A 132 22.88 18.08 4.18
N PRO A 133 23.99 18.78 4.41
CA PRO A 133 24.23 20.04 3.68
C PRO A 133 25.05 19.89 2.42
N LEU A 134 24.74 20.72 1.42
CA LEU A 134 25.55 20.87 0.22
C LEU A 134 25.93 22.34 0.10
N ASN A 135 27.22 22.65 0.33
CA ASN A 135 27.66 24.04 0.27
C ASN A 135 29.04 24.16 -0.37
N GLN A 136 29.37 23.25 -1.29
CA GLN A 136 30.55 23.37 -2.13
C GLN A 136 30.34 22.51 -3.36
N GLU A 137 31.32 22.56 -4.27
CA GLU A 137 31.16 21.85 -5.54
C GLU A 137 31.41 20.35 -5.39
N ASP A 138 32.41 19.97 -4.60
CA ASP A 138 32.82 18.57 -4.48
C ASP A 138 32.20 17.97 -3.23
N ASN A 139 31.16 17.16 -3.41
CA ASN A 139 30.55 16.37 -2.34
C ASN A 139 30.59 14.89 -2.69
N THR A 140 31.69 14.46 -3.31
CA THR A 140 31.76 13.10 -3.84
C THR A 140 31.81 12.06 -2.71
N ASN A 141 32.70 12.26 -1.74
CA ASN A 141 32.81 11.29 -0.66
C ASN A 141 31.59 11.32 0.25
N LEU A 142 30.98 12.50 0.44
CA LEU A 142 29.70 12.56 1.13
C LEU A 142 28.66 11.70 0.43
N ALA A 143 28.58 11.81 -0.90
CA ALA A 143 27.64 11.01 -1.66
C ALA A 143 27.97 9.52 -1.55
N ARG A 144 29.26 9.18 -1.53
CA ARG A 144 29.65 7.78 -1.41
C ARG A 144 29.21 7.19 -0.08
N VAL A 145 29.48 7.93 1.02
CA VAL A 145 29.11 7.43 2.34
C VAL A 145 27.59 7.33 2.47
N LEU A 146 26.86 8.33 1.95
CA LEU A 146 25.41 8.29 2.05
C LEU A 146 24.83 7.15 1.21
N THR A 147 25.38 6.93 0.01
CA THR A 147 24.91 5.84 -0.83
C THR A 147 25.17 4.48 -0.18
N ASN A 148 26.33 4.34 0.46
CA ASN A 148 26.61 3.09 1.17
C ASN A 148 25.68 2.91 2.35
N HIS A 149 25.34 4.00 3.05
CA HIS A 149 24.42 3.89 4.17
C HIS A 149 23.01 3.51 3.71
N ILE A 150 22.61 4.01 2.54
CA ILE A 150 21.28 3.69 2.02
C ILE A 150 21.18 2.20 1.70
N HIS A 151 22.21 1.63 1.09
CA HIS A 151 22.22 0.23 0.70
C HIS A 151 22.69 -0.69 1.81
N THR A 152 22.78 -0.20 3.04
CA THR A 152 23.13 -1.00 4.21
C THR A 152 21.96 -0.95 5.19
N GLY A 153 21.21 -2.05 5.29
CA GLY A 153 20.04 -2.10 6.12
C GLY A 153 19.01 -1.07 5.71
N HIS A 154 18.34 -1.30 4.59
CA HIS A 154 17.46 -0.28 4.03
C HIS A 154 16.19 -0.15 4.85
N HIS A 155 15.85 1.09 5.19
CA HIS A 155 14.64 1.43 5.90
C HIS A 155 13.85 2.44 5.05
N SER A 156 12.80 3.00 5.64
CA SER A 156 12.02 4.07 5.01
C SER A 156 12.64 5.44 5.23
N SER A 157 13.93 5.50 5.53
CA SER A 157 14.57 6.77 5.86
C SER A 157 14.61 7.69 4.65
N MET A 158 14.27 8.96 4.88
CA MET A 158 14.33 10.00 3.87
C MET A 158 15.45 10.97 4.20
N PHE A 159 16.05 11.56 3.17
CA PHE A 159 17.19 12.44 3.34
C PHE A 159 16.96 13.74 2.59
N TRP A 160 17.07 14.86 3.30
CA TRP A 160 16.88 16.19 2.74
C TRP A 160 18.26 16.84 2.55
N MET A 161 18.56 17.20 1.30
CA MET A 161 19.85 17.82 0.98
C MET A 161 19.68 19.33 1.04
N ARG A 162 20.27 19.95 2.05
N ARG A 162 20.27 19.96 2.05
CA ARG A 162 20.21 21.41 2.21
CA ARG A 162 20.20 21.41 2.20
C ARG A 162 21.11 22.07 1.16
C ARG A 162 21.10 22.06 1.16
N VAL A 163 20.50 22.64 0.15
CA VAL A 163 21.22 23.33 -0.93
C VAL A 163 20.70 24.76 -0.99
N PRO A 164 21.57 25.77 -0.97
CA PRO A 164 21.09 27.16 -1.04
C PRO A 164 20.74 27.55 -2.47
N LEU A 165 19.70 28.37 -2.60
CA LEU A 165 19.33 28.87 -3.92
C LEU A 165 20.44 29.70 -4.53
N VAL A 166 21.20 30.42 -3.70
CA VAL A 166 22.39 31.15 -4.13
C VAL A 166 23.53 30.76 -3.20
N ALA A 167 24.69 30.46 -3.78
CA ALA A 167 25.82 30.03 -2.98
C ALA A 167 26.25 31.14 -2.02
N PRO A 168 26.79 30.79 -0.85
CA PRO A 168 27.24 31.84 0.08
C PRO A 168 28.31 32.73 -0.50
N GLU A 169 29.13 32.21 -1.43
CA GLU A 169 30.15 33.04 -2.06
C GLU A 169 29.54 34.11 -2.94
N ASP A 170 28.47 33.78 -3.65
CA ASP A 170 27.78 34.72 -4.53
C ASP A 170 26.74 35.57 -3.82
N LEU A 171 26.69 35.49 -2.48
CA LEU A 171 25.81 36.33 -1.68
C LEU A 171 26.57 37.25 -0.75
N ARG A 172 27.89 37.06 -0.59
CA ARG A 172 28.67 37.85 0.36
C ARG A 172 28.67 39.32 -0.02
N ASP A 173 28.92 40.17 0.97
CA ASP A 173 29.01 41.59 0.74
C ASP A 173 30.33 41.93 0.05
N ASP A 174 30.28 42.95 -0.83
CA ASP A 174 31.45 43.40 -1.56
C ASP A 174 32.28 44.33 -0.66
N ILE A 175 32.88 43.72 0.37
CA ILE A 175 33.59 44.49 1.39
C ILE A 175 35.01 43.97 1.56
N ILE A 176 35.48 43.17 0.60
CA ILE A 176 36.86 42.72 0.58
C ILE A 176 37.60 43.53 -0.47
N GLU A 177 38.65 44.25 -0.04
CA GLU A 177 39.34 45.17 -0.93
C GLU A 177 40.00 44.46 -2.09
N ASN A 178 40.83 43.45 -1.80
CA ASN A 178 41.57 42.74 -2.83
C ASN A 178 40.86 41.48 -3.32
N ALA A 179 39.53 41.42 -3.17
CA ALA A 179 38.73 40.32 -3.70
C ALA A 179 37.33 40.84 -4.00
N PRO A 180 37.17 41.61 -5.07
CA PRO A 180 35.88 42.24 -5.35
C PRO A 180 34.90 41.27 -5.99
N THR A 181 33.62 41.42 -5.64
CA THR A 181 32.56 40.64 -6.26
C THR A 181 32.33 41.15 -7.67
N THR A 182 32.63 40.32 -8.67
CA THR A 182 32.50 40.74 -10.05
C THR A 182 31.04 41.03 -10.40
N HIS A 183 30.82 42.18 -11.03
CA HIS A 183 29.48 42.64 -11.40
C HIS A 183 29.16 42.37 -12.86
N THR A 184 29.68 41.29 -13.42
CA THR A 184 29.49 40.95 -14.82
C THR A 184 28.55 39.77 -14.98
N GLU A 185 28.14 39.53 -16.22
CA GLU A 185 27.16 38.49 -16.53
C GLU A 185 27.81 37.11 -16.53
N GLU A 186 27.18 36.17 -15.83
CA GLU A 186 27.58 34.77 -15.90
C GLU A 186 26.31 33.93 -15.75
N TYR A 187 25.79 33.45 -16.88
CA TYR A 187 24.53 32.73 -16.87
C TYR A 187 24.67 31.36 -16.20
N SER A 188 25.67 30.58 -16.63
CA SER A 188 25.84 29.24 -16.09
C SER A 188 26.31 29.27 -14.63
N GLY A 189 27.21 30.20 -14.31
CA GLY A 189 27.73 30.27 -12.95
C GLY A 189 26.67 30.57 -11.92
N GLU A 190 25.71 31.44 -12.26
CA GLU A 190 24.63 31.77 -11.34
C GLU A 190 23.81 30.56 -10.95
N GLU A 191 23.87 29.48 -11.73
CA GLU A 191 23.13 28.25 -11.45
C GLU A 191 24.00 27.17 -10.81
N LYS A 192 25.23 27.51 -10.41
CA LYS A 192 26.16 26.48 -9.95
C LYS A 192 25.58 25.66 -8.80
N THR A 193 24.80 26.28 -7.92
CA THR A 193 24.28 25.57 -6.76
C THR A 193 23.36 24.43 -7.16
N TRP A 194 22.69 24.54 -8.31
CA TRP A 194 21.94 23.40 -8.83
C TRP A 194 22.88 22.30 -9.29
N MET A 195 23.92 22.68 -10.04
CA MET A 195 24.89 21.71 -10.55
C MET A 195 25.35 20.78 -9.44
N TRP A 196 25.84 21.37 -8.34
CA TRP A 196 26.13 20.64 -7.11
C TRP A 196 25.12 19.52 -6.91
N TRP A 197 23.89 19.91 -6.56
CA TRP A 197 22.81 18.95 -6.35
C TRP A 197 22.78 17.90 -7.46
N HIS A 198 22.68 18.36 -8.70
CA HIS A 198 22.63 17.44 -9.83
C HIS A 198 23.72 16.39 -9.74
N ASN A 199 24.98 16.85 -9.65
CA ASN A 199 26.09 15.91 -9.55
C ASN A 199 25.89 14.95 -8.39
N PHE A 200 25.63 15.50 -7.19
CA PHE A 200 25.32 14.65 -6.04
C PHE A 200 24.19 13.68 -6.38
N ARG A 201 23.09 14.22 -6.91
CA ARG A 201 21.95 13.38 -7.25
C ARG A 201 22.32 12.31 -8.27
N THR A 202 23.24 12.64 -9.18
CA THR A 202 23.67 11.63 -10.15
C THR A 202 24.61 10.61 -9.52
N LEU A 203 25.41 11.03 -8.55
CA LEU A 203 26.33 10.10 -7.91
C LEU A 203 25.58 9.03 -7.12
N CYS A 204 24.43 9.37 -6.56
CA CYS A 204 23.63 8.42 -5.79
C CYS A 204 22.62 7.69 -6.66
N ASP A 205 22.74 7.77 -7.99
CA ASP A 205 21.95 6.99 -8.93
C ASP A 205 20.45 7.24 -8.76
N TYR A 206 20.09 8.51 -8.54
CA TYR A 206 18.69 8.94 -8.47
C TYR A 206 17.91 8.19 -7.40
N SER A 207 18.44 8.22 -6.18
CA SER A 207 17.78 7.55 -5.06
C SER A 207 16.48 8.25 -4.72
N LYS A 208 15.40 7.48 -4.61
CA LYS A 208 14.11 8.04 -4.22
C LYS A 208 14.13 8.62 -2.81
N ARG A 209 15.08 8.20 -1.98
CA ARG A 209 15.15 8.64 -0.59
C ARG A 209 16.05 9.86 -0.41
N ILE A 210 16.41 10.54 -1.49
CA ILE A 210 17.24 11.74 -1.47
C ILE A 210 16.47 12.86 -2.16
N ALA A 211 16.20 13.93 -1.41
CA ALA A 211 15.41 15.05 -1.89
C ALA A 211 16.13 16.36 -1.59
N VAL A 212 15.46 17.47 -1.88
CA VAL A 212 16.06 18.79 -1.82
C VAL A 212 15.38 19.60 -0.71
N ALA A 213 16.18 20.25 0.11
CA ALA A 213 15.71 21.24 1.09
C ALA A 213 16.28 22.59 0.63
N LEU A 214 15.54 23.25 -0.26
CA LEU A 214 16.04 24.46 -0.90
C LEU A 214 16.05 25.62 0.07
N GLU A 215 17.23 26.18 0.33
CA GLU A 215 17.38 27.30 1.23
C GLU A 215 17.35 28.60 0.43
N ILE A 216 16.55 29.56 0.91
CA ILE A 216 16.28 30.81 0.20
C ILE A 216 16.96 31.95 0.94
N GLY A 217 17.70 32.78 0.21
CA GLY A 217 18.50 33.83 0.80
C GLY A 217 17.85 35.20 0.69
N ALA A 218 18.62 36.21 1.08
CA ALA A 218 18.11 37.59 1.08
C ALA A 218 17.89 38.09 -0.34
N ASP A 219 18.89 37.98 -1.20
CA ASP A 219 18.78 38.40 -2.60
C ASP A 219 18.36 37.21 -3.46
N LEU A 220 17.28 37.38 -4.20
CA LEU A 220 16.83 36.32 -5.10
C LEU A 220 17.48 36.48 -6.47
N PRO A 221 17.94 35.39 -7.07
CA PRO A 221 18.65 35.49 -8.36
C PRO A 221 17.71 35.68 -9.53
N SER A 222 18.24 35.60 -10.74
CA SER A 222 17.42 35.73 -11.94
C SER A 222 16.39 34.61 -12.01
N ASN A 223 15.35 34.83 -12.82
CA ASN A 223 14.24 33.88 -12.86
C ASN A 223 14.68 32.53 -13.40
N HIS A 224 15.75 32.46 -14.20
CA HIS A 224 16.18 31.18 -14.73
C HIS A 224 16.86 30.34 -13.66
N VAL A 225 17.61 30.98 -12.75
CA VAL A 225 18.21 30.26 -11.64
C VAL A 225 17.13 29.61 -10.78
N ILE A 226 15.98 30.27 -10.64
CA ILE A 226 14.89 29.72 -9.86
C ILE A 226 14.16 28.62 -10.64
N ASP A 227 13.93 28.86 -11.94
CA ASP A 227 13.29 27.85 -12.79
C ASP A 227 14.13 26.59 -12.89
N ARG A 228 15.43 26.67 -12.64
CA ARG A 228 16.29 25.49 -12.65
C ARG A 228 15.71 24.38 -11.76
N TRP A 229 15.10 24.75 -10.65
CA TRP A 229 14.60 23.78 -9.69
C TRP A 229 13.21 23.24 -10.03
N LEU A 230 12.66 23.63 -11.18
CA LEU A 230 11.42 23.01 -11.64
C LEU A 230 11.69 21.57 -12.07
N GLY A 231 10.87 20.65 -11.57
CA GLY A 231 11.06 19.24 -11.85
C GLY A 231 11.97 18.52 -10.88
N GLU A 232 12.43 19.19 -9.83
CA GLU A 232 13.31 18.59 -8.83
C GLU A 232 12.53 18.25 -7.57
N PRO A 233 12.90 17.16 -6.87
CA PRO A 233 12.13 16.74 -5.69
C PRO A 233 12.34 17.64 -4.48
N ILE A 234 11.66 18.78 -4.46
CA ILE A 234 11.75 19.72 -3.35
C ILE A 234 10.74 19.30 -2.30
N LYS A 235 11.23 18.76 -1.18
CA LYS A 235 10.35 18.44 -0.07
C LYS A 235 10.28 19.56 0.96
N ALA A 236 11.32 20.39 1.03
CA ALA A 236 11.40 21.43 2.04
C ALA A 236 11.97 22.70 1.43
N ALA A 237 11.48 23.83 1.94
CA ALA A 237 11.98 25.16 1.60
C ALA A 237 12.38 25.84 2.90
N ILE A 238 13.63 26.25 3.00
CA ILE A 238 14.19 26.79 4.23
C ILE A 238 14.20 28.31 4.15
N LEU A 239 13.49 28.95 5.07
CA LEU A 239 13.43 30.40 5.15
C LEU A 239 14.13 30.86 6.41
N PRO A 240 15.15 31.71 6.32
CA PRO A 240 15.72 32.33 7.51
C PRO A 240 14.91 33.55 7.94
N THR A 241 15.07 33.91 9.21
CA THR A 241 14.46 35.13 9.70
C THR A 241 15.12 36.38 9.14
N SER A 242 16.35 36.25 8.62
CA SER A 242 17.06 37.41 8.12
C SER A 242 16.42 37.98 6.87
N ILE A 243 15.77 37.14 6.06
CA ILE A 243 15.18 37.60 4.80
C ILE A 243 13.84 38.29 5.01
N PHE A 244 13.29 38.26 6.21
CA PHE A 244 11.98 38.85 6.47
C PHE A 244 12.11 40.35 6.67
N LEU A 245 11.37 41.13 5.88
CA LEU A 245 11.31 42.56 6.05
C LEU A 245 10.34 42.91 7.18
N THR A 246 10.54 44.07 7.78
CA THR A 246 9.74 44.51 8.91
C THR A 246 8.55 45.33 8.43
N ASN A 247 7.40 45.09 9.05
CA ASN A 247 6.15 45.76 8.69
C ASN A 247 6.02 47.09 9.42
N LYS A 248 5.03 47.89 9.00
CA LYS A 248 4.74 49.15 9.66
C LYS A 248 4.48 48.96 11.15
N LYS A 249 3.63 47.99 11.49
CA LYS A 249 3.35 47.71 12.90
C LYS A 249 4.54 47.05 13.60
N GLY A 250 5.44 46.44 12.85
CA GLY A 250 6.57 45.73 13.41
C GLY A 250 6.58 44.24 13.13
N PHE A 251 5.61 43.74 12.37
CA PHE A 251 5.52 42.32 12.05
C PHE A 251 6.49 41.96 10.92
N PRO A 252 6.79 40.68 10.75
CA PRO A 252 7.64 40.27 9.63
C PRO A 252 6.86 40.02 8.34
N VAL A 253 7.36 40.55 7.23
CA VAL A 253 6.77 40.33 5.91
C VAL A 253 7.88 40.04 4.92
N LEU A 254 7.50 39.79 3.67
CA LEU A 254 8.45 39.47 2.61
C LEU A 254 8.19 40.35 1.40
N SER A 255 9.18 40.40 0.50
CA SER A 255 9.05 41.19 -0.71
C SER A 255 8.07 40.51 -1.68
N LYS A 256 7.70 41.24 -2.73
CA LYS A 256 6.78 40.69 -3.72
C LYS A 256 7.39 39.50 -4.46
N MET A 257 8.69 39.56 -4.74
CA MET A 257 9.35 38.43 -5.38
C MET A 257 9.40 37.23 -4.45
N HIS A 258 9.75 37.46 -3.18
CA HIS A 258 9.72 36.38 -2.20
C HIS A 258 8.32 35.76 -2.10
N GLN A 259 7.28 36.59 -2.19
CA GLN A 259 5.92 36.05 -2.07
C GLN A 259 5.54 35.25 -3.32
N ARG A 260 5.93 35.73 -4.51
CA ARG A 260 5.75 34.92 -5.71
C ARG A 260 6.42 33.57 -5.56
N LEU A 261 7.65 33.56 -5.04
CA LEU A 261 8.35 32.30 -4.81
C LEU A 261 7.62 31.43 -3.81
N ILE A 262 7.05 32.05 -2.77
CA ILE A 262 6.32 31.28 -1.76
C ILE A 262 5.09 30.63 -2.36
N PHE A 263 4.38 31.35 -3.25
CA PHE A 263 3.22 30.74 -3.91
C PHE A 263 3.65 29.60 -4.82
N ARG A 264 4.72 29.81 -5.59
CA ARG A 264 5.23 28.75 -6.45
C ARG A 264 5.60 27.51 -5.64
N LEU A 265 6.17 27.70 -4.45
CA LEU A 265 6.52 26.56 -3.61
C LEU A 265 5.28 25.91 -3.00
N LEU A 266 4.28 26.73 -2.65
CA LEU A 266 3.03 26.20 -2.11
C LEU A 266 2.32 25.31 -3.12
N LYS A 267 2.41 25.63 -4.41
CA LYS A 267 1.82 24.74 -5.41
C LYS A 267 2.50 23.39 -5.39
N LEU A 268 3.81 23.35 -5.16
CA LEU A 268 4.52 22.07 -5.07
C LEU A 268 4.23 21.34 -3.76
N GLU A 269 3.55 21.98 -2.81
CA GLU A 269 3.17 21.36 -1.53
C GLU A 269 4.40 20.93 -0.74
N VAL A 270 5.34 21.86 -0.58
CA VAL A 270 6.55 21.59 0.19
C VAL A 270 6.33 22.02 1.63
N GLN A 271 7.20 21.53 2.51
CA GLN A 271 7.20 21.93 3.91
C GLN A 271 8.16 23.08 4.13
N PHE A 272 7.72 24.10 4.86
CA PHE A 272 8.51 25.30 5.08
C PHE A 272 9.19 25.21 6.44
N ILE A 273 10.48 25.53 6.47
CA ILE A 273 11.31 25.38 7.66
C ILE A 273 11.88 26.73 8.03
N ILE A 274 11.52 27.24 9.21
CA ILE A 274 12.02 28.51 9.69
C ILE A 274 13.35 28.29 10.42
N THR A 275 14.36 29.06 10.04
CA THR A 275 15.66 28.99 10.69
C THR A 275 16.10 30.39 11.10
N GLY A 276 17.01 30.43 12.08
CA GLY A 276 17.53 31.68 12.60
C GLY A 276 16.80 32.14 13.84
N THR A 277 17.39 33.13 14.50
CA THR A 277 16.83 33.68 15.74
C THR A 277 15.75 34.70 15.43
N ASN A 278 15.01 35.08 16.46
CA ASN A 278 13.91 36.03 16.33
C ASN A 278 14.48 37.44 16.30
N HIS A 279 14.42 38.09 15.15
CA HIS A 279 14.88 39.47 15.03
C HIS A 279 13.78 40.48 15.24
N HIS A 280 12.53 40.12 14.94
CA HIS A 280 11.37 40.95 15.28
C HIS A 280 10.99 40.66 16.73
N SER A 281 11.84 41.14 17.63
CA SER A 281 11.79 40.74 19.04
C SER A 281 10.58 41.31 19.78
N GLU A 282 9.85 42.27 19.19
CA GLU A 282 8.63 42.75 19.85
C GLU A 282 7.56 41.68 19.88
N LYS A 283 7.51 40.80 18.88
CA LYS A 283 6.46 39.81 18.73
C LYS A 283 6.94 38.46 19.28
N GLU A 284 6.23 37.39 18.94
CA GLU A 284 6.63 36.04 19.29
C GLU A 284 7.21 35.34 18.07
N PHE A 285 7.56 34.07 18.24
CA PHE A 285 7.91 33.25 17.09
C PHE A 285 6.69 32.95 16.22
N CYS A 286 5.49 33.19 16.73
CA CYS A 286 4.27 32.91 15.98
C CYS A 286 4.13 33.82 14.76
N SER A 287 4.85 34.93 14.72
CA SER A 287 4.62 35.95 13.70
C SER A 287 5.07 35.47 12.32
N TYR A 288 6.24 34.85 12.24
CA TYR A 288 6.73 34.34 10.95
C TYR A 288 5.80 33.27 10.40
N LEU A 289 5.44 32.30 11.25
CA LEU A 289 4.56 31.23 10.82
C LEU A 289 3.19 31.78 10.44
N GLN A 290 2.73 32.80 11.16
CA GLN A 290 1.43 33.41 10.87
C GLN A 290 1.45 34.15 9.54
N TYR A 291 2.58 34.77 9.19
CA TYR A 291 2.68 35.38 7.86
C TYR A 291 2.58 34.33 6.76
N LEU A 292 3.24 33.18 6.96
CA LEU A 292 3.14 32.08 6.01
C LEU A 292 1.70 31.60 5.88
N GLU A 293 1.02 31.42 7.03
CA GLU A 293 -0.38 30.98 7.01
C GLU A 293 -1.26 32.01 6.32
N TYR A 294 -1.03 33.30 6.60
CA TYR A 294 -1.81 34.37 5.99
C TYR A 294 -1.62 34.40 4.48
N LEU A 295 -0.41 34.09 4.02
CA LEU A 295 -0.18 33.94 2.59
C LEU A 295 -0.92 32.73 2.03
N SER A 296 -0.94 31.63 2.78
CA SER A 296 -1.58 30.41 2.27
C SER A 296 -3.09 30.57 2.17
N GLN A 297 -3.71 31.22 3.16
CA GLN A 297 -5.16 31.42 3.10
C GLN A 297 -5.55 32.37 1.99
N ASN A 298 -4.74 33.40 1.75
CA ASN A 298 -5.05 34.40 0.73
C ASN A 298 -4.47 34.02 -0.63
N ARG A 299 -4.75 32.78 -1.05
CA ARG A 299 -4.50 32.32 -2.41
C ARG A 299 -5.84 32.04 -3.09
N PRO A 300 -5.91 32.19 -4.40
CA PRO A 300 -7.18 31.94 -5.11
C PRO A 300 -7.68 30.52 -4.83
N PRO A 301 -8.96 30.39 -4.47
CA PRO A 301 -9.50 29.08 -4.05
C PRO A 301 -9.42 28.07 -5.19
N PRO A 302 -9.52 26.78 -4.87
CA PRO A 302 -9.28 25.74 -5.90
C PRO A 302 -10.38 25.74 -6.96
N ASN A 303 -9.96 25.86 -8.22
CA ASN A 303 -10.85 25.69 -9.35
C ASN A 303 -11.31 24.23 -9.44
N ALA A 304 -12.47 24.03 -10.09
CA ALA A 304 -13.02 22.69 -10.22
C ALA A 304 -12.02 21.71 -10.83
N TYR A 305 -11.33 22.14 -11.88
CA TYR A 305 -10.32 21.28 -12.50
C TYR A 305 -9.23 20.90 -11.50
N GLU A 306 -8.62 21.91 -10.88
CA GLU A 306 -7.57 21.66 -9.90
C GLU A 306 -8.10 20.93 -8.67
N LEU A 307 -9.36 21.21 -8.29
CA LEU A 307 -9.95 20.52 -7.15
C LEU A 307 -10.07 19.03 -7.43
N PHE A 308 -10.52 18.67 -8.63
CA PHE A 308 -10.65 17.24 -8.97
C PHE A 308 -9.29 16.59 -9.19
N ALA A 309 -8.38 17.28 -9.87
CA ALA A 309 -7.12 16.69 -10.29
C ALA A 309 -5.98 16.93 -9.30
N LYS A 310 -6.29 17.44 -8.10
CA LYS A 310 -5.23 17.66 -7.12
C LYS A 310 -4.61 16.34 -6.67
N GLY A 311 -5.45 15.31 -6.48
CA GLY A 311 -4.94 14.01 -6.08
C GLY A 311 -4.21 13.28 -7.19
N TYR A 312 -4.47 13.64 -8.45
CA TYR A 312 -3.83 13.01 -9.59
C TYR A 312 -2.51 13.63 -9.96
N GLU A 313 -2.00 14.55 -9.14
CA GLU A 313 -0.74 15.24 -9.45
C GLU A 313 0.41 14.25 -9.58
N ASP A 314 0.97 14.13 -10.79
CA ASP A 314 2.11 13.28 -11.09
C ASP A 314 1.83 11.80 -10.85
N TYR A 315 0.56 11.39 -10.89
CA TYR A 315 0.21 9.99 -10.76
C TYR A 315 0.30 9.32 -12.12
N LEU A 316 1.16 8.32 -12.23
CA LEU A 316 1.37 7.63 -13.51
C LEU A 316 0.31 6.57 -13.70
N GLN A 317 -0.41 6.65 -14.81
CA GLN A 317 -1.40 5.65 -15.19
C GLN A 317 -1.12 5.18 -16.62
N SER A 318 -1.33 3.89 -16.86
CA SER A 318 -1.22 3.38 -18.22
C SER A 318 -2.36 3.93 -19.07
N PRO A 319 -2.10 4.18 -20.36
CA PRO A 319 -3.16 4.72 -21.23
C PRO A 319 -4.29 3.71 -21.41
N LEU A 320 -5.52 4.22 -21.37
CA LEU A 320 -6.67 3.39 -21.66
C LEU A 320 -6.64 2.96 -23.13
N GLN A 321 -7.20 1.78 -23.40
CA GLN A 321 -7.37 1.27 -24.76
C GLN A 321 -8.82 0.86 -24.92
N PRO A 322 -9.71 1.82 -25.18
CA PRO A 322 -11.14 1.48 -25.33
C PRO A 322 -11.43 0.53 -26.47
N LEU A 323 -10.53 0.42 -27.46
CA LEU A 323 -10.77 -0.48 -28.57
C LEU A 323 -10.48 -1.93 -28.19
N MET A 324 -9.28 -2.19 -27.66
CA MET A 324 -8.91 -3.55 -27.27
C MET A 324 -9.62 -3.98 -26.00
N ASP A 325 -9.69 -3.10 -25.00
CA ASP A 325 -10.31 -3.40 -23.72
C ASP A 325 -11.69 -2.74 -23.62
N ASN A 326 -12.60 -3.42 -22.91
CA ASN A 326 -13.90 -2.86 -22.60
C ASN A 326 -13.81 -2.08 -21.29
N LEU A 327 -14.16 -0.80 -21.33
CA LEU A 327 -13.96 0.07 -20.18
C LEU A 327 -14.93 -0.27 -19.06
N GLU A 328 -14.48 -0.02 -17.83
CA GLU A 328 -15.33 -0.23 -16.66
C GLU A 328 -16.37 0.88 -16.54
N SER A 329 -17.25 0.73 -15.55
CA SER A 329 -18.39 1.65 -15.44
C SER A 329 -17.94 3.03 -14.96
N GLN A 330 -17.16 3.07 -13.88
CA GLN A 330 -16.73 4.34 -13.31
C GLN A 330 -15.81 5.13 -14.24
N THR A 331 -15.14 4.46 -15.19
CA THR A 331 -14.37 5.19 -16.21
C THR A 331 -15.29 5.99 -17.11
N TYR A 332 -16.36 5.34 -17.60
CA TYR A 332 -17.39 6.06 -18.34
C TYR A 332 -18.00 7.15 -17.48
N GLU A 333 -18.11 6.89 -16.18
CA GLU A 333 -18.70 7.86 -15.26
C GLU A 333 -17.86 9.14 -15.19
N VAL A 334 -16.55 9.00 -15.05
CA VAL A 334 -15.69 10.19 -15.00
C VAL A 334 -15.66 10.88 -16.36
N PHE A 335 -15.90 10.12 -17.44
CA PHE A 335 -16.01 10.73 -18.76
C PHE A 335 -17.26 11.59 -18.87
N GLU A 336 -18.38 11.12 -18.32
CA GLU A 336 -19.64 11.83 -18.42
C GLU A 336 -19.71 13.07 -17.54
N LYS A 337 -18.95 13.09 -16.44
CA LYS A 337 -18.89 14.28 -15.58
C LYS A 337 -17.92 15.28 -16.18
N ASP A 338 -18.38 15.93 -17.26
CA ASP A 338 -17.60 16.95 -17.95
C ASP A 338 -18.55 17.80 -18.80
N PRO A 339 -19.25 18.76 -18.19
CA PRO A 339 -20.28 19.48 -18.95
C PRO A 339 -19.74 20.34 -20.07
N ILE A 340 -18.52 20.85 -19.95
CA ILE A 340 -17.98 21.75 -20.97
C ILE A 340 -17.83 21.03 -22.30
N LYS A 341 -17.24 19.83 -22.28
CA LYS A 341 -16.96 19.12 -23.52
C LYS A 341 -18.26 18.66 -24.19
N TYR A 342 -19.25 18.23 -23.41
CA TYR A 342 -20.52 17.83 -24.00
C TYR A 342 -21.30 19.03 -24.51
N SER A 343 -21.19 20.18 -23.84
CA SER A 343 -21.75 21.40 -24.39
C SER A 343 -21.12 21.75 -25.73
N GLN A 344 -19.80 21.57 -25.84
CA GLN A 344 -19.11 21.83 -27.10
C GLN A 344 -19.60 20.89 -28.19
N TYR A 345 -19.71 19.59 -27.89
CA TYR A 345 -20.22 18.63 -28.86
C TYR A 345 -21.63 18.99 -29.29
N GLN A 346 -22.48 19.37 -28.33
CA GLN A 346 -23.86 19.76 -28.65
C GLN A 346 -23.89 20.96 -29.58
N GLN A 347 -23.05 21.97 -29.30
CA GLN A 347 -23.02 23.16 -30.16
C GLN A 347 -22.54 22.81 -31.56
N ALA A 348 -21.53 21.94 -31.67
CA ALA A 348 -21.04 21.55 -32.98
C ALA A 348 -22.12 20.82 -33.78
N ILE A 349 -22.80 19.86 -33.14
CA ILE A 349 -23.89 19.15 -33.81
C ILE A 349 -24.98 20.13 -34.23
N TYR A 350 -25.29 21.11 -33.37
CA TYR A 350 -26.30 22.12 -33.67
C TYR A 350 -25.93 22.90 -34.92
N LYS A 351 -24.69 23.40 -35.00
CA LYS A 351 -24.29 24.19 -36.15
C LYS A 351 -24.28 23.34 -37.42
N CYS A 352 -23.85 22.07 -37.32
CA CYS A 352 -23.85 21.22 -38.50
C CYS A 352 -25.27 20.95 -38.98
N LEU A 353 -26.19 20.70 -38.06
CA LEU A 353 -27.60 20.53 -38.42
C LEU A 353 -28.12 21.76 -39.14
N LEU A 354 -27.84 22.95 -38.61
CA LEU A 354 -28.32 24.16 -39.26
C LEU A 354 -27.71 24.33 -40.66
N ASP A 355 -26.44 23.97 -40.81
CA ASP A 355 -25.77 24.16 -42.09
C ASP A 355 -26.18 23.11 -43.13
N ARG A 356 -26.72 21.98 -42.70
CA ARG A 356 -27.10 20.94 -43.65
C ARG A 356 -28.57 21.01 -44.08
N VAL A 357 -29.47 21.41 -43.18
CA VAL A 357 -30.90 21.41 -43.45
C VAL A 357 -31.39 22.85 -43.48
N PRO A 358 -31.85 23.36 -44.62
CA PRO A 358 -32.42 24.72 -44.65
C PRO A 358 -33.70 24.80 -43.84
N GLU A 359 -34.10 26.05 -43.56
CA GLU A 359 -35.26 26.28 -42.70
C GLU A 359 -36.54 25.74 -43.35
N GLU A 360 -36.68 25.88 -44.67
CA GLU A 360 -37.88 25.44 -45.36
C GLU A 360 -37.94 23.93 -45.54
N GLU A 361 -37.03 23.18 -44.91
CA GLU A 361 -37.04 21.72 -44.97
C GLU A 361 -36.94 21.10 -43.58
N LYS A 362 -37.26 21.85 -42.53
CA LYS A 362 -37.07 21.35 -41.17
C LYS A 362 -38.00 20.20 -40.85
N ASP A 363 -39.18 20.15 -41.50
CA ASP A 363 -40.15 19.09 -41.26
C ASP A 363 -40.13 18.02 -42.35
N THR A 364 -39.42 18.25 -43.45
CA THR A 364 -39.36 17.29 -44.55
C THR A 364 -38.04 16.52 -44.59
N ASN A 365 -36.95 17.13 -44.15
CA ASN A 365 -35.62 16.53 -44.24
C ASN A 365 -35.21 16.00 -42.88
N VAL A 366 -35.11 14.68 -42.77
CA VAL A 366 -34.65 14.02 -41.55
C VAL A 366 -33.21 13.57 -41.77
N GLN A 367 -32.37 13.76 -40.75
CA GLN A 367 -30.94 13.54 -40.85
C GLN A 367 -30.54 12.24 -40.16
N VAL A 368 -29.64 11.50 -40.79
CA VAL A 368 -29.07 10.29 -40.21
C VAL A 368 -27.83 10.68 -39.42
N LEU A 369 -27.86 10.44 -38.12
CA LEU A 369 -26.84 10.89 -37.18
C LEU A 369 -26.38 9.70 -36.35
N MET A 370 -25.17 9.21 -36.60
CA MET A 370 -24.67 8.00 -35.97
C MET A 370 -23.61 8.35 -34.94
N VAL A 371 -23.83 7.95 -33.70
CA VAL A 371 -22.84 8.12 -32.64
C VAL A 371 -21.99 6.86 -32.60
N LEU A 372 -20.76 6.97 -33.09
CA LEU A 372 -19.83 5.83 -33.15
C LEU A 372 -18.98 5.83 -31.89
N GLY A 373 -19.22 4.86 -31.01
CA GLY A 373 -18.60 4.87 -29.70
C GLY A 373 -19.47 5.60 -28.70
N ALA A 374 -20.69 5.10 -28.50
CA ALA A 374 -21.69 5.82 -27.74
C ALA A 374 -21.46 5.76 -26.23
N GLY A 375 -20.75 4.76 -25.74
CA GLY A 375 -20.54 4.66 -24.30
C GLY A 375 -21.83 4.31 -23.58
N ARG A 376 -22.18 5.12 -22.57
CA ARG A 376 -23.43 4.95 -21.85
C ARG A 376 -24.49 5.95 -22.27
N GLY A 377 -24.24 6.72 -23.33
CA GLY A 377 -25.20 7.60 -23.92
C GLY A 377 -25.17 9.06 -23.47
N PRO A 378 -23.99 9.68 -23.35
CA PRO A 378 -23.97 11.15 -23.16
C PRO A 378 -24.01 11.87 -24.50
N LEU A 379 -23.33 11.31 -25.50
CA LEU A 379 -23.38 11.91 -26.84
C LEU A 379 -24.75 11.73 -27.48
N VAL A 380 -25.48 10.67 -27.13
CA VAL A 380 -26.83 10.49 -27.65
C VAL A 380 -27.75 11.58 -27.12
N ASN A 381 -27.69 11.82 -25.81
CA ASN A 381 -28.48 12.90 -25.22
C ASN A 381 -28.03 14.26 -25.76
N ALA A 382 -26.73 14.43 -25.98
CA ALA A 382 -26.23 15.68 -26.56
C ALA A 382 -26.78 15.88 -27.96
N SER A 383 -26.83 14.81 -28.76
CA SER A 383 -27.39 14.91 -30.10
C SER A 383 -28.87 15.25 -30.06
N LEU A 384 -29.61 14.64 -29.13
CA LEU A 384 -31.04 14.95 -29.00
C LEU A 384 -31.25 16.41 -28.61
N ARG A 385 -30.47 16.89 -27.63
CA ARG A 385 -30.61 18.28 -27.20
C ARG A 385 -30.22 19.24 -28.32
N ALA A 386 -29.17 18.91 -29.09
CA ALA A 386 -28.79 19.76 -30.21
C ALA A 386 -29.85 19.76 -31.30
N ALA A 387 -30.50 18.62 -31.52
CA ALA A 387 -31.56 18.56 -32.51
C ALA A 387 -32.74 19.43 -32.11
N LYS A 388 -33.15 19.34 -30.85
CA LYS A 388 -34.29 20.16 -30.41
C LYS A 388 -33.91 21.63 -30.28
N GLN A 389 -32.63 21.93 -30.07
CA GLN A 389 -32.18 23.31 -30.03
C GLN A 389 -32.14 23.91 -31.43
N ALA A 390 -31.72 23.12 -32.41
CA ALA A 390 -31.68 23.57 -33.80
C ALA A 390 -33.02 23.45 -34.50
N ASP A 391 -33.99 22.78 -33.88
CA ASP A 391 -35.32 22.58 -34.46
C ASP A 391 -35.23 21.85 -35.80
N ARG A 392 -34.66 20.64 -35.74
CA ARG A 392 -34.49 19.80 -36.91
C ARG A 392 -34.81 18.36 -36.52
N ARG A 393 -35.01 17.52 -37.54
CA ARG A 393 -35.31 16.10 -37.34
C ARG A 393 -34.04 15.28 -37.53
N ILE A 394 -33.82 14.32 -36.63
CA ILE A 394 -32.70 13.40 -36.72
C ILE A 394 -33.17 12.00 -36.36
N LYS A 395 -32.58 11.00 -37.00
CA LYS A 395 -32.70 9.59 -36.60
C LYS A 395 -31.34 9.15 -36.08
N LEU A 396 -31.34 8.60 -34.87
CA LEU A 396 -30.10 8.36 -34.13
C LEU A 396 -29.72 6.89 -34.15
N TYR A 397 -28.43 6.63 -34.38
CA TYR A 397 -27.83 5.32 -34.19
C TYR A 397 -26.78 5.42 -33.10
N ALA A 398 -26.81 4.49 -32.16
CA ALA A 398 -25.86 4.46 -31.05
C ALA A 398 -25.02 3.19 -31.19
N VAL A 399 -23.85 3.32 -31.79
CA VAL A 399 -22.99 2.17 -32.05
C VAL A 399 -21.98 2.04 -30.91
N GLU A 400 -21.89 0.84 -30.34
CA GLU A 400 -20.98 0.59 -29.23
C GLU A 400 -20.64 -0.90 -29.21
N LYS A 401 -19.35 -1.21 -29.13
CA LYS A 401 -18.91 -2.60 -29.12
C LYS A 401 -18.77 -3.17 -27.71
N ASN A 402 -18.69 -2.32 -26.70
CA ASN A 402 -18.69 -2.77 -25.30
C ASN A 402 -20.09 -3.21 -24.91
N PRO A 403 -20.35 -4.51 -24.75
CA PRO A 403 -21.72 -4.94 -24.43
C PRO A 403 -22.18 -4.49 -23.06
N ASN A 404 -21.26 -4.33 -22.11
CA ASN A 404 -21.63 -3.86 -20.77
C ASN A 404 -22.20 -2.45 -20.82
N ALA A 405 -21.68 -1.61 -21.71
CA ALA A 405 -22.26 -0.28 -21.91
C ALA A 405 -23.48 -0.35 -22.82
N VAL A 406 -23.55 -1.36 -23.69
CA VAL A 406 -24.75 -1.57 -24.49
C VAL A 406 -25.94 -1.89 -23.59
N VAL A 407 -25.69 -2.53 -22.45
CA VAL A 407 -26.75 -2.75 -21.46
C VAL A 407 -27.35 -1.41 -21.03
N THR A 408 -26.50 -0.48 -20.65
CA THR A 408 -26.97 0.84 -20.23
C THR A 408 -27.66 1.57 -21.38
N LEU A 409 -27.10 1.47 -22.58
CA LEU A 409 -27.71 2.11 -23.75
C LEU A 409 -29.11 1.59 -24.01
N GLU A 410 -29.29 0.27 -23.93
CA GLU A 410 -30.59 -0.31 -24.22
C GLU A 410 -31.59 -0.04 -23.11
N ASN A 411 -31.14 0.01 -21.86
CA ASN A 411 -32.03 0.44 -20.79
C ASN A 411 -32.51 1.87 -21.01
N TRP A 412 -31.57 2.76 -21.38
CA TRP A 412 -31.95 4.13 -21.71
C TRP A 412 -32.96 4.16 -22.86
N GLN A 413 -32.69 3.38 -23.91
CA GLN A 413 -33.52 3.41 -25.11
C GLN A 413 -34.92 2.87 -24.83
N PHE A 414 -35.03 1.86 -23.96
CA PHE A 414 -36.35 1.37 -23.58
C PHE A 414 -37.09 2.38 -22.72
N GLU A 415 -36.40 2.92 -21.70
CA GLU A 415 -37.09 3.74 -20.71
C GLU A 415 -37.31 5.18 -21.16
N GLU A 416 -36.53 5.67 -22.13
CA GLU A 416 -36.60 7.09 -22.46
C GLU A 416 -36.63 7.36 -23.96
N TRP A 417 -35.59 6.90 -24.67
CA TRP A 417 -35.37 7.34 -26.04
C TRP A 417 -36.44 6.83 -27.00
N GLY A 418 -36.85 5.58 -26.85
CA GLY A 418 -37.83 5.02 -27.76
C GLY A 418 -37.20 4.59 -29.07
N SER A 419 -38.05 4.52 -30.10
CA SER A 419 -37.59 4.05 -31.40
C SER A 419 -36.77 5.09 -32.15
N GLN A 420 -36.70 6.33 -31.66
CA GLN A 420 -35.89 7.36 -32.33
C GLN A 420 -34.41 6.96 -32.34
N VAL A 421 -33.93 6.40 -31.24
CA VAL A 421 -32.56 5.91 -31.13
C VAL A 421 -32.57 4.41 -31.38
N THR A 422 -31.71 3.95 -32.29
CA THR A 422 -31.49 2.52 -32.53
C THR A 422 -30.12 2.17 -32.00
N VAL A 423 -30.07 1.26 -31.04
CA VAL A 423 -28.80 0.83 -30.43
C VAL A 423 -28.22 -0.30 -31.26
N VAL A 424 -26.95 -0.19 -31.62
CA VAL A 424 -26.24 -1.17 -32.43
C VAL A 424 -25.07 -1.67 -31.61
N SER A 425 -25.08 -2.95 -31.26
CA SER A 425 -24.04 -3.53 -30.41
C SER A 425 -23.07 -4.32 -31.29
N SER A 426 -22.13 -3.58 -31.89
CA SER A 426 -21.10 -4.19 -32.72
C SER A 426 -19.97 -3.18 -32.90
N ASP A 427 -18.90 -3.62 -33.57
CA ASP A 427 -17.80 -2.75 -33.90
C ASP A 427 -18.13 -1.95 -35.15
N MET A 428 -17.73 -0.67 -35.16
CA MET A 428 -18.07 0.20 -36.29
C MET A 428 -17.33 -0.22 -37.56
N ARG A 429 -16.19 -0.89 -37.43
CA ARG A 429 -15.45 -1.37 -38.59
C ARG A 429 -16.09 -2.61 -39.22
N GLU A 430 -16.96 -3.30 -38.49
CA GLU A 430 -17.62 -4.50 -38.99
C GLU A 430 -19.09 -4.27 -39.33
N TRP A 431 -19.72 -3.27 -38.71
CA TRP A 431 -21.16 -3.08 -38.84
C TRP A 431 -21.54 -2.76 -40.28
N VAL A 432 -22.51 -3.51 -40.81
CA VAL A 432 -23.10 -3.24 -42.11
C VAL A 432 -24.36 -2.42 -41.86
N ALA A 433 -24.31 -1.12 -42.16
CA ALA A 433 -25.38 -0.21 -41.81
C ALA A 433 -26.58 -0.39 -42.74
N PRO A 434 -27.80 -0.21 -42.21
CA PRO A 434 -28.98 -0.26 -43.08
C PRO A 434 -29.11 0.96 -43.97
N GLU A 435 -28.67 2.13 -43.50
CA GLU A 435 -28.69 3.35 -44.29
C GLU A 435 -27.43 4.15 -43.97
N LYS A 436 -27.09 5.06 -44.88
CA LYS A 436 -25.88 5.85 -44.73
C LYS A 436 -26.16 7.12 -43.92
N ALA A 437 -25.11 7.61 -43.26
CA ALA A 437 -25.24 8.66 -42.27
C ALA A 437 -24.93 10.03 -42.85
N ASP A 438 -25.74 11.02 -42.46
CA ASP A 438 -25.42 12.41 -42.76
C ASP A 438 -24.29 12.92 -41.87
N ILE A 439 -24.32 12.56 -40.58
CA ILE A 439 -23.30 12.99 -39.63
C ILE A 439 -22.88 11.80 -38.78
N ILE A 440 -21.58 11.71 -38.48
CA ILE A 440 -21.05 10.71 -37.56
C ILE A 440 -20.32 11.43 -36.44
N VAL A 441 -20.70 11.15 -35.20
CA VAL A 441 -20.15 11.81 -34.01
C VAL A 441 -19.38 10.78 -33.19
N SER A 442 -18.15 11.13 -32.81
CA SER A 442 -17.30 10.22 -32.07
C SER A 442 -16.47 11.00 -31.05
N GLU A 443 -16.10 10.31 -29.97
CA GLU A 443 -15.15 10.83 -28.98
C GLU A 443 -14.09 9.77 -28.69
N LEU A 444 -13.48 9.26 -29.76
CA LEU A 444 -12.48 8.19 -29.67
C LEU A 444 -11.07 8.72 -29.44
N LEU A 445 -10.93 10.00 -29.10
CA LEU A 445 -9.61 10.60 -28.95
C LEU A 445 -9.01 10.27 -27.60
N GLY A 446 -7.68 10.23 -27.55
CA GLY A 446 -6.94 10.08 -26.33
C GLY A 446 -6.20 11.35 -25.96
N SER A 447 -5.29 11.20 -25.00
CA SER A 447 -4.44 12.34 -24.62
C SER A 447 -3.54 12.76 -25.77
N PHE A 448 -3.04 11.79 -26.54
CA PHE A 448 -2.23 12.04 -27.72
C PHE A 448 -3.07 12.03 -29.00
N ALA A 449 -4.38 12.25 -28.87
CA ALA A 449 -5.33 12.27 -29.98
C ALA A 449 -5.55 10.89 -30.58
N ASP A 450 -4.57 10.41 -31.37
CA ASP A 450 -4.71 9.18 -32.12
C ASP A 450 -4.15 7.96 -31.38
N ASN A 451 -3.79 8.09 -30.10
CA ASN A 451 -3.23 6.97 -29.38
C ASN A 451 -4.26 5.89 -29.06
N GLU A 452 -5.55 6.16 -29.22
CA GLU A 452 -6.58 5.16 -29.06
C GLU A 452 -7.15 4.69 -30.39
N LEU A 453 -6.45 4.99 -31.49
CA LEU A 453 -6.75 4.47 -32.82
C LEU A 453 -8.08 4.97 -33.36
N SER A 454 -8.44 6.20 -33.03
CA SER A 454 -9.57 6.85 -33.69
C SER A 454 -9.44 6.89 -35.21
N PRO A 455 -8.25 7.16 -35.80
CA PRO A 455 -8.16 7.12 -37.27
C PRO A 455 -8.60 5.81 -37.88
N GLU A 456 -8.11 4.67 -37.38
CA GLU A 456 -8.46 3.39 -37.97
C GLU A 456 -9.94 3.07 -37.79
N CYS A 457 -10.49 3.36 -36.61
CA CYS A 457 -11.91 3.08 -36.38
C CYS A 457 -12.80 3.92 -37.29
N LEU A 458 -12.49 5.22 -37.39
CA LEU A 458 -13.29 6.09 -38.26
C LEU A 458 -13.06 5.79 -39.73
N ASP A 459 -11.91 5.22 -40.10
CA ASP A 459 -11.69 4.81 -41.48
C ASP A 459 -12.53 3.58 -41.82
N GLY A 460 -12.57 2.61 -40.91
CA GLY A 460 -13.39 1.43 -41.14
C GLY A 460 -14.88 1.76 -41.18
N ALA A 461 -15.29 2.79 -40.44
CA ALA A 461 -16.68 3.21 -40.38
C ALA A 461 -17.04 4.25 -41.44
N GLN A 462 -16.13 4.54 -42.37
CA GLN A 462 -16.31 5.63 -43.31
C GLN A 462 -17.19 5.24 -44.50
N HIS A 463 -17.35 3.93 -44.77
CA HIS A 463 -18.07 3.54 -45.97
C HIS A 463 -19.57 3.81 -45.87
N PHE A 464 -20.13 3.81 -44.66
CA PHE A 464 -21.54 4.15 -44.49
C PHE A 464 -21.75 5.63 -44.20
N LEU A 465 -20.76 6.47 -44.49
CA LEU A 465 -20.91 7.93 -44.43
C LEU A 465 -21.30 8.44 -45.81
N LYS A 466 -22.27 9.35 -45.85
CA LYS A 466 -22.76 9.87 -47.12
C LYS A 466 -21.66 10.63 -47.84
N ASP A 467 -21.81 10.74 -49.16
CA ASP A 467 -20.80 11.41 -49.99
C ASP A 467 -20.54 12.84 -49.50
N ASP A 468 -21.60 13.55 -49.11
CA ASP A 468 -21.48 14.88 -48.52
C ASP A 468 -21.58 14.85 -47.01
N GLY A 469 -21.09 13.77 -46.37
CA GLY A 469 -21.27 13.60 -44.94
C GLY A 469 -20.25 14.37 -44.12
N VAL A 470 -20.56 14.53 -42.84
CA VAL A 470 -19.75 15.29 -41.90
C VAL A 470 -19.34 14.39 -40.74
N SER A 471 -18.08 14.53 -40.31
CA SER A 471 -17.55 13.82 -39.17
C SER A 471 -17.26 14.81 -38.05
N ILE A 472 -17.77 14.53 -36.87
CA ILE A 472 -17.49 15.28 -35.65
C ILE A 472 -16.75 14.35 -34.70
N PRO A 473 -15.46 14.58 -34.43
CA PRO A 473 -14.63 15.71 -34.87
C PRO A 473 -14.20 15.62 -36.33
N GLY A 474 -14.04 16.77 -36.98
CA GLY A 474 -13.58 16.79 -38.35
C GLY A 474 -12.07 16.70 -38.45
N GLU A 475 -11.36 17.18 -37.43
CA GLU A 475 -9.91 17.13 -37.50
C GLU A 475 -9.35 16.99 -36.09
N TYR A 476 -8.16 16.40 -35.98
CA TYR A 476 -7.43 16.47 -34.72
C TYR A 476 -5.93 16.45 -35.00
N THR A 477 -5.17 16.92 -34.00
CA THR A 477 -3.74 17.11 -34.12
C THR A 477 -3.09 16.88 -32.76
N SER A 478 -1.95 16.21 -32.74
CA SER A 478 -1.19 15.97 -31.53
C SER A 478 -0.06 16.98 -31.41
N PHE A 479 0.36 17.22 -30.16
CA PHE A 479 1.41 18.19 -29.84
C PHE A 479 2.40 17.56 -28.89
N LEU A 480 3.68 17.87 -29.10
CA LEU A 480 4.77 17.38 -28.25
C LEU A 480 5.57 18.55 -27.71
N ALA A 481 6.16 18.36 -26.53
CA ALA A 481 6.98 19.39 -25.91
C ALA A 481 7.99 18.77 -24.98
N PRO A 482 9.29 19.05 -25.13
CA PRO A 482 10.29 18.48 -24.23
C PRO A 482 10.11 19.02 -22.82
N ILE A 483 10.29 18.14 -21.83
CA ILE A 483 10.10 18.51 -20.44
C ILE A 483 11.29 18.05 -19.61
N SER A 484 11.44 18.67 -18.45
CA SER A 484 12.45 18.29 -17.47
C SER A 484 11.75 18.00 -16.15
N SER A 485 11.86 16.76 -15.67
CA SER A 485 11.26 16.38 -14.40
C SER A 485 11.98 15.14 -13.88
N SER A 486 13.03 15.35 -13.11
CA SER A 486 13.72 14.23 -12.46
C SER A 486 12.77 13.45 -11.58
N LYS A 487 11.77 14.12 -11.00
CA LYS A 487 10.73 13.44 -10.23
C LYS A 487 10.00 12.41 -11.09
N LEU A 488 9.46 12.85 -12.23
CA LEU A 488 8.73 11.93 -13.09
C LEU A 488 9.66 10.90 -13.72
N TYR A 489 10.91 11.27 -14.00
CA TYR A 489 11.86 10.31 -14.52
C TYR A 489 12.09 9.18 -13.54
N ASN A 490 12.29 9.53 -12.26
CA ASN A 490 12.47 8.50 -11.23
C ASN A 490 11.19 7.70 -11.01
N GLU A 491 10.03 8.34 -11.13
CA GLU A 491 8.78 7.60 -11.00
C GLU A 491 8.64 6.56 -12.10
N VAL A 492 9.00 6.93 -13.34
CA VAL A 492 8.97 5.97 -14.43
C VAL A 492 10.02 4.88 -14.21
N ARG A 493 11.21 5.27 -13.75
CA ARG A 493 12.28 4.31 -13.48
C ARG A 493 11.86 3.28 -12.44
N ALA A 494 11.04 3.69 -11.47
CA ALA A 494 10.58 2.78 -10.44
C ALA A 494 9.47 1.83 -10.91
N CYS A 495 9.08 1.90 -12.19
CA CYS A 495 8.05 1.03 -12.73
C CYS A 495 8.63 -0.25 -13.32
N ARG A 496 9.86 -0.62 -12.96
CA ARG A 496 10.44 -1.85 -13.46
C ARG A 496 9.72 -3.05 -12.85
N GLU A 497 9.36 -4.01 -13.69
CA GLU A 497 8.64 -5.20 -13.26
C GLU A 497 9.44 -6.45 -13.61
N LYS A 498 9.23 -7.50 -12.82
CA LYS A 498 9.84 -8.78 -13.12
C LYS A 498 9.22 -9.37 -14.39
N ASP A 499 9.98 -10.26 -15.02
CA ASP A 499 9.53 -11.02 -16.20
C ASP A 499 9.31 -10.11 -17.41
N ARG A 500 10.19 -9.14 -17.62
CA ARG A 500 10.18 -8.32 -18.83
C ARG A 500 11.48 -7.54 -18.91
N ASP A 501 11.60 -6.77 -19.99
CA ASP A 501 12.79 -5.94 -20.20
C ASP A 501 12.96 -4.97 -19.03
N PRO A 502 14.13 -4.92 -18.41
CA PRO A 502 14.33 -4.00 -17.27
C PRO A 502 14.10 -2.54 -17.62
N GLU A 503 14.10 -2.18 -18.90
CA GLU A 503 13.90 -0.80 -19.33
C GLU A 503 12.64 -0.62 -20.16
N ALA A 504 11.67 -1.54 -20.04
CA ALA A 504 10.45 -1.43 -20.82
C ALA A 504 9.59 -0.26 -20.35
N GLN A 505 9.66 0.08 -19.07
CA GLN A 505 8.85 1.18 -18.54
C GLN A 505 9.19 2.51 -19.21
N PHE A 506 10.42 2.66 -19.70
CA PHE A 506 10.79 3.86 -20.43
C PHE A 506 10.27 3.87 -21.86
N GLU A 507 9.96 2.71 -22.43
CA GLU A 507 9.51 2.62 -23.81
C GLU A 507 7.98 2.55 -23.92
N MET A 508 7.26 3.22 -23.04
CA MET A 508 5.79 3.23 -23.07
C MET A 508 5.30 4.55 -22.50
N PRO A 509 4.18 5.07 -23.01
CA PRO A 509 3.67 6.34 -22.51
C PRO A 509 2.81 6.17 -21.26
N TYR A 510 2.57 7.29 -20.59
CA TYR A 510 1.77 7.30 -19.37
C TYR A 510 0.86 8.53 -19.39
N VAL A 511 -0.42 8.32 -19.11
CA VAL A 511 -1.35 9.43 -18.90
C VAL A 511 -1.18 9.93 -17.47
N VAL A 512 -0.89 11.22 -17.31
CA VAL A 512 -0.52 11.75 -16.00
C VAL A 512 -0.85 13.23 -15.98
N ARG A 513 -1.44 13.67 -14.87
CA ARG A 513 -1.59 15.10 -14.60
C ARG A 513 -0.21 15.67 -14.29
N LEU A 514 0.41 16.30 -15.27
CA LEU A 514 1.77 16.78 -15.12
C LEU A 514 1.85 17.86 -14.04
N HIS A 515 2.88 17.76 -13.21
CA HIS A 515 3.08 18.64 -12.07
C HIS A 515 4.54 18.52 -11.67
N ASN A 516 5.07 19.57 -11.04
CA ASN A 516 6.48 19.62 -10.64
C ASN A 516 7.37 19.18 -11.81
N PHE A 517 7.23 19.88 -12.92
CA PHE A 517 7.99 19.61 -14.12
C PHE A 517 8.37 20.95 -14.75
N HIS A 518 8.99 20.89 -15.93
CA HIS A 518 9.49 22.11 -16.57
C HIS A 518 9.45 21.91 -18.07
N GLN A 519 8.53 22.60 -18.74
CA GLN A 519 8.54 22.63 -20.19
C GLN A 519 9.75 23.39 -20.70
N LEU A 520 10.44 22.82 -21.68
CA LEU A 520 11.69 23.40 -22.18
C LEU A 520 11.53 24.11 -23.51
N SER A 521 10.40 23.92 -24.20
CA SER A 521 10.17 24.57 -25.48
C SER A 521 8.68 24.56 -25.77
N ALA A 522 8.24 25.54 -26.55
CA ALA A 522 6.82 25.66 -26.86
C ALA A 522 6.33 24.41 -27.59
N PRO A 523 5.13 23.92 -27.26
CA PRO A 523 4.62 22.71 -27.91
C PRO A 523 4.46 22.92 -29.42
N GLN A 524 4.84 21.90 -30.19
CA GLN A 524 4.72 21.91 -31.63
C GLN A 524 3.87 20.74 -32.11
N PRO A 525 3.13 20.90 -33.20
CA PRO A 525 2.26 19.81 -33.66
C PRO A 525 3.06 18.61 -34.14
N CYS A 526 2.54 17.42 -33.86
CA CYS A 526 3.19 16.18 -34.21
C CYS A 526 2.45 15.48 -35.36
N PHE A 527 1.30 14.88 -35.09
CA PHE A 527 0.54 14.16 -36.10
C PHE A 527 -0.86 14.76 -36.22
N THR A 528 -1.38 14.76 -37.45
CA THR A 528 -2.68 15.34 -37.74
C THR A 528 -3.50 14.36 -38.56
N PHE A 529 -4.78 14.24 -38.23
CA PHE A 529 -5.71 13.38 -38.95
C PHE A 529 -6.99 14.14 -39.26
N SER A 530 -7.53 13.89 -40.46
CA SER A 530 -8.75 14.53 -40.94
C SER A 530 -9.78 13.47 -41.29
N HIS A 531 -11.04 13.75 -40.98
CA HIS A 531 -12.14 12.83 -41.26
C HIS A 531 -13.30 13.60 -41.87
N PRO A 532 -13.88 13.10 -42.97
CA PRO A 532 -13.55 11.87 -43.69
C PRO A 532 -12.26 11.99 -44.50
N ASN A 533 -11.62 10.88 -44.82
CA ASN A 533 -10.36 10.86 -45.56
C ASN A 533 -10.63 10.23 -46.92
N ARG A 534 -10.99 11.07 -47.89
CA ARG A 534 -11.29 10.62 -49.24
C ARG A 534 -10.06 10.21 -50.04
N ASP A 535 -8.87 10.27 -49.44
CA ASP A 535 -7.65 9.90 -50.14
C ASP A 535 -7.73 8.45 -50.60
N PRO A 536 -7.29 8.14 -51.82
CA PRO A 536 -7.27 6.74 -52.27
C PRO A 536 -6.21 5.93 -51.53
N MET A 537 -4.99 6.47 -51.44
CA MET A 537 -3.87 5.77 -50.80
C MET A 537 -3.83 6.13 -49.31
N ILE A 538 -4.79 5.55 -48.57
CA ILE A 538 -4.90 5.84 -47.15
C ILE A 538 -3.74 5.19 -46.41
N ASP A 539 -3.06 5.98 -45.59
CA ASP A 539 -1.98 5.48 -44.75
C ASP A 539 -1.93 6.29 -43.46
N ASN A 540 -2.07 5.61 -42.32
CA ASN A 540 -2.02 6.25 -41.02
C ASN A 540 -0.65 6.19 -40.38
N ASN A 541 0.34 5.64 -41.07
CA ASN A 541 1.71 5.69 -40.56
C ASN A 541 2.26 7.09 -40.70
N ARG A 542 3.05 7.51 -39.71
CA ARG A 542 3.56 8.87 -39.67
C ARG A 542 5.03 8.88 -39.28
N TYR A 543 5.75 9.89 -39.78
CA TYR A 543 7.14 10.13 -39.40
C TYR A 543 7.35 11.63 -39.31
N CYS A 544 7.63 12.12 -38.10
CA CYS A 544 7.73 13.55 -37.85
C CYS A 544 9.05 13.86 -37.16
N THR A 545 9.68 14.96 -37.58
CA THR A 545 10.90 15.47 -36.96
C THR A 545 10.59 16.83 -36.36
N LEU A 546 10.99 17.04 -35.10
CA LEU A 546 10.70 18.28 -34.39
C LEU A 546 11.97 18.87 -33.81
N GLU A 547 12.19 20.15 -34.08
CA GLU A 547 13.31 20.90 -33.54
C GLU A 547 12.76 21.91 -32.53
N PHE A 548 13.08 21.71 -31.26
CA PHE A 548 12.60 22.55 -30.17
C PHE A 548 13.71 23.47 -29.72
N PRO A 549 13.57 24.80 -29.89
CA PRO A 549 14.59 25.71 -29.35
C PRO A 549 14.51 25.76 -27.83
N VAL A 550 15.68 25.67 -27.18
CA VAL A 550 15.78 25.65 -25.73
C VAL A 550 16.59 26.87 -25.30
N GLU A 551 15.99 27.72 -24.46
CA GLU A 551 16.61 28.96 -24.04
C GLU A 551 17.35 28.87 -22.70
N VAL A 552 17.34 27.70 -22.06
CA VAL A 552 17.87 27.55 -20.71
C VAL A 552 18.61 26.23 -20.59
N ASN A 553 19.55 26.19 -19.65
CA ASN A 553 20.22 24.94 -19.30
C ASN A 553 19.27 24.06 -18.49
N THR A 554 19.24 22.78 -18.82
CA THR A 554 18.29 21.86 -18.19
C THR A 554 18.71 20.43 -18.53
N VAL A 555 17.89 19.47 -18.14
CA VAL A 555 18.12 18.05 -18.39
C VAL A 555 16.82 17.44 -18.91
N LEU A 556 16.83 17.01 -20.17
CA LEU A 556 15.67 16.39 -20.77
C LEU A 556 15.42 15.01 -20.18
N HIS A 557 14.18 14.79 -19.72
CA HIS A 557 13.74 13.50 -19.20
C HIS A 557 12.62 12.86 -20.02
N GLY A 558 11.93 13.63 -20.85
CA GLY A 558 10.84 13.07 -21.63
C GLY A 558 10.12 14.15 -22.41
N PHE A 559 8.99 13.76 -23.01
CA PHE A 559 8.22 14.65 -23.86
C PHE A 559 6.76 14.59 -23.44
N ALA A 560 6.21 15.74 -23.06
CA ALA A 560 4.79 15.84 -22.81
C ALA A 560 4.01 15.87 -24.13
N GLY A 561 2.80 15.32 -24.09
CA GLY A 561 1.96 15.24 -25.27
C GLY A 561 0.53 15.66 -25.01
N TYR A 562 0.01 16.51 -25.90
CA TYR A 562 -1.33 17.06 -25.81
C TYR A 562 -2.02 16.89 -27.15
N PHE A 563 -3.25 17.39 -27.26
CA PHE A 563 -3.96 17.33 -28.53
C PHE A 563 -4.94 18.50 -28.64
N GLU A 564 -5.20 18.88 -29.88
CA GLU A 564 -6.30 19.76 -30.23
C GLU A 564 -7.21 19.04 -31.22
N THR A 565 -8.47 19.44 -31.26
CA THR A 565 -9.40 18.82 -32.21
C THR A 565 -10.46 19.84 -32.62
N VAL A 566 -10.72 19.87 -33.91
CA VAL A 566 -11.80 20.67 -34.49
C VAL A 566 -12.99 19.76 -34.67
N LEU A 567 -14.03 19.98 -33.86
CA LEU A 567 -15.26 19.21 -33.99
C LEU A 567 -16.06 19.68 -35.19
N TYR A 568 -16.25 21.00 -35.32
CA TYR A 568 -16.95 21.58 -36.45
C TYR A 568 -16.72 23.09 -36.48
N GLN A 569 -16.04 23.57 -37.53
CA GLN A 569 -15.82 25.00 -37.76
C GLN A 569 -15.04 25.56 -36.57
N ASP A 570 -15.57 26.54 -35.84
CA ASP A 570 -14.85 27.17 -34.74
C ASP A 570 -15.04 26.46 -33.41
N ILE A 571 -15.77 25.35 -33.37
CA ILE A 571 -15.96 24.59 -32.14
C ILE A 571 -14.82 23.59 -32.03
N THR A 572 -13.97 23.77 -31.02
CA THR A 572 -12.78 22.96 -30.85
C THR A 572 -12.64 22.56 -29.39
N LEU A 573 -11.85 21.50 -29.18
CA LEU A 573 -11.44 21.08 -27.84
C LEU A 573 -9.92 21.01 -27.81
N SER A 574 -9.35 21.18 -26.63
CA SER A 574 -7.90 21.21 -26.52
C SER A 574 -7.47 21.01 -25.07
N ILE A 575 -6.45 20.17 -24.89
CA ILE A 575 -5.74 20.07 -23.63
C ILE A 575 -4.36 20.70 -23.70
N ARG A 576 -3.98 21.22 -24.87
CA ARG A 576 -2.73 21.96 -25.01
C ARG A 576 -2.74 23.16 -24.09
N PRO A 577 -1.73 23.34 -23.24
CA PRO A 577 -1.81 24.36 -22.18
C PRO A 577 -2.07 25.77 -22.68
N GLU A 578 -1.64 26.11 -23.90
CA GLU A 578 -1.85 27.46 -24.40
C GLU A 578 -3.30 27.67 -24.84
N THR A 579 -3.89 26.67 -25.50
CA THR A 579 -5.25 26.75 -26.00
C THR A 579 -6.20 25.84 -25.24
N HIS A 580 -5.88 25.52 -23.98
CA HIS A 580 -6.65 24.54 -23.22
C HIS A 580 -8.09 24.99 -23.05
N SER A 581 -9.01 24.09 -23.38
CA SER A 581 -10.43 24.36 -23.15
C SER A 581 -10.68 24.55 -21.65
N PRO A 582 -11.28 25.66 -21.24
CA PRO A 582 -11.39 25.95 -19.80
C PRO A 582 -12.38 25.04 -19.11
N GLY A 583 -11.97 24.48 -17.97
CA GLY A 583 -12.86 23.68 -17.15
C GLY A 583 -13.13 22.28 -17.65
N MET A 584 -12.38 21.80 -18.63
CA MET A 584 -12.56 20.46 -19.17
C MET A 584 -11.55 19.52 -18.52
N PHE A 585 -12.05 18.47 -17.88
CA PHE A 585 -11.22 17.50 -17.17
C PHE A 585 -11.60 16.07 -17.60
N SER A 586 -11.49 15.82 -18.90
CA SER A 586 -11.66 14.47 -19.45
C SER A 586 -10.33 13.82 -19.78
N TRP A 587 -9.36 14.59 -20.25
CA TRP A 587 -8.03 14.09 -20.60
C TRP A 587 -6.98 14.76 -19.72
N PHE A 588 -6.00 13.98 -19.31
CA PHE A 588 -4.74 14.47 -18.77
C PHE A 588 -3.67 14.41 -19.86
N PRO A 589 -2.57 15.14 -19.70
CA PRO A 589 -1.49 15.05 -20.69
C PRO A 589 -0.87 13.65 -20.68
N ILE A 590 -0.17 13.34 -21.77
CA ILE A 590 0.55 12.08 -21.90
C ILE A 590 2.04 12.36 -21.78
N LEU A 591 2.82 11.31 -21.53
CA LEU A 591 4.26 11.45 -21.32
C LEU A 591 5.00 10.32 -22.01
N PHE A 592 5.87 10.67 -22.96
CA PHE A 592 6.79 9.72 -23.57
C PHE A 592 8.17 9.92 -22.95
N PRO A 593 8.61 9.06 -22.05
CA PRO A 593 9.91 9.25 -21.41
C PRO A 593 11.05 8.74 -22.29
N ILE A 594 12.28 8.93 -21.80
CA ILE A 594 13.47 8.40 -22.44
C ILE A 594 14.30 7.67 -21.40
N LYS A 595 15.08 6.70 -21.86
CA LYS A 595 15.87 5.87 -20.95
C LYS A 595 16.87 6.71 -20.16
N GLN A 596 17.76 7.41 -20.87
CA GLN A 596 18.80 8.19 -20.22
C GLN A 596 18.51 9.67 -20.35
N PRO A 597 18.56 10.42 -19.25
CA PRO A 597 18.36 11.88 -19.35
C PRO A 597 19.48 12.52 -20.16
N ILE A 598 19.15 13.64 -20.82
CA ILE A 598 20.06 14.27 -21.77
C ILE A 598 20.31 15.71 -21.34
N THR A 599 21.57 16.03 -21.05
CA THR A 599 21.92 17.39 -20.67
C THR A 599 21.75 18.33 -21.87
N VAL A 600 21.11 19.47 -21.64
CA VAL A 600 20.87 20.47 -22.68
C VAL A 600 21.33 21.82 -22.16
N ARG A 601 22.16 22.50 -22.95
CA ARG A 601 22.66 23.83 -22.59
C ARG A 601 21.83 24.91 -23.27
N GLU A 602 22.00 26.14 -22.77
CA GLU A 602 21.27 27.28 -23.32
C GLU A 602 21.59 27.48 -24.79
N GLY A 603 20.56 27.72 -25.59
CA GLY A 603 20.71 27.94 -27.01
C GLY A 603 20.66 26.69 -27.86
N GLN A 604 20.95 25.52 -27.28
CA GLN A 604 20.89 24.28 -28.02
C GLN A 604 19.45 23.96 -28.43
N THR A 605 19.31 23.12 -29.44
CA THR A 605 18.01 22.73 -29.97
C THR A 605 17.82 21.23 -29.77
N ILE A 606 16.70 20.86 -29.15
CA ILE A 606 16.36 19.46 -28.94
C ILE A 606 15.62 18.97 -30.19
N CYS A 607 16.27 18.11 -30.96
CA CYS A 607 15.66 17.51 -32.13
C CYS A 607 15.25 16.09 -31.80
N VAL A 608 13.94 15.82 -31.91
CA VAL A 608 13.34 14.54 -31.60
C VAL A 608 12.63 14.02 -32.84
N ARG A 609 12.55 12.69 -32.95
CA ARG A 609 11.89 12.02 -34.05
C ARG A 609 10.77 11.15 -33.49
N PHE A 610 9.65 11.09 -34.22
CA PHE A 610 8.50 10.31 -33.79
C PHE A 610 7.94 9.52 -34.97
N TRP A 611 7.60 8.26 -34.72
CA TRP A 611 7.00 7.39 -35.72
C TRP A 611 5.68 6.86 -35.20
N ARG A 612 4.69 6.81 -36.08
CA ARG A 612 3.45 6.09 -35.84
C ARG A 612 3.44 4.92 -36.81
N CYS A 613 3.70 3.72 -36.28
CA CYS A 613 3.81 2.50 -37.06
C CYS A 613 2.62 1.59 -36.79
N SER A 614 2.43 0.61 -37.67
CA SER A 614 1.28 -0.28 -37.56
C SER A 614 1.52 -1.51 -38.43
N ASN A 615 0.83 -2.59 -38.08
CA ASN A 615 0.71 -3.74 -38.95
C ASN A 615 -0.77 -4.09 -39.03
N SER A 616 -1.07 -5.37 -39.30
CA SER A 616 -2.45 -5.79 -39.43
C SER A 616 -3.18 -5.77 -38.08
N LYS A 617 -2.45 -5.93 -36.98
CA LYS A 617 -3.05 -6.13 -35.68
C LYS A 617 -2.70 -5.06 -34.66
N LYS A 618 -1.52 -4.46 -34.73
CA LYS A 618 -1.09 -3.55 -33.70
C LYS A 618 -0.66 -2.21 -34.29
N VAL A 619 -0.83 -1.15 -33.51
CA VAL A 619 -0.33 0.19 -33.81
C VAL A 619 0.52 0.62 -32.61
N TRP A 620 1.63 1.30 -32.88
CA TRP A 620 2.53 1.71 -31.81
C TRP A 620 3.31 2.95 -32.23
N TYR A 621 3.95 3.57 -31.25
CA TYR A 621 4.79 4.73 -31.47
C TYR A 621 6.25 4.38 -31.21
N GLU A 622 7.13 4.85 -32.10
CA GLU A 622 8.57 4.82 -31.88
C GLU A 622 9.09 6.25 -31.84
N TRP A 623 10.10 6.50 -31.03
CA TRP A 623 10.66 7.84 -30.93
C TRP A 623 12.11 7.76 -30.49
N ALA A 624 12.86 8.81 -30.86
CA ALA A 624 14.27 8.89 -30.54
C ALA A 624 14.72 10.34 -30.63
N VAL A 625 15.57 10.74 -29.71
CA VAL A 625 16.16 12.08 -29.72
C VAL A 625 17.40 12.05 -30.60
N THR A 626 17.54 13.04 -31.49
CA THR A 626 18.72 13.16 -32.32
C THR A 626 19.59 14.35 -31.97
N ALA A 627 19.06 15.37 -31.31
CA ALA A 627 19.88 16.50 -30.90
C ALA A 627 19.44 16.98 -29.53
N PRO A 628 20.36 17.51 -28.71
CA PRO A 628 21.78 17.79 -28.98
C PRO A 628 22.64 16.53 -29.00
N VAL A 629 22.09 15.40 -28.56
CA VAL A 629 22.78 14.12 -28.63
C VAL A 629 21.75 13.05 -28.95
N CYS A 630 22.21 11.97 -29.57
CA CYS A 630 21.32 10.89 -29.96
C CYS A 630 21.04 9.95 -28.79
N SER A 631 19.81 9.46 -28.73
CA SER A 631 19.41 8.42 -27.81
C SER A 631 19.12 7.14 -28.60
N ALA A 632 18.68 6.12 -27.88
CA ALA A 632 18.24 4.90 -28.54
C ALA A 632 16.84 5.08 -29.10
N ILE A 633 16.52 4.32 -30.15
CA ILE A 633 15.16 4.31 -30.67
C ILE A 633 14.27 3.58 -29.68
N HIS A 634 13.27 4.28 -29.16
CA HIS A 634 12.43 3.74 -28.09
C HIS A 634 11.26 2.97 -28.66
N ASN A 635 10.95 1.84 -28.03
CA ASN A 635 9.88 0.93 -28.42
C ASN A 635 10.01 0.48 -29.88
N PRO A 636 11.12 -0.13 -30.28
CA PRO A 636 11.21 -0.63 -31.66
C PRO A 636 10.36 -1.87 -31.84
N THR A 637 9.67 -1.93 -32.98
CA THR A 637 8.74 -3.01 -33.28
C THR A 637 7.66 -3.15 -32.20
N GLY A 638 7.44 -2.07 -31.45
CA GLY A 638 6.44 -2.04 -30.40
C GLY A 638 6.67 -3.12 -29.37
N ARG A 639 7.96 -3.41 -29.13
CA ARG A 639 8.31 -4.52 -28.25
C ARG A 639 7.85 -4.27 -26.82
N SER A 640 7.69 -3.02 -26.43
CA SER A 640 7.29 -2.68 -25.07
C SER A 640 5.88 -2.11 -24.96
N TYR A 641 5.37 -1.49 -26.02
CA TYR A 641 4.04 -0.89 -25.98
C TYR A 641 3.40 -0.98 -27.36
N THR A 642 2.20 -1.55 -27.42
CA THR A 642 1.43 -1.65 -28.64
C THR A 642 -0.02 -1.33 -28.35
N ILE A 643 -0.72 -0.84 -29.37
CA ILE A 643 -2.14 -0.51 -29.28
C ILE A 643 -2.88 -1.46 -30.21
N GLY A 644 -3.75 -2.29 -29.62
CA GLY A 644 -4.37 -3.37 -30.38
C GLY A 644 -5.52 -2.88 -31.24
N LEU A 645 -5.52 -3.33 -32.50
CA LEU A 645 -6.63 -3.04 -33.40
C LEU A 645 -7.76 -4.04 -33.20
N GLU B 36 29.80 21.07 34.51
CA GLU B 36 29.67 20.25 33.30
C GLU B 36 31.04 19.71 32.87
N ARG B 37 31.01 18.60 32.12
CA ARG B 37 32.24 17.85 31.84
C ARG B 37 33.18 18.63 30.94
N GLN B 38 32.66 19.23 29.87
CA GLN B 38 33.50 19.81 28.82
C GLN B 38 33.88 21.24 29.21
N LEU B 39 35.11 21.42 29.66
CA LEU B 39 35.65 22.75 29.93
C LEU B 39 36.10 23.39 28.63
N GLU B 40 35.63 24.63 28.38
CA GLU B 40 35.86 25.30 27.12
C GLU B 40 36.86 26.45 27.20
N ALA B 41 36.84 27.23 28.27
CA ALA B 41 37.66 28.43 28.33
C ALA B 41 38.31 28.58 29.70
N ALA B 42 39.57 29.02 29.70
CA ALA B 42 40.30 29.33 30.93
C ALA B 42 41.08 30.62 30.70
N ARG B 43 40.74 31.66 31.45
CA ARG B 43 41.33 32.98 31.27
C ARG B 43 41.76 33.55 32.61
N TYR B 44 43.01 33.99 32.70
CA TYR B 44 43.51 34.57 33.94
C TYR B 44 43.18 36.06 33.99
N ARG B 45 42.74 36.51 35.16
CA ARG B 45 42.56 37.95 35.37
C ARG B 45 43.89 38.56 35.80
N SER B 46 43.97 39.89 35.70
CA SER B 46 45.22 40.58 35.98
C SER B 46 45.71 40.32 37.40
N ASP B 47 44.78 40.21 38.35
CA ASP B 47 45.16 39.99 39.75
C ASP B 47 45.41 38.52 40.08
N GLY B 48 45.26 37.62 39.11
CA GLY B 48 45.56 36.22 39.32
C GLY B 48 44.37 35.28 39.36
N ALA B 49 43.15 35.80 39.49
CA ALA B 49 41.98 34.94 39.56
C ALA B 49 41.73 34.27 38.22
N LEU B 50 41.28 33.02 38.26
CA LEU B 50 41.06 32.22 37.06
C LEU B 50 39.57 32.16 36.72
N LEU B 51 39.26 32.28 35.44
CA LEU B 51 37.89 32.25 34.93
C LEU B 51 37.72 31.02 34.06
N LEU B 52 36.71 30.22 34.35
CA LEU B 52 36.42 28.99 33.64
C LEU B 52 35.06 29.07 32.98
N GLY B 53 34.99 28.65 31.73
CA GLY B 53 33.72 28.51 31.03
C GLY B 53 33.56 27.10 30.52
N ALA B 54 32.46 26.43 30.89
CA ALA B 54 32.29 25.03 30.57
C ALA B 54 30.91 24.79 29.95
N SER B 55 30.78 23.65 29.29
CA SER B 55 29.52 23.25 28.66
C SER B 55 29.33 21.74 28.83
N SER B 56 28.07 21.31 28.69
CA SER B 56 27.72 19.90 28.67
C SER B 56 27.36 19.54 27.24
N LEU B 57 28.25 18.81 26.56
CA LEU B 57 28.07 18.46 25.17
C LEU B 57 27.50 17.05 25.00
N SER B 58 26.92 16.50 26.05
CA SER B 58 26.28 15.20 25.98
C SER B 58 25.35 15.07 27.18
N GLY B 59 24.47 14.08 27.12
CA GLY B 59 23.50 13.87 28.17
C GLY B 59 22.20 14.58 27.92
N ARG B 60 21.34 14.56 28.94
CA ARG B 60 20.01 15.13 28.82
C ARG B 60 20.07 16.63 28.56
N CYS B 61 20.87 17.34 29.34
CA CYS B 61 20.97 18.79 29.26
C CYS B 61 22.22 19.20 28.49
N TRP B 62 22.05 20.13 27.57
CA TRP B 62 23.15 20.71 26.79
C TRP B 62 23.27 22.19 27.18
N ALA B 63 23.71 22.45 28.41
CA ALA B 63 23.82 23.81 28.93
C ALA B 63 25.28 24.18 29.16
N GLY B 64 25.50 25.28 29.88
CA GLY B 64 26.84 25.76 30.17
C GLY B 64 26.91 26.42 31.52
N SER B 65 28.13 26.84 31.90
CA SER B 65 28.35 27.40 33.22
C SER B 65 29.60 28.27 33.21
N LEU B 66 29.60 29.27 34.08
CA LEU B 66 30.74 30.16 34.27
C LEU B 66 31.19 30.10 35.72
N TRP B 67 32.50 30.18 35.94
CA TRP B 67 33.07 30.05 37.27
C TRP B 67 34.26 30.98 37.44
N LEU B 68 34.40 31.54 38.63
CA LEU B 68 35.53 32.36 39.02
C LEU B 68 36.19 31.71 40.23
N PHE B 69 37.51 31.51 40.15
CA PHE B 69 38.31 30.87 41.19
C PHE B 69 39.41 31.85 41.60
N LYS B 70 39.25 32.47 42.77
CA LYS B 70 40.35 33.23 43.35
C LYS B 70 41.47 32.32 43.83
N ASP B 71 41.17 31.06 44.13
CA ASP B 71 42.19 30.05 44.39
C ASP B 71 42.38 29.25 43.12
N PRO B 72 43.50 29.38 42.41
CA PRO B 72 43.61 28.70 41.11
C PRO B 72 43.75 27.19 41.22
N CYS B 73 44.51 26.70 42.20
CA CYS B 73 44.72 25.27 42.34
C CYS B 73 43.48 24.53 42.84
N ALA B 74 42.45 25.26 43.28
CA ALA B 74 41.21 24.62 43.70
C ALA B 74 40.34 24.21 42.53
N ALA B 75 40.54 24.81 41.36
CA ALA B 75 39.78 24.44 40.18
C ALA B 75 40.17 23.04 39.72
N PRO B 76 39.27 22.31 39.06
CA PRO B 76 37.91 22.67 38.67
C PRO B 76 36.85 22.31 39.72
N ASN B 77 37.26 22.01 40.95
CA ASN B 77 36.31 21.59 41.98
C ASN B 77 35.32 22.69 42.28
N GLU B 78 34.02 22.40 42.10
CA GLU B 78 32.99 23.40 42.31
C GLU B 78 32.78 23.73 43.77
N GLY B 79 33.27 22.90 44.69
CA GLY B 79 33.11 23.19 46.10
C GLY B 79 33.97 24.34 46.58
N PHE B 80 35.27 24.29 46.26
CA PHE B 80 36.20 25.35 46.65
C PHE B 80 36.23 26.42 45.55
N CYS B 81 35.08 27.08 45.41
CA CYS B 81 34.86 28.03 44.32
C CYS B 81 34.59 29.42 44.87
N SER B 82 34.97 30.43 44.08
CA SER B 82 34.75 31.83 44.47
C SER B 82 33.44 32.39 43.92
N ALA B 83 33.05 31.99 42.71
CA ALA B 83 31.77 32.42 42.16
C ALA B 83 31.36 31.47 41.04
N GLY B 84 30.06 31.25 40.90
CA GLY B 84 29.58 30.34 39.86
C GLY B 84 28.19 30.72 39.40
N VAL B 85 27.91 30.42 38.13
CA VAL B 85 26.60 30.67 37.55
C VAL B 85 26.31 29.63 36.47
N GLN B 86 25.05 29.25 36.38
CA GLN B 86 24.57 28.27 35.41
C GLN B 86 23.83 29.01 34.29
N THR B 87 24.29 28.83 33.05
CA THR B 87 23.67 29.48 31.92
C THR B 87 22.63 28.55 31.29
N GLU B 88 21.74 29.15 30.50
CA GLU B 88 20.67 28.38 29.86
C GLU B 88 21.24 27.47 28.78
N ALA B 89 22.23 27.94 28.03
CA ALA B 89 22.82 27.19 26.94
C ALA B 89 24.33 27.12 27.11
N GLY B 90 24.97 26.32 26.27
CA GLY B 90 26.40 26.13 26.37
C GLY B 90 27.18 27.36 25.94
N VAL B 91 28.48 27.33 26.24
CA VAL B 91 29.39 28.42 25.91
C VAL B 91 30.41 27.91 24.91
N ALA B 92 30.63 28.67 23.84
CA ALA B 92 31.59 28.29 22.82
C ALA B 92 32.92 29.01 22.98
N ASP B 93 32.89 30.32 23.23
CA ASP B 93 34.10 31.09 23.48
C ASP B 93 33.83 32.05 24.63
N LEU B 94 34.91 32.58 25.20
CA LEU B 94 34.83 33.42 26.38
C LEU B 94 35.98 34.42 26.35
N THR B 95 35.78 35.56 27.01
CA THR B 95 36.83 36.56 27.10
C THR B 95 36.50 37.55 28.21
N TRP B 96 37.54 38.07 28.84
CA TRP B 96 37.36 39.07 29.88
C TRP B 96 37.02 40.43 29.28
N VAL B 97 36.25 41.21 30.02
CA VAL B 97 36.00 42.61 29.69
C VAL B 97 36.44 43.45 30.87
N GLY B 98 37.74 43.74 30.94
CA GLY B 98 38.29 44.47 32.06
C GLY B 98 38.57 43.56 33.24
N GLU B 99 37.91 43.81 34.37
CA GLU B 99 38.08 43.01 35.58
C GLU B 99 36.78 42.44 36.12
N ARG B 100 35.62 42.99 35.72
CA ARG B 100 34.34 42.54 36.22
C ARG B 100 33.39 42.06 35.13
N GLY B 101 33.72 42.27 33.86
CA GLY B 101 32.84 41.89 32.75
C GLY B 101 33.31 40.60 32.10
N ILE B 102 32.35 39.73 31.78
CA ILE B 102 32.61 38.45 31.14
C ILE B 102 31.76 38.36 29.88
N LEU B 103 32.40 38.23 28.74
CA LEU B 103 31.72 38.17 27.45
C LEU B 103 31.62 36.72 26.99
N VAL B 104 30.42 36.32 26.57
CA VAL B 104 30.09 34.92 26.30
C VAL B 104 29.49 34.82 24.91
N ALA B 105 30.01 33.88 24.12
CA ALA B 105 29.38 33.45 22.88
C ALA B 105 28.60 32.17 23.16
N SER B 106 27.29 32.20 22.93
CA SER B 106 26.44 31.10 23.34
C SER B 106 26.00 30.28 22.13
N ASP B 107 25.65 29.01 22.40
CA ASP B 107 25.11 28.16 21.34
C ASP B 107 23.78 28.68 20.82
N SER B 108 23.05 29.42 21.65
CA SER B 108 21.75 29.97 21.28
C SER B 108 21.83 31.06 20.22
N GLY B 109 23.01 31.31 19.68
CA GLY B 109 23.23 32.44 18.80
C GLY B 109 23.36 33.77 19.50
N ALA B 110 23.42 33.77 20.83
CA ALA B 110 23.42 35.01 21.59
C ALA B 110 24.84 35.41 21.97
N VAL B 111 25.04 36.73 22.10
CA VAL B 111 26.20 37.30 22.75
C VAL B 111 25.73 37.85 24.09
N GLU B 112 26.39 37.42 25.16
CA GLU B 112 25.91 37.68 26.51
C GLU B 112 27.02 38.31 27.34
N LEU B 113 26.71 39.42 27.99
CA LEU B 113 27.65 40.06 28.91
C LEU B 113 27.14 39.86 30.34
N TRP B 114 27.97 39.22 31.15
CA TRP B 114 27.70 38.98 32.56
C TRP B 114 28.58 39.90 33.40
N GLU B 115 27.98 40.59 34.36
CA GLU B 115 28.72 41.45 35.26
C GLU B 115 29.03 40.71 36.55
N LEU B 116 30.19 41.03 37.13
CA LEU B 116 30.62 40.43 38.39
C LEU B 116 30.09 41.25 39.56
N ASP B 117 29.62 40.57 40.59
CA ASP B 117 29.00 41.23 41.73
C ASP B 117 30.02 42.09 42.48
N GLU B 118 29.50 43.07 43.22
CA GLU B 118 30.34 43.94 44.04
C GLU B 118 31.22 43.12 44.97
N ASN B 119 30.63 42.12 45.65
CA ASN B 119 31.41 41.24 46.51
C ASN B 119 32.26 40.26 45.71
N GLU B 120 32.03 40.16 44.40
CA GLU B 120 32.67 39.15 43.56
C GLU B 120 32.35 37.73 44.05
N THR B 121 31.10 37.54 44.50
CA THR B 121 30.59 36.23 44.86
C THR B 121 29.46 35.76 43.94
N LEU B 122 28.78 36.68 43.27
CA LEU B 122 27.70 36.36 42.35
C LEU B 122 28.07 36.78 40.94
N ILE B 123 27.37 36.19 39.97
CA ILE B 123 27.55 36.53 38.55
C ILE B 123 26.16 36.76 37.97
N VAL B 124 25.93 37.96 37.46
CA VAL B 124 24.61 38.37 36.96
C VAL B 124 24.74 38.75 35.50
N SER B 125 23.70 38.43 34.73
CA SER B 125 23.68 38.72 33.30
C SER B 125 23.29 40.18 33.08
N LYS B 126 24.23 40.97 32.54
CA LYS B 126 23.93 42.36 32.20
C LYS B 126 23.10 42.43 30.92
N PHE B 127 23.53 41.74 29.86
CA PHE B 127 22.66 41.68 28.69
C PHE B 127 22.87 40.36 27.96
N CYS B 128 21.91 40.03 27.10
CA CYS B 128 21.95 38.80 26.31
C CYS B 128 21.20 39.09 25.02
N LYS B 129 21.94 39.36 23.95
CA LYS B 129 21.36 39.81 22.69
C LYS B 129 21.49 38.71 21.64
N TYR B 130 20.36 38.41 20.99
CA TYR B 130 20.28 37.40 19.93
C TYR B 130 20.29 38.11 18.59
N GLU B 131 21.49 38.40 18.08
CA GLU B 131 21.64 39.00 16.76
C GLU B 131 22.26 38.07 15.73
N HIS B 132 23.06 37.11 16.17
CA HIS B 132 23.54 36.06 15.27
C HIS B 132 22.43 35.02 15.06
N ASP B 133 22.45 34.39 13.89
CA ASP B 133 21.43 33.40 13.56
C ASP B 133 21.83 31.99 13.99
N ASP B 134 23.11 31.64 13.87
CA ASP B 134 23.60 30.33 14.26
C ASP B 134 24.49 30.46 15.50
N ILE B 135 25.22 29.39 15.80
CA ILE B 135 26.11 29.40 16.97
C ILE B 135 27.17 30.48 16.82
N VAL B 136 27.38 31.23 17.89
CA VAL B 136 28.48 32.20 17.95
C VAL B 136 29.71 31.43 18.43
N SER B 137 30.71 31.31 17.55
CA SER B 137 31.83 30.42 17.78
C SER B 137 33.08 31.11 18.32
N THR B 138 33.12 32.44 18.31
CA THR B 138 34.31 33.14 18.78
C THR B 138 33.95 34.58 19.13
N VAL B 139 34.65 35.13 20.12
CA VAL B 139 34.48 36.51 20.53
C VAL B 139 35.85 37.06 20.90
N SER B 140 36.02 38.37 20.73
CA SER B 140 37.28 39.02 21.05
C SER B 140 37.01 40.49 21.34
N VAL B 141 37.62 41.00 22.41
CA VAL B 141 37.43 42.39 22.83
C VAL B 141 38.49 43.25 22.16
N LEU B 142 38.06 44.37 21.60
CA LEU B 142 38.98 45.27 20.92
C LEU B 142 39.86 46.00 21.94
N SER B 143 40.79 46.82 21.44
CA SER B 143 41.81 47.40 22.30
C SER B 143 41.21 48.35 23.32
N SER B 144 40.18 49.12 22.93
CA SER B 144 39.62 50.12 23.82
C SER B 144 38.87 49.52 25.00
N GLY B 145 38.51 48.23 24.93
CA GLY B 145 37.72 47.63 25.98
C GLY B 145 36.27 48.07 26.01
N THR B 146 35.86 48.94 25.08
CA THR B 146 34.47 49.39 24.98
C THR B 146 33.72 48.75 23.83
N GLN B 147 34.42 48.11 22.89
CA GLN B 147 33.81 47.42 21.77
C GLN B 147 34.33 45.99 21.71
N ALA B 148 33.58 45.15 21.01
CA ALA B 148 33.96 43.75 20.85
C ALA B 148 33.61 43.28 19.44
N VAL B 149 34.20 42.16 19.05
CA VAL B 149 33.95 41.56 17.75
C VAL B 149 33.59 40.09 17.96
N SER B 150 32.63 39.60 17.19
CA SER B 150 32.14 38.24 17.34
C SER B 150 31.99 37.58 15.98
N GLY B 151 32.39 36.31 15.91
CA GLY B 151 32.21 35.50 14.73
C GLY B 151 31.28 34.34 15.03
N SER B 152 30.49 33.95 14.04
CA SER B 152 29.47 32.94 14.24
C SER B 152 29.44 31.98 13.07
N LYS B 153 28.75 30.86 13.27
CA LYS B 153 28.53 29.90 12.19
C LYS B 153 27.54 30.38 11.15
N ASP B 154 26.99 31.58 11.31
CA ASP B 154 26.07 32.13 10.32
C ASP B 154 26.87 32.97 9.32
N ILE B 155 28.14 32.62 9.15
N ILE B 155 28.13 32.60 9.12
CA ILE B 155 29.06 33.19 8.16
CA ILE B 155 29.03 33.19 8.13
C ILE B 155 29.31 34.67 8.46
C ILE B 155 29.30 34.67 8.44
N CYS B 156 28.57 35.24 9.38
CA CYS B 156 28.63 36.67 9.65
C CYS B 156 29.62 37.01 10.77
N ILE B 157 30.04 38.28 10.77
CA ILE B 157 30.89 38.85 11.81
C ILE B 157 30.23 40.14 12.28
N LYS B 158 30.20 40.36 13.59
CA LYS B 158 29.48 41.50 14.13
C LYS B 158 30.35 42.29 15.12
N VAL B 159 30.26 43.61 15.02
CA VAL B 159 30.96 44.52 15.93
C VAL B 159 29.93 45.09 16.91
N TRP B 160 30.30 45.11 18.19
CA TRP B 160 29.38 45.44 19.27
C TRP B 160 29.92 46.58 20.11
N ASP B 161 29.06 47.54 20.43
CA ASP B 161 29.33 48.54 21.44
C ASP B 161 28.80 48.01 22.77
N LEU B 162 29.71 47.58 23.65
CA LEU B 162 29.31 46.89 24.87
C LEU B 162 28.53 47.80 25.81
N ALA B 163 28.86 49.09 25.85
CA ALA B 163 28.14 50.00 26.74
C ALA B 163 26.70 50.21 26.28
N GLN B 164 26.52 50.51 24.99
CA GLN B 164 25.19 50.77 24.47
C GLN B 164 24.40 49.49 24.25
N GLN B 165 25.07 48.34 24.22
CA GLN B 165 24.42 47.03 24.07
C GLN B 165 23.72 46.92 22.71
N VAL B 166 24.41 47.34 21.66
CA VAL B 166 23.89 47.28 20.29
C VAL B 166 25.00 46.81 19.36
N VAL B 167 24.60 46.49 18.13
CA VAL B 167 25.53 46.06 17.10
C VAL B 167 25.75 47.23 16.15
N LEU B 168 26.97 47.77 16.13
CA LEU B 168 27.27 48.89 15.27
C LEU B 168 27.35 48.46 13.80
N SER B 169 28.15 47.45 13.50
CA SER B 169 28.36 46.99 12.13
C SER B 169 28.18 45.48 12.06
N SER B 170 27.65 45.02 10.93
CA SER B 170 27.45 43.59 10.67
C SER B 170 27.94 43.30 9.26
N TYR B 171 28.95 42.43 9.16
CA TYR B 171 29.61 42.12 7.90
C TYR B 171 29.35 40.67 7.53
N ARG B 172 29.18 40.43 6.23
CA ARG B 172 29.13 39.09 5.66
C ARG B 172 30.27 39.02 4.63
N ALA B 173 31.49 38.79 5.12
CA ALA B 173 32.67 38.81 4.27
C ALA B 173 33.11 37.42 3.85
N HIS B 174 32.83 36.39 4.65
CA HIS B 174 33.26 35.04 4.35
C HIS B 174 32.18 34.31 3.57
N ALA B 175 32.48 33.06 3.21
CA ALA B 175 31.53 32.18 2.54
C ALA B 175 31.34 30.87 3.30
N ALA B 176 31.87 30.78 4.53
CA ALA B 176 31.73 29.59 5.34
C ALA B 176 31.75 30.01 6.80
N GLN B 177 31.66 29.03 7.70
CA GLN B 177 31.60 29.31 9.13
C GLN B 177 32.85 30.05 9.58
N VAL B 178 32.65 31.13 10.33
CA VAL B 178 33.76 31.89 10.88
C VAL B 178 34.36 31.10 12.03
N THR B 179 35.63 30.68 11.88
CA THR B 179 36.31 29.86 12.87
C THR B 179 36.92 30.68 14.00
N CYS B 180 37.48 31.85 13.70
CA CYS B 180 38.12 32.63 14.76
C CYS B 180 38.11 34.11 14.42
N VAL B 181 37.96 34.94 15.45
CA VAL B 181 38.18 36.39 15.36
C VAL B 181 39.13 36.78 16.47
N ALA B 182 40.07 37.67 16.15
CA ALA B 182 41.12 38.06 17.09
C ALA B 182 41.35 39.55 16.95
N ALA B 183 40.97 40.31 17.97
CA ALA B 183 41.10 41.76 17.91
C ALA B 183 42.57 42.16 18.05
N SER B 184 42.96 43.21 17.32
CA SER B 184 44.31 43.72 17.44
C SER B 184 44.52 44.28 18.85
N PRO B 185 45.69 44.04 19.46
CA PRO B 185 45.84 44.40 20.88
C PRO B 185 45.92 45.90 21.14
N HIS B 186 46.27 46.71 20.14
CA HIS B 186 46.49 48.13 20.37
C HIS B 186 45.60 49.06 19.55
N LYS B 187 45.08 48.61 18.40
CA LYS B 187 44.24 49.43 17.55
C LYS B 187 42.80 48.97 17.63
N ASP B 188 41.88 49.93 17.74
CA ASP B 188 40.47 49.66 17.98
C ASP B 188 39.68 49.43 16.69
N SER B 189 40.28 49.66 15.52
CA SER B 189 39.60 49.50 14.25
C SER B 189 40.09 48.29 13.46
N VAL B 190 41.04 47.53 13.99
CA VAL B 190 41.70 46.46 13.26
C VAL B 190 41.51 45.15 14.00
N PHE B 191 41.24 44.07 13.25
CA PHE B 191 41.16 42.74 13.83
C PHE B 191 41.32 41.70 12.71
N LEU B 192 41.71 40.50 13.11
CA LEU B 192 41.84 39.39 12.19
C LEU B 192 40.63 38.46 12.29
N SER B 193 40.31 37.82 11.17
CA SER B 193 39.28 36.79 11.15
C SER B 193 39.72 35.66 10.24
N CYS B 194 39.25 34.46 10.55
CA CYS B 194 39.53 33.30 9.71
C CYS B 194 38.33 32.36 9.75
N SER B 195 38.02 31.77 8.60
CA SER B 195 36.81 30.98 8.43
C SER B 195 37.15 29.71 7.66
N GLU B 196 36.14 28.87 7.46
CA GLU B 196 36.29 27.62 6.72
C GLU B 196 36.30 27.82 5.20
N ASP B 197 36.12 29.05 4.73
CA ASP B 197 36.30 29.37 3.32
C ASP B 197 37.76 29.56 2.95
N ASN B 198 38.68 29.19 3.84
CA ASN B 198 40.12 29.27 3.66
C ASN B 198 40.61 30.71 3.54
N ARG B 199 39.84 31.67 4.03
CA ARG B 199 40.20 33.08 3.96
C ARG B 199 40.69 33.57 5.32
N ILE B 200 41.86 34.21 5.31
CA ILE B 200 42.32 35.00 6.46
C ILE B 200 42.15 36.46 6.08
N LEU B 201 41.38 37.19 6.90
CA LEU B 201 41.01 38.57 6.61
C LEU B 201 41.58 39.48 7.67
N LEU B 202 42.36 40.47 7.24
CA LEU B 202 42.76 41.58 8.08
C LEU B 202 41.76 42.72 7.88
N TRP B 203 41.31 43.31 8.97
CA TRP B 203 40.23 44.28 8.90
C TRP B 203 40.73 45.67 9.30
N ASP B 204 39.99 46.67 8.83
CA ASP B 204 40.27 48.07 9.15
C ASP B 204 38.95 48.83 8.95
N THR B 205 38.16 48.92 10.02
CA THR B 205 36.80 49.45 9.91
C THR B 205 36.77 50.88 9.38
N ARG B 206 37.90 51.58 9.38
CA ARG B 206 37.94 52.92 8.82
C ARG B 206 37.88 52.91 7.30
N CYS B 207 38.37 51.83 6.67
CA CYS B 207 38.36 51.74 5.22
C CYS B 207 36.94 51.47 4.72
N PRO B 208 36.65 51.82 3.46
CA PRO B 208 35.32 51.52 2.88
C PRO B 208 35.11 50.02 2.73
N LYS B 209 36.11 49.33 2.18
CA LYS B 209 36.14 47.87 2.16
C LYS B 209 37.06 47.41 3.27
N PRO B 210 36.54 47.16 4.48
CA PRO B 210 37.45 46.92 5.62
C PRO B 210 38.24 45.63 5.51
N ALA B 211 37.66 44.57 4.95
CA ALA B 211 38.35 43.29 4.90
C ALA B 211 39.41 43.27 3.80
N SER B 212 40.47 42.50 4.05
CA SER B 212 41.56 42.33 3.10
C SER B 212 42.13 40.93 3.26
N GLN B 213 42.17 40.17 2.17
CA GLN B 213 42.61 38.77 2.22
C GLN B 213 44.12 38.72 2.29
N ILE B 214 44.66 38.00 3.28
CA ILE B 214 46.09 37.84 3.46
C ILE B 214 46.43 36.35 3.43
N GLY B 215 47.72 36.05 3.45
CA GLY B 215 48.21 34.67 3.42
C GLY B 215 48.20 34.07 2.03
N GLY B 220 46.79 26.81 1.31
CA GLY B 220 46.98 25.84 2.38
C GLY B 220 45.69 25.34 2.97
N TYR B 221 45.80 24.54 4.02
CA TYR B 221 44.62 23.99 4.67
C TYR B 221 43.94 25.04 5.54
N LEU B 222 42.74 24.72 6.00
CA LEU B 222 41.86 25.72 6.60
C LEU B 222 42.48 26.31 7.87
N PRO B 223 42.39 27.62 8.08
CA PRO B 223 42.85 28.21 9.33
C PRO B 223 41.84 27.97 10.44
N THR B 224 42.35 27.81 11.66
CA THR B 224 41.52 27.42 12.79
C THR B 224 41.73 28.33 14.00
N SER B 225 42.91 28.93 14.12
CA SER B 225 43.21 29.78 15.26
C SER B 225 44.03 30.98 14.82
N LEU B 226 43.87 32.08 15.54
CA LEU B 226 44.60 33.31 15.25
C LEU B 226 45.13 33.89 16.55
N ALA B 227 46.31 34.50 16.49
CA ALA B 227 46.92 35.10 17.67
C ALA B 227 47.83 36.25 17.24
N TRP B 228 47.51 37.45 17.71
CA TRP B 228 48.37 38.60 17.46
C TRP B 228 49.63 38.52 18.29
N HIS B 229 50.71 39.09 17.77
CA HIS B 229 51.93 39.19 18.56
C HIS B 229 51.80 40.33 19.56
N PRO B 230 52.22 40.12 20.82
CA PRO B 230 51.97 41.15 21.84
C PRO B 230 52.72 42.45 21.59
N GLN B 231 53.99 42.37 21.17
CA GLN B 231 54.78 43.58 20.97
C GLN B 231 54.57 44.16 19.56
N GLN B 232 54.96 43.41 18.54
CA GLN B 232 54.85 43.88 17.16
C GLN B 232 53.41 43.75 16.68
N SER B 233 52.81 44.88 16.30
CA SER B 233 51.44 44.90 15.82
C SER B 233 51.33 44.62 14.33
N GLU B 234 52.44 44.27 13.66
CA GLU B 234 52.45 43.99 12.24
C GLU B 234 52.54 42.50 11.92
N VAL B 235 52.77 41.65 12.92
CA VAL B 235 52.94 40.22 12.71
C VAL B 235 51.94 39.47 13.57
N PHE B 236 51.64 38.24 13.13
CA PHE B 236 50.73 37.38 13.87
C PHE B 236 51.05 35.92 13.52
N VAL B 237 50.33 35.01 14.15
CA VAL B 237 50.48 33.57 13.92
C VAL B 237 49.10 32.94 13.77
N PHE B 238 49.04 31.90 12.96
CA PHE B 238 47.79 31.16 12.77
C PHE B 238 48.09 29.67 12.68
N GLY B 239 47.20 28.87 13.28
CA GLY B 239 47.26 27.42 13.17
C GLY B 239 46.23 26.93 12.16
N ASP B 240 46.51 25.78 11.57
CA ASP B 240 45.59 25.23 10.59
C ASP B 240 45.00 23.91 11.10
N GLU B 241 44.17 23.28 10.27
CA GLU B 241 43.52 22.03 10.63
C GLU B 241 44.45 20.83 10.50
N ASN B 242 45.57 20.98 9.80
CA ASN B 242 46.52 19.90 9.62
C ASN B 242 47.62 19.87 10.69
N GLY B 243 47.51 20.72 11.71
CA GLY B 243 48.48 20.73 12.78
C GLY B 243 49.71 21.55 12.52
N THR B 244 49.62 22.57 11.68
CA THR B 244 50.75 23.42 11.33
C THR B 244 50.51 24.83 11.86
N VAL B 245 51.51 25.40 12.51
CA VAL B 245 51.47 26.76 13.04
C VAL B 245 52.40 27.63 12.21
N SER B 246 51.90 28.77 11.76
CA SER B 246 52.65 29.64 10.86
C SER B 246 52.71 31.06 11.41
N LEU B 247 53.82 31.73 11.11
CA LEU B 247 54.08 33.11 11.48
C LEU B 247 54.13 33.97 10.23
N VAL B 248 53.30 35.03 10.22
CA VAL B 248 53.09 35.89 9.06
C VAL B 248 53.29 37.34 9.47
N ASP B 249 53.80 38.13 8.53
CA ASP B 249 53.94 39.57 8.69
C ASP B 249 53.02 40.26 7.68
N THR B 250 52.15 41.15 8.18
CA THR B 250 51.15 41.77 7.31
C THR B 250 51.79 42.65 6.24
N LYS B 251 52.95 43.22 6.51
CA LYS B 251 53.62 44.05 5.52
C LYS B 251 54.06 43.23 4.31
N SER B 252 54.74 42.10 4.57
CA SER B 252 55.19 41.23 3.49
C SER B 252 54.08 40.33 2.95
N THR B 253 52.91 40.32 3.59
CA THR B 253 51.77 39.46 3.30
C THR B 253 52.18 38.10 2.74
N SER B 254 53.16 37.47 3.38
CA SER B 254 53.63 36.15 2.99
C SER B 254 53.94 35.35 4.24
N CYS B 255 53.68 34.04 4.17
CA CYS B 255 53.98 33.14 5.28
C CYS B 255 55.48 33.10 5.55
N VAL B 256 55.93 33.86 6.55
CA VAL B 256 57.37 33.97 6.78
C VAL B 256 57.92 32.68 7.40
N LEU B 257 57.12 31.98 8.20
CA LEU B 257 57.63 30.75 8.80
C LEU B 257 56.47 29.79 9.05
N SER B 258 56.79 28.50 9.08
CA SER B 258 55.78 27.49 9.36
C SER B 258 56.44 26.30 10.05
N SER B 259 55.69 25.64 10.91
CA SER B 259 56.21 24.50 11.67
C SER B 259 55.10 23.49 11.88
N ALA B 260 55.43 22.21 11.64
CA ALA B 260 54.50 21.11 11.88
C ALA B 260 54.60 20.72 13.34
N VAL B 261 53.79 21.38 14.17
CA VAL B 261 53.86 21.20 15.62
C VAL B 261 53.01 20.02 16.07
N HIS B 262 51.76 19.95 15.63
CA HIS B 262 50.81 18.96 16.11
C HIS B 262 50.44 17.97 15.01
N SER B 263 49.89 16.84 15.44
CA SER B 263 49.42 15.83 14.49
C SER B 263 47.97 16.08 14.06
N GLN B 264 47.22 16.86 14.83
CA GLN B 264 45.83 17.15 14.49
C GLN B 264 45.56 18.65 14.53
N CYS B 265 44.29 19.03 14.37
CA CYS B 265 43.92 20.43 14.21
C CYS B 265 44.40 21.27 15.38
N VAL B 266 44.82 22.50 15.08
CA VAL B 266 45.29 23.45 16.08
C VAL B 266 44.11 24.30 16.52
N THR B 267 43.80 24.28 17.82
CA THR B 267 42.59 24.93 18.31
C THR B 267 42.84 26.26 19.00
N GLY B 268 44.06 26.56 19.40
CA GLY B 268 44.33 27.80 20.11
C GLY B 268 45.80 28.16 20.10
N LEU B 269 46.07 29.46 20.09
CA LEU B 269 47.44 29.97 20.15
C LEU B 269 47.43 31.16 21.11
N VAL B 270 48.25 31.08 22.17
CA VAL B 270 48.29 32.11 23.20
C VAL B 270 49.74 32.47 23.48
N PHE B 271 50.08 33.75 23.37
CA PHE B 271 51.43 34.17 23.68
C PHE B 271 51.61 34.38 25.17
N SER B 272 52.87 34.28 25.61
CA SER B 272 53.21 34.53 27.00
C SER B 272 53.40 36.02 27.25
N PRO B 273 53.16 36.48 28.48
CA PRO B 273 53.33 37.92 28.76
C PRO B 273 54.78 38.37 28.83
N HIS B 274 55.75 37.44 28.73
CA HIS B 274 57.16 37.81 28.79
C HIS B 274 57.52 38.81 27.70
N SER B 275 58.60 39.55 27.95
CA SER B 275 59.15 40.43 26.92
C SER B 275 59.61 39.61 25.72
N VAL B 276 60.29 38.50 25.97
CA VAL B 276 60.57 37.50 24.94
C VAL B 276 59.42 36.50 24.96
N PRO B 277 58.49 36.59 24.01
CA PRO B 277 57.22 35.86 24.16
C PRO B 277 57.33 34.40 23.80
N PHE B 278 56.86 33.53 24.70
CA PHE B 278 56.64 32.13 24.39
C PHE B 278 55.24 31.96 23.83
N LEU B 279 55.07 30.96 22.95
CA LEU B 279 53.81 30.75 22.26
C LEU B 279 53.28 29.35 22.59
N ALA B 280 52.18 29.30 23.35
CA ALA B 280 51.52 28.04 23.66
C ALA B 280 50.54 27.70 22.55
N SER B 281 50.67 26.49 22.01
CA SER B 281 49.83 25.99 20.94
C SER B 281 49.04 24.80 21.45
N LEU B 282 47.74 24.79 21.15
CA LEU B 282 46.79 23.78 21.58
C LEU B 282 46.32 23.00 20.36
N SER B 283 45.79 21.80 20.59
CA SER B 283 45.39 20.97 19.47
C SER B 283 44.40 19.92 19.93
N GLU B 284 43.75 19.28 18.96
CA GLU B 284 42.84 18.18 19.20
C GLU B 284 43.58 16.86 19.39
N ASP B 285 44.90 16.83 19.20
CA ASP B 285 45.69 15.65 19.53
C ASP B 285 45.92 15.51 21.02
N CYS B 286 45.26 16.32 21.84
CA CYS B 286 45.29 16.25 23.30
C CYS B 286 46.65 16.63 23.87
N SER B 287 47.43 17.44 23.16
CA SER B 287 48.74 17.85 23.62
C SER B 287 48.87 19.37 23.61
N LEU B 288 49.81 19.86 24.40
CA LEU B 288 50.15 21.29 24.47
C LEU B 288 51.61 21.44 24.09
N ALA B 289 51.92 22.47 23.31
CA ALA B 289 53.31 22.73 22.92
C ALA B 289 53.67 24.17 23.25
N VAL B 290 54.93 24.38 23.63
CA VAL B 290 55.46 25.72 23.87
C VAL B 290 56.55 25.98 22.85
N LEU B 291 56.45 27.11 22.15
CA LEU B 291 57.33 27.45 21.04
C LEU B 291 58.03 28.77 21.32
N ASP B 292 59.20 28.94 20.72
CA ASP B 292 60.02 30.12 20.89
C ASP B 292 59.75 31.09 19.73
N SER B 293 60.70 31.99 19.47
CA SER B 293 60.54 32.95 18.38
C SER B 293 60.62 32.28 17.01
N SER B 294 61.43 31.23 16.89
CA SER B 294 61.60 30.52 15.63
C SER B 294 60.64 29.33 15.50
N LEU B 295 59.59 29.28 16.32
CA LEU B 295 58.59 28.22 16.26
C LEU B 295 59.20 26.83 16.48
N SER B 296 60.13 26.75 17.43
CA SER B 296 60.76 25.48 17.80
C SER B 296 60.14 24.97 19.11
N GLU B 297 59.99 23.66 19.19
CA GLU B 297 59.30 23.06 20.33
C GLU B 297 60.20 23.05 21.56
N LEU B 298 59.67 23.54 22.69
CA LEU B 298 60.40 23.52 23.95
C LEU B 298 59.74 22.55 24.92
N PHE B 299 58.63 22.97 25.53
CA PHE B 299 57.87 22.13 26.44
C PHE B 299 56.75 21.42 25.67
N ARG B 300 56.32 20.29 26.23
CA ARG B 300 55.23 19.52 25.63
C ARG B 300 54.63 18.65 26.72
N SER B 301 53.30 18.67 26.83
CA SER B 301 52.59 18.01 27.91
C SER B 301 51.53 17.10 27.34
N GLN B 302 51.62 15.80 27.67
CA GLN B 302 50.58 14.83 27.35
C GLN B 302 49.55 14.71 28.47
N ALA B 303 49.47 15.71 29.35
CA ALA B 303 48.69 15.56 30.58
C ALA B 303 47.21 15.35 30.29
N HIS B 304 46.69 16.02 29.27
CA HIS B 304 45.28 15.88 28.91
C HIS B 304 45.06 14.60 28.11
N ARG B 305 43.95 13.93 28.40
CA ARG B 305 43.53 12.76 27.65
C ARG B 305 42.35 13.05 26.74
N ASP B 306 42.02 14.32 26.53
CA ASP B 306 40.98 14.73 25.58
C ASP B 306 41.43 16.05 24.96
N PHE B 307 40.55 16.66 24.18
CA PHE B 307 40.89 17.89 23.46
C PHE B 307 41.33 18.97 24.45
N VAL B 308 42.37 19.72 24.07
CA VAL B 308 42.84 20.86 24.84
C VAL B 308 42.16 22.10 24.28
N ARG B 309 41.35 22.76 25.12
CA ARG B 309 40.47 23.84 24.69
C ARG B 309 41.09 25.22 24.89
N ASP B 310 41.57 25.54 26.09
CA ASP B 310 42.08 26.87 26.37
C ASP B 310 43.33 26.77 27.25
N ALA B 311 44.14 27.83 27.20
CA ALA B 311 45.40 27.88 27.95
C ALA B 311 45.77 29.34 28.17
N THR B 312 45.94 29.73 29.44
CA THR B 312 46.33 31.09 29.78
C THR B 312 47.52 31.09 30.72
N TRP B 313 48.35 32.12 30.60
CA TRP B 313 49.51 32.28 31.47
C TRP B 313 49.14 33.07 32.71
N SER B 314 49.81 32.76 33.81
CA SER B 314 49.54 33.45 35.06
C SER B 314 50.25 34.80 35.06
N PRO B 315 49.56 35.90 35.38
CA PRO B 315 50.25 37.19 35.52
C PRO B 315 51.08 37.29 36.78
N LEU B 316 50.90 36.38 37.74
CA LEU B 316 51.68 36.38 38.97
C LEU B 316 52.98 35.59 38.83
N ASN B 317 52.99 34.56 37.98
CA ASN B 317 54.20 33.84 37.61
C ASN B 317 54.15 33.63 36.10
N HIS B 318 55.04 34.30 35.38
CA HIS B 318 55.04 34.24 33.92
C HIS B 318 55.69 32.98 33.38
N SER B 319 56.02 32.01 34.23
CA SER B 319 56.41 30.68 33.79
C SER B 319 55.35 29.62 34.07
N LEU B 320 54.25 29.98 34.72
CA LEU B 320 53.16 29.04 34.96
C LEU B 320 52.11 29.18 33.88
N LEU B 321 51.58 28.05 33.42
CA LEU B 321 50.64 28.04 32.30
C LEU B 321 49.51 27.09 32.63
N THR B 322 48.28 27.58 32.67
CA THR B 322 47.11 26.79 33.05
C THR B 322 46.32 26.43 31.81
N THR B 323 46.08 25.12 31.61
CA THR B 323 45.35 24.60 30.47
C THR B 323 44.11 23.85 30.93
N VAL B 324 43.09 23.84 30.09
CA VAL B 324 41.87 23.09 30.34
C VAL B 324 41.52 22.25 29.12
N GLY B 325 40.65 21.28 29.32
CA GLY B 325 40.26 20.40 28.24
C GLY B 325 38.90 19.76 28.49
N TRP B 326 38.49 18.93 27.52
CA TRP B 326 37.22 18.23 27.61
C TRP B 326 37.27 17.01 28.53
N ASP B 327 38.44 16.69 29.10
CA ASP B 327 38.54 15.68 30.14
C ASP B 327 38.25 16.26 31.52
N HIS B 328 37.66 17.47 31.59
CA HIS B 328 37.36 18.15 32.85
C HIS B 328 38.60 18.32 33.72
N GLN B 329 39.76 18.43 33.09
CA GLN B 329 41.03 18.52 33.81
C GLN B 329 41.61 19.92 33.67
N VAL B 330 42.08 20.47 34.78
CA VAL B 330 42.72 21.78 34.82
C VAL B 330 44.16 21.55 35.22
N VAL B 331 45.08 21.69 34.27
CA VAL B 331 46.48 21.33 34.47
C VAL B 331 47.31 22.60 34.56
N HIS B 332 48.16 22.67 35.58
CA HIS B 332 49.12 23.76 35.74
C HIS B 332 50.50 23.25 35.36
N HIS B 333 51.09 23.87 34.34
CA HIS B 333 52.39 23.49 33.81
C HIS B 333 53.44 24.51 34.22
N VAL B 334 54.63 24.02 34.54
CA VAL B 334 55.79 24.85 34.85
C VAL B 334 56.71 24.83 33.63
N VAL B 335 56.96 25.99 33.06
CA VAL B 335 57.74 26.13 31.83
C VAL B 335 59.13 26.62 32.21
N PRO B 336 60.21 25.97 31.74
CA PRO B 336 61.58 26.38 32.08
C PRO B 336 61.95 27.73 31.47
N ARG C 21 -17.72 -7.45 16.35
CA ARG C 21 -18.88 -8.28 16.06
C ARG C 21 -18.70 -9.07 14.76
N VAL C 22 -19.77 -9.17 13.99
CA VAL C 22 -19.81 -10.02 12.80
C VAL C 22 -20.00 -9.15 11.57
N SER C 23 -19.18 -9.39 10.54
CA SER C 23 -19.41 -8.89 9.20
C SER C 23 -20.15 -9.95 8.40
N SER C 24 -21.20 -9.55 7.69
CA SER C 24 -22.13 -10.52 7.15
C SER C 24 -22.82 -9.98 5.91
N GLY C 25 -23.48 -10.89 5.19
CA GLY C 25 -24.25 -10.54 4.01
C GLY C 25 -25.41 -11.49 3.84
N ARG C 26 -26.33 -11.09 2.96
CA ARG C 26 -27.55 -11.84 2.68
C ARG C 26 -27.48 -12.40 1.27
N ASP C 27 -27.75 -13.70 1.11
CA ASP C 27 -27.72 -14.35 -0.19
C ASP C 27 -29.15 -14.50 -0.71
N LEU C 28 -29.43 -13.87 -1.84
CA LEU C 28 -30.75 -13.95 -2.46
C LEU C 28 -30.61 -14.33 -3.93
N ASN C 29 -31.50 -15.18 -4.40
CA ASN C 29 -31.61 -15.51 -5.82
C ASN C 29 -32.83 -14.86 -6.45
N CYS C 30 -33.53 -13.98 -5.72
CA CYS C 30 -34.70 -13.29 -6.22
C CYS C 30 -34.57 -11.81 -5.86
N VAL C 31 -34.38 -10.97 -6.87
CA VAL C 31 -34.26 -9.54 -6.67
C VAL C 31 -35.22 -8.83 -7.62
N PRO C 32 -36.44 -8.49 -7.17
CA PRO C 32 -37.38 -7.79 -8.06
C PRO C 32 -36.97 -6.34 -8.30
N GLU C 33 -36.74 -5.61 -7.22
CA GLU C 33 -36.28 -4.23 -7.27
C GLU C 33 -34.95 -4.17 -6.52
N ILE C 34 -33.87 -3.83 -7.23
CA ILE C 34 -32.55 -3.88 -6.62
C ILE C 34 -32.42 -2.85 -5.51
N ALA C 35 -33.01 -1.67 -5.69
CA ALA C 35 -32.94 -0.63 -4.66
C ALA C 35 -33.74 -1.03 -3.43
N ASP C 36 -34.97 -1.52 -3.63
CA ASP C 36 -35.79 -1.93 -2.49
C ASP C 36 -35.14 -3.10 -1.75
N THR C 37 -34.60 -4.06 -2.49
CA THR C 37 -33.94 -5.21 -1.86
C THR C 37 -32.72 -4.77 -1.07
N LEU C 38 -31.92 -3.87 -1.64
CA LEU C 38 -30.73 -3.40 -0.92
C LEU C 38 -31.11 -2.63 0.33
N GLY C 39 -32.12 -1.78 0.24
CA GLY C 39 -32.59 -1.07 1.42
C GLY C 39 -33.12 -2.01 2.49
N ALA C 40 -33.82 -3.07 2.07
CA ALA C 40 -34.33 -4.04 3.03
C ALA C 40 -33.20 -4.77 3.73
N VAL C 41 -32.22 -5.27 2.97
CA VAL C 41 -31.11 -5.99 3.60
C VAL C 41 -30.26 -5.06 4.43
N ALA C 42 -30.26 -3.76 4.12
CA ALA C 42 -29.53 -2.82 4.97
C ALA C 42 -30.28 -2.59 6.28
N LYS C 43 -31.61 -2.43 6.21
CA LYS C 43 -32.39 -2.26 7.43
C LYS C 43 -32.37 -3.51 8.30
N GLN C 44 -32.16 -4.67 7.69
CA GLN C 44 -32.04 -5.91 8.44
C GLN C 44 -30.69 -6.06 9.14
N GLY C 45 -29.73 -5.18 8.84
CA GLY C 45 -28.45 -5.17 9.51
C GLY C 45 -27.30 -5.81 8.75
N PHE C 46 -27.54 -6.30 7.53
CA PHE C 46 -26.50 -6.98 6.77
C PHE C 46 -25.50 -5.98 6.19
N ASP C 47 -24.26 -6.45 6.01
CA ASP C 47 -23.22 -5.59 5.48
C ASP C 47 -23.12 -5.66 3.96
N PHE C 48 -23.49 -6.79 3.35
CA PHE C 48 -23.47 -6.88 1.90
C PHE C 48 -24.57 -7.83 1.42
N LEU C 49 -24.70 -7.93 0.09
CA LEU C 49 -25.76 -8.70 -0.54
C LEU C 49 -25.18 -9.49 -1.72
N CYS C 50 -25.38 -10.80 -1.72
CA CYS C 50 -25.02 -11.64 -2.84
C CYS C 50 -26.26 -11.83 -3.72
N MET C 51 -26.17 -11.37 -4.96
CA MET C 51 -27.32 -11.34 -5.85
C MET C 51 -26.86 -11.65 -7.26
N PRO C 52 -27.77 -12.13 -8.12
CA PRO C 52 -27.40 -12.37 -9.52
C PRO C 52 -27.38 -11.07 -10.31
N VAL C 53 -26.42 -10.99 -11.23
CA VAL C 53 -26.34 -9.81 -12.10
C VAL C 53 -27.23 -9.94 -13.33
N PHE C 54 -27.48 -11.16 -13.77
CA PHE C 54 -28.53 -11.47 -14.74
C PHE C 54 -29.61 -12.30 -14.05
N HIS C 55 -30.82 -12.26 -14.58
CA HIS C 55 -31.91 -13.01 -13.97
C HIS C 55 -31.57 -14.49 -14.00
N PRO C 56 -31.73 -15.21 -12.89
CA PRO C 56 -31.25 -16.61 -12.83
C PRO C 56 -31.88 -17.53 -13.86
N ARG C 57 -33.14 -17.31 -14.21
CA ARG C 57 -33.83 -18.16 -15.18
C ARG C 57 -33.72 -17.65 -16.61
N PHE C 58 -33.05 -16.51 -16.83
CA PHE C 58 -32.99 -15.89 -18.15
C PHE C 58 -31.81 -16.47 -18.94
N LYS C 59 -32.01 -17.71 -19.39
CA LYS C 59 -30.98 -18.37 -20.19
C LYS C 59 -30.83 -17.67 -21.54
N ARG C 60 -29.58 -17.59 -22.02
CA ARG C 60 -29.26 -16.87 -23.24
C ARG C 60 -28.51 -17.78 -24.20
N GLU C 61 -28.75 -17.57 -25.50
CA GLU C 61 -28.12 -18.33 -26.55
C GLU C 61 -27.12 -17.46 -27.30
N PHE C 62 -25.94 -18.01 -27.61
CA PHE C 62 -24.86 -17.27 -28.22
C PHE C 62 -24.46 -17.77 -29.60
N ILE C 63 -25.00 -18.89 -30.07
CA ILE C 63 -24.57 -19.48 -31.33
C ILE C 63 -25.73 -19.58 -32.29
N GLN C 64 -26.75 -20.36 -31.94
CA GLN C 64 -27.82 -20.70 -32.87
C GLN C 64 -28.90 -19.63 -32.87
N GLU C 65 -29.31 -19.22 -34.07
CA GLU C 65 -30.47 -18.35 -34.22
C GLU C 65 -31.74 -19.18 -34.13
N PRO C 66 -32.89 -18.55 -33.83
CA PRO C 66 -33.17 -17.11 -33.67
C PRO C 66 -32.90 -16.55 -32.27
N ALA C 67 -32.82 -17.39 -31.24
CA ALA C 67 -32.63 -16.88 -29.88
C ALA C 67 -31.31 -16.13 -29.72
N LYS C 68 -30.36 -16.35 -30.63
CA LYS C 68 -29.11 -15.61 -30.65
C LYS C 68 -29.35 -14.10 -30.76
N ASN C 69 -30.40 -13.71 -31.49
CA ASN C 69 -30.69 -12.30 -31.72
C ASN C 69 -31.78 -11.76 -30.80
N ARG C 70 -31.82 -12.23 -29.56
CA ARG C 70 -32.82 -11.73 -28.62
C ARG C 70 -32.56 -10.26 -28.31
N PRO C 71 -33.56 -9.40 -28.49
CA PRO C 71 -33.33 -7.96 -28.26
C PRO C 71 -33.08 -7.66 -26.79
N GLY C 72 -32.18 -6.71 -26.55
CA GLY C 72 -31.87 -6.30 -25.20
C GLY C 72 -32.97 -5.45 -24.59
N PRO C 73 -32.74 -4.96 -23.37
CA PRO C 73 -31.53 -5.13 -22.55
C PRO C 73 -31.39 -6.53 -21.96
N GLN C 74 -30.15 -6.99 -21.74
CA GLN C 74 -29.94 -8.34 -21.24
C GLN C 74 -30.04 -8.43 -19.72
N THR C 75 -29.94 -7.30 -19.02
CA THR C 75 -30.05 -7.27 -17.57
C THR C 75 -30.35 -5.83 -17.15
N ARG C 76 -30.42 -5.61 -15.84
CA ARG C 76 -30.69 -4.29 -15.32
C ARG C 76 -29.47 -3.37 -15.52
N SER C 77 -29.72 -2.08 -15.47
CA SER C 77 -28.70 -1.08 -15.80
C SER C 77 -27.75 -0.87 -14.63
N ASP C 78 -26.53 -0.43 -14.95
CA ASP C 78 -25.54 -0.10 -13.94
C ASP C 78 -25.77 1.26 -13.30
N LEU C 79 -26.71 2.05 -13.82
CA LEU C 79 -27.02 3.35 -13.23
C LEU C 79 -27.85 3.24 -11.96
N LEU C 80 -28.43 2.07 -11.71
CA LEU C 80 -29.35 1.91 -10.59
C LEU C 80 -28.66 1.98 -9.23
N LEU C 81 -27.33 1.95 -9.19
CA LEU C 81 -26.58 2.08 -7.96
C LEU C 81 -25.40 3.00 -8.18
N SER C 82 -24.92 3.60 -7.09
CA SER C 82 -23.69 4.39 -7.17
C SER C 82 -22.49 3.46 -7.28
N GLY C 83 -21.37 4.04 -7.74
CA GLY C 83 -20.16 3.25 -7.87
C GLY C 83 -19.69 2.68 -6.55
N ARG C 84 -19.84 3.44 -5.47
CA ARG C 84 -19.46 2.95 -4.15
C ARG C 84 -20.29 1.75 -3.74
N ASP C 85 -21.59 1.76 -4.05
CA ASP C 85 -22.44 0.63 -3.70
C ASP C 85 -22.02 -0.62 -4.46
N TRP C 86 -21.73 -0.49 -5.75
CA TRP C 86 -21.21 -1.62 -6.51
C TRP C 86 -19.88 -2.10 -5.94
N ASN C 87 -19.03 -1.18 -5.49
CA ASN C 87 -17.70 -1.54 -5.03
C ASN C 87 -17.73 -2.24 -3.66
N THR C 88 -18.71 -1.93 -2.83
CA THR C 88 -18.67 -2.38 -1.45
C THR C 88 -19.80 -3.30 -1.04
N LEU C 89 -20.98 -3.22 -1.67
CA LEU C 89 -22.17 -3.86 -1.13
C LEU C 89 -22.72 -5.02 -1.94
N ILE C 90 -22.30 -5.17 -3.19
CA ILE C 90 -22.91 -6.14 -4.10
C ILE C 90 -21.89 -7.22 -4.44
N VAL C 91 -22.25 -8.47 -4.17
CA VAL C 91 -21.45 -9.63 -4.55
C VAL C 91 -22.19 -10.35 -5.67
N GLY C 92 -21.52 -10.50 -6.81
CA GLY C 92 -22.16 -11.13 -7.96
C GLY C 92 -22.28 -12.64 -7.80
N LYS C 93 -23.21 -13.21 -8.56
CA LYS C 93 -23.46 -14.64 -8.54
C LYS C 93 -23.57 -15.15 -9.97
N LEU C 94 -22.90 -16.27 -10.24
CA LEU C 94 -23.01 -16.91 -11.53
C LEU C 94 -24.39 -17.55 -11.68
N SER C 95 -25.03 -17.34 -12.83
CA SER C 95 -26.36 -17.87 -13.03
C SER C 95 -26.33 -19.40 -12.96
N PRO C 96 -27.32 -20.02 -12.31
CA PRO C 96 -27.25 -21.48 -12.10
C PRO C 96 -27.38 -22.31 -13.37
N TRP C 97 -27.91 -21.74 -14.45
CA TRP C 97 -28.06 -22.50 -15.70
C TRP C 97 -26.76 -22.62 -16.48
N ILE C 98 -25.73 -21.86 -16.10
CA ILE C 98 -24.45 -21.91 -16.81
C ILE C 98 -23.71 -23.17 -16.40
N ARG C 99 -23.44 -24.05 -17.36
CA ARG C 99 -22.80 -25.34 -17.13
C ARG C 99 -21.60 -25.48 -18.05
N PRO C 100 -20.44 -24.96 -17.65
CA PRO C 100 -19.26 -25.04 -18.53
C PRO C 100 -18.71 -26.45 -18.70
N ASP C 101 -19.04 -27.38 -17.80
CA ASP C 101 -18.52 -28.73 -17.85
C ASP C 101 -19.58 -29.74 -18.28
N SER C 102 -20.61 -29.30 -18.98
CA SER C 102 -21.67 -30.20 -19.44
C SER C 102 -21.10 -31.21 -20.43
N LYS C 103 -21.58 -32.45 -20.33
CA LYS C 103 -21.21 -33.48 -21.30
C LYS C 103 -21.74 -33.17 -22.70
N VAL C 104 -22.69 -32.25 -22.83
CA VAL C 104 -23.21 -31.85 -24.13
C VAL C 104 -22.33 -30.73 -24.67
N GLU C 105 -21.85 -30.89 -25.91
CA GLU C 105 -20.90 -29.94 -26.47
C GLU C 105 -21.54 -28.58 -26.69
N LYS C 106 -22.78 -28.56 -27.17
CA LYS C 106 -23.48 -27.29 -27.40
C LYS C 106 -23.62 -26.50 -26.11
N ILE C 107 -24.10 -27.17 -25.05
CA ILE C 107 -24.29 -26.49 -23.77
C ILE C 107 -22.95 -26.00 -23.23
N ARG C 108 -21.89 -26.79 -23.44
CA ARG C 108 -20.57 -26.38 -22.98
C ARG C 108 -20.11 -25.11 -23.68
N ARG C 109 -20.18 -25.09 -25.01
CA ARG C 109 -19.77 -23.91 -25.77
C ARG C 109 -20.60 -22.69 -25.39
N ASN C 110 -21.91 -22.88 -25.17
CA ASN C 110 -22.77 -21.76 -24.83
C ASN C 110 -22.47 -21.24 -23.43
N SER C 111 -22.25 -22.15 -22.47
CA SER C 111 -21.98 -21.74 -21.11
C SER C 111 -20.62 -21.08 -20.97
N GLU C 112 -19.66 -21.43 -21.82
CA GLU C 112 -18.40 -20.69 -21.84
C GLU C 112 -18.65 -19.19 -22.07
N ALA C 113 -19.38 -18.87 -23.14
CA ALA C 113 -19.66 -17.47 -23.45
C ALA C 113 -20.53 -16.83 -22.38
N ALA C 114 -21.48 -17.58 -21.82
CA ALA C 114 -22.32 -17.02 -20.77
C ALA C 114 -21.51 -16.67 -19.52
N MET C 115 -20.62 -17.57 -19.11
CA MET C 115 -19.78 -17.31 -17.95
C MET C 115 -18.85 -16.13 -18.20
N LEU C 116 -18.26 -16.06 -19.40
CA LEU C 116 -17.45 -14.90 -19.74
C LEU C 116 -18.26 -13.61 -19.67
N GLN C 117 -19.49 -13.63 -20.19
CA GLN C 117 -20.35 -12.46 -20.16
C GLN C 117 -20.62 -12.00 -18.74
N GLU C 118 -21.00 -12.94 -17.87
CA GLU C 118 -21.36 -12.56 -16.50
C GLU C 118 -20.13 -12.09 -15.71
N LEU C 119 -18.98 -12.74 -15.90
CA LEU C 119 -17.78 -12.31 -15.21
C LEU C 119 -17.33 -10.94 -15.70
N ASN C 120 -17.41 -10.69 -17.01
CA ASN C 120 -17.04 -9.39 -17.54
C ASN C 120 -17.97 -8.30 -17.05
N PHE C 121 -19.27 -8.59 -16.92
CA PHE C 121 -20.19 -7.59 -16.40
C PHE C 121 -19.92 -7.32 -14.92
N GLY C 122 -19.61 -8.37 -14.16
CA GLY C 122 -19.25 -8.16 -12.76
C GLY C 122 -18.00 -7.31 -12.60
N ALA C 123 -17.00 -7.53 -13.46
CA ALA C 123 -15.80 -6.68 -13.42
C ALA C 123 -16.11 -5.28 -13.89
N TYR C 124 -17.04 -5.14 -14.84
CA TYR C 124 -17.45 -3.83 -15.32
C TYR C 124 -18.11 -3.02 -14.21
N LEU C 125 -18.91 -3.68 -13.37
CA LEU C 125 -19.50 -3.00 -12.22
C LEU C 125 -18.48 -2.70 -11.14
N GLY C 126 -17.33 -3.36 -11.16
CA GLY C 126 -16.35 -3.19 -10.10
C GLY C 126 -16.74 -3.88 -8.80
N LEU C 127 -17.35 -5.06 -8.91
CA LEU C 127 -17.82 -5.76 -7.72
C LEU C 127 -16.64 -6.30 -6.91
N PRO C 128 -16.72 -6.28 -5.58
CA PRO C 128 -15.59 -6.74 -4.77
C PRO C 128 -15.39 -8.24 -4.81
N ALA C 129 -16.43 -9.03 -5.12
CA ALA C 129 -16.30 -10.48 -5.16
C ALA C 129 -17.36 -11.04 -6.09
N PHE C 130 -17.14 -12.25 -6.56
CA PHE C 130 -18.06 -12.92 -7.47
C PHE C 130 -18.13 -14.40 -7.08
N LEU C 131 -19.34 -14.89 -6.84
CA LEU C 131 -19.55 -16.25 -6.38
C LEU C 131 -19.69 -17.20 -7.57
N LEU C 132 -18.93 -18.30 -7.53
CA LEU C 132 -19.05 -19.37 -8.50
C LEU C 132 -19.16 -20.71 -7.78
N PRO C 133 -20.00 -21.62 -8.26
CA PRO C 133 -20.27 -22.85 -7.50
C PRO C 133 -19.41 -24.04 -7.91
N LEU C 134 -19.09 -24.87 -6.92
CA LEU C 134 -18.45 -26.17 -7.15
C LEU C 134 -19.34 -27.23 -6.53
N ASN C 135 -19.99 -28.04 -7.38
CA ASN C 135 -20.88 -29.06 -6.86
C ASN C 135 -20.78 -30.35 -7.68
N GLN C 136 -19.60 -30.62 -8.25
CA GLN C 136 -19.30 -31.91 -8.86
C GLN C 136 -17.79 -32.06 -8.89
N GLU C 137 -17.32 -33.24 -9.31
CA GLU C 137 -15.90 -33.50 -9.29
C GLU C 137 -15.16 -32.79 -10.42
N ASP C 138 -15.75 -32.78 -11.62
CA ASP C 138 -15.10 -32.23 -12.80
C ASP C 138 -15.55 -30.78 -13.00
N ASN C 139 -14.68 -29.85 -12.64
CA ASN C 139 -14.87 -28.43 -12.93
C ASN C 139 -13.70 -27.89 -13.74
N THR C 140 -13.19 -28.73 -14.66
CA THR C 140 -11.96 -28.40 -15.38
C THR C 140 -12.18 -27.23 -16.34
N ASN C 141 -13.24 -27.29 -17.15
CA ASN C 141 -13.49 -26.22 -18.10
C ASN C 141 -13.93 -24.94 -17.40
N LEU C 142 -14.66 -25.06 -16.29
CA LEU C 142 -14.95 -23.90 -15.45
C LEU C 142 -13.66 -23.22 -15.00
N ALA C 143 -12.70 -24.03 -14.51
CA ALA C 143 -11.42 -23.48 -14.09
C ALA C 143 -10.68 -22.84 -15.25
N ARG C 144 -10.76 -23.45 -16.44
CA ARG C 144 -10.09 -22.90 -17.61
C ARG C 144 -10.65 -21.54 -17.97
N VAL C 145 -11.98 -21.43 -18.04
CA VAL C 145 -12.61 -20.16 -18.39
C VAL C 145 -12.29 -19.11 -17.34
N LEU C 146 -12.36 -19.47 -16.05
CA LEU C 146 -12.08 -18.49 -15.01
C LEU C 146 -10.62 -18.05 -15.04
N THR C 147 -9.70 -18.98 -15.27
CA THR C 147 -8.28 -18.65 -15.34
C THR C 147 -8.00 -17.73 -16.51
N ASN C 148 -8.64 -17.98 -17.65
CA ASN C 148 -8.47 -17.08 -18.79
C ASN C 148 -9.06 -15.71 -18.51
N HIS C 149 -10.18 -15.65 -17.81
CA HIS C 149 -10.78 -14.35 -17.46
C HIS C 149 -9.88 -13.57 -16.51
N ILE C 150 -9.21 -14.27 -15.58
CA ILE C 150 -8.33 -13.59 -14.64
C ILE C 150 -7.16 -12.95 -15.37
N HIS C 151 -6.57 -13.67 -16.32
CA HIS C 151 -5.42 -13.19 -17.06
C HIS C 151 -5.79 -12.36 -18.28
N THR C 152 -7.06 -11.97 -18.41
CA THR C 152 -7.52 -11.07 -19.46
C THR C 152 -7.93 -9.76 -18.79
N GLY C 153 -7.00 -8.81 -18.73
CA GLY C 153 -7.24 -7.57 -18.04
C GLY C 153 -7.17 -7.72 -16.54
N HIS C 154 -6.05 -7.33 -15.95
CA HIS C 154 -5.84 -7.47 -14.51
C HIS C 154 -6.73 -6.48 -13.75
N HIS C 155 -7.54 -7.00 -12.83
CA HIS C 155 -8.40 -6.19 -11.98
C HIS C 155 -8.19 -6.61 -10.53
N SER C 156 -8.87 -5.90 -9.62
CA SER C 156 -8.90 -6.29 -8.22
C SER C 156 -10.01 -7.28 -7.92
N SER C 157 -10.50 -7.99 -8.94
CA SER C 157 -11.63 -8.89 -8.76
C SER C 157 -11.25 -10.07 -7.87
N MET C 158 -12.14 -10.37 -6.92
CA MET C 158 -12.03 -11.54 -6.08
C MET C 158 -13.13 -12.53 -6.44
N PHE C 159 -12.85 -13.82 -6.27
CA PHE C 159 -13.79 -14.87 -6.66
C PHE C 159 -13.97 -15.84 -5.49
N TRP C 160 -15.21 -16.01 -5.07
CA TRP C 160 -15.56 -16.93 -3.98
C TRP C 160 -16.12 -18.22 -4.59
N MET C 161 -15.48 -19.34 -4.29
CA MET C 161 -15.90 -20.64 -4.80
C MET C 161 -16.84 -21.28 -3.78
N ARG C 162 -18.12 -21.39 -4.14
CA ARG C 162 -19.13 -21.99 -3.27
C ARG C 162 -18.90 -23.50 -3.24
N VAL C 163 -18.33 -23.99 -2.14
CA VAL C 163 -18.06 -25.41 -1.96
C VAL C 163 -18.85 -25.90 -0.75
N PRO C 164 -19.69 -26.91 -0.89
CA PRO C 164 -20.41 -27.43 0.28
C PRO C 164 -19.50 -28.28 1.16
N LEU C 165 -19.70 -28.15 2.47
CA LEU C 165 -18.93 -28.97 3.40
C LEU C 165 -19.21 -30.45 3.21
N VAL C 166 -20.44 -30.80 2.82
CA VAL C 166 -20.82 -32.16 2.48
C VAL C 166 -21.47 -32.14 1.11
N ALA C 167 -21.07 -33.07 0.25
CA ALA C 167 -21.60 -33.11 -1.10
C ALA C 167 -23.11 -33.38 -1.06
N PRO C 168 -23.88 -32.83 -2.01
CA PRO C 168 -25.33 -33.05 -1.99
C PRO C 168 -25.71 -34.51 -2.10
N GLU C 169 -24.89 -35.33 -2.76
CA GLU C 169 -25.19 -36.75 -2.87
C GLU C 169 -25.06 -37.45 -1.53
N ASP C 170 -24.08 -37.06 -0.72
CA ASP C 170 -23.85 -37.64 0.59
C ASP C 170 -24.67 -36.97 1.68
N LEU C 171 -25.59 -36.07 1.32
CA LEU C 171 -26.50 -35.45 2.26
C LEU C 171 -27.95 -35.80 2.01
N ARG C 172 -28.27 -36.43 0.88
CA ARG C 172 -29.65 -36.73 0.53
C ARG C 172 -30.26 -37.70 1.53
N ASP C 173 -31.59 -37.70 1.58
CA ASP C 173 -32.31 -38.62 2.46
C ASP C 173 -32.30 -40.02 1.86
N ASP C 174 -32.24 -41.03 2.73
CA ASP C 174 -32.24 -42.43 2.31
C ASP C 174 -33.68 -42.85 2.03
N ILE C 175 -34.24 -42.28 0.96
CA ILE C 175 -35.64 -42.49 0.63
C ILE C 175 -35.80 -43.01 -0.79
N ILE C 176 -34.70 -43.48 -1.38
CA ILE C 176 -34.74 -44.13 -2.69
C ILE C 176 -34.63 -45.63 -2.46
N GLU C 177 -35.65 -46.36 -2.90
CA GLU C 177 -35.74 -47.79 -2.58
C GLU C 177 -34.59 -48.58 -3.20
N ASN C 178 -34.37 -48.42 -4.51
CA ASN C 178 -33.36 -49.18 -5.22
C ASN C 178 -32.03 -48.43 -5.34
N ALA C 179 -31.80 -47.44 -4.47
CA ALA C 179 -30.51 -46.74 -4.41
C ALA C 179 -30.27 -46.30 -2.98
N PRO C 180 -29.85 -47.23 -2.11
CA PRO C 180 -29.70 -46.89 -0.70
C PRO C 180 -28.40 -46.17 -0.40
N THR C 181 -28.46 -45.24 0.55
CA THR C 181 -27.27 -44.57 1.04
C THR C 181 -26.45 -45.54 1.88
N THR C 182 -25.25 -45.85 1.42
CA THR C 182 -24.41 -46.82 2.11
C THR C 182 -24.05 -46.33 3.51
N HIS C 183 -24.24 -47.20 4.50
CA HIS C 183 -23.98 -46.87 5.90
C HIS C 183 -22.64 -47.38 6.38
N THR C 184 -21.65 -47.44 5.50
CA THR C 184 -20.32 -47.95 5.83
C THR C 184 -19.32 -46.80 5.89
N GLU C 185 -18.16 -47.11 6.48
CA GLU C 185 -17.12 -46.12 6.67
C GLU C 185 -16.35 -45.88 5.38
N GLU C 186 -16.20 -44.61 5.00
CA GLU C 186 -15.35 -44.22 3.89
C GLU C 186 -14.64 -42.93 4.29
N TYR C 187 -13.37 -43.04 4.69
CA TYR C 187 -12.63 -41.90 5.21
C TYR C 187 -12.34 -40.89 4.10
N SER C 188 -11.69 -41.34 3.03
CA SER C 188 -11.29 -40.41 1.96
C SER C 188 -12.50 -39.88 1.20
N GLY C 189 -13.50 -40.73 0.99
CA GLY C 189 -14.69 -40.29 0.25
C GLY C 189 -15.43 -39.17 0.94
N GLU C 190 -15.55 -39.24 2.27
CA GLU C 190 -16.25 -38.21 3.02
C GLU C 190 -15.63 -36.84 2.84
N GLU C 191 -14.39 -36.76 2.36
CA GLU C 191 -13.70 -35.50 2.16
C GLU C 191 -13.68 -35.07 0.70
N LYS C 192 -14.42 -35.76 -0.17
CA LYS C 192 -14.33 -35.51 -1.61
C LYS C 192 -14.58 -34.05 -1.96
N THR C 193 -15.46 -33.37 -1.21
CA THR C 193 -15.81 -32.00 -1.55
C THR C 193 -14.61 -31.07 -1.44
N TRP C 194 -13.64 -31.39 -0.58
CA TRP C 194 -12.40 -30.61 -0.56
C TRP C 194 -11.56 -30.92 -1.79
N MET C 195 -11.46 -32.20 -2.15
N MET C 195 -11.46 -32.20 -2.15
CA MET C 195 -10.68 -32.59 -3.33
CA MET C 195 -10.70 -32.61 -3.33
C MET C 195 -11.07 -31.75 -4.54
C MET C 195 -11.07 -31.75 -4.54
N TRP C 196 -12.36 -31.64 -4.82
CA TRP C 196 -12.89 -30.74 -5.84
C TRP C 196 -12.17 -29.40 -5.76
N TRP C 197 -12.40 -28.68 -4.66
CA TRP C 197 -11.72 -27.41 -4.44
C TRP C 197 -10.24 -27.53 -4.75
N HIS C 198 -9.58 -28.49 -4.12
CA HIS C 198 -8.13 -28.65 -4.30
C HIS C 198 -7.79 -28.72 -5.78
N ASN C 199 -8.43 -29.64 -6.50
CA ASN C 199 -8.15 -29.76 -7.92
C ASN C 199 -8.40 -28.45 -8.64
N PHE C 200 -9.57 -27.85 -8.41
CA PHE C 200 -9.85 -26.53 -8.99
C PHE C 200 -8.76 -25.55 -8.61
N ARG C 201 -8.43 -25.49 -7.32
CA ARG C 201 -7.41 -24.56 -6.86
C ARG C 201 -6.06 -24.85 -7.51
N THR C 202 -5.78 -26.13 -7.79
CA THR C 202 -4.53 -26.46 -8.47
C THR C 202 -4.58 -26.12 -9.95
N LEU C 203 -5.77 -26.23 -10.56
CA LEU C 203 -5.87 -25.94 -11.99
C LEU C 203 -5.66 -24.46 -12.29
N CYS C 204 -6.00 -23.59 -11.35
CA CYS C 204 -5.82 -22.16 -11.51
C CYS C 204 -4.48 -21.67 -10.97
N ASP C 205 -3.57 -22.59 -10.65
CA ASP C 205 -2.20 -22.27 -10.25
C ASP C 205 -2.16 -21.37 -9.01
N TYR C 206 -3.04 -21.66 -8.05
CA TYR C 206 -3.04 -21.01 -6.74
C TYR C 206 -3.22 -19.49 -6.87
N SER C 207 -4.25 -19.09 -7.60
CA SER C 207 -4.52 -17.66 -7.78
C SER C 207 -4.95 -17.04 -6.46
N LYS C 208 -4.33 -15.92 -6.10
CA LYS C 208 -4.70 -15.22 -4.88
C LYS C 208 -6.12 -14.66 -4.93
N ARG C 209 -6.66 -14.49 -6.13
CA ARG C 209 -8.00 -13.95 -6.33
C ARG C 209 -9.08 -15.02 -6.34
N ILE C 210 -8.77 -16.22 -5.85
CA ILE C 210 -9.73 -17.32 -5.80
C ILE C 210 -9.73 -17.86 -4.37
N ALA C 211 -10.89 -17.82 -3.73
CA ALA C 211 -11.04 -18.22 -2.34
C ALA C 211 -12.24 -19.15 -2.20
N VAL C 212 -12.56 -19.51 -0.95
CA VAL C 212 -13.58 -20.49 -0.64
C VAL C 212 -14.74 -19.81 0.07
N ALA C 213 -15.95 -20.15 -0.35
CA ALA C 213 -17.18 -19.78 0.35
C ALA C 213 -17.80 -21.10 0.83
N LEU C 214 -17.37 -21.55 2.01
CA LEU C 214 -17.75 -22.87 2.50
C LEU C 214 -19.22 -22.88 2.91
N GLU C 215 -20.00 -23.74 2.27
CA GLU C 215 -21.42 -23.87 2.58
C GLU C 215 -21.61 -25.01 3.57
N ILE C 216 -22.41 -24.75 4.61
CA ILE C 216 -22.60 -25.66 5.73
C ILE C 216 -24.01 -26.20 5.68
N GLY C 217 -24.16 -27.53 5.81
CA GLY C 217 -25.43 -28.19 5.66
C GLY C 217 -26.06 -28.56 6.99
N ALA C 218 -27.16 -29.32 6.90
CA ALA C 218 -27.89 -29.72 8.09
C ALA C 218 -27.09 -30.71 8.93
N ASP C 219 -26.59 -31.77 8.31
CA ASP C 219 -25.78 -32.77 9.01
C ASP C 219 -24.30 -32.45 8.87
N LEU C 220 -23.61 -32.33 10.00
CA LEU C 220 -22.18 -32.05 9.99
C LEU C 220 -21.39 -33.36 9.95
N PRO C 221 -20.35 -33.44 9.13
CA PRO C 221 -19.61 -34.70 8.99
C PRO C 221 -18.63 -34.94 10.13
N SER C 222 -17.77 -35.93 9.97
CA SER C 222 -16.77 -36.23 10.99
C SER C 222 -15.80 -35.06 11.15
N ASN C 223 -15.14 -35.03 12.30
CA ASN C 223 -14.28 -33.90 12.61
C ASN C 223 -13.11 -33.77 11.65
N HIS C 224 -12.70 -34.88 11.02
CA HIS C 224 -11.58 -34.79 10.09
C HIS C 224 -12.00 -34.11 8.79
N VAL C 225 -13.24 -34.36 8.35
CA VAL C 225 -13.75 -33.68 7.16
C VAL C 225 -13.77 -32.17 7.38
N ILE C 226 -14.03 -31.73 8.61
CA ILE C 226 -14.04 -30.31 8.91
C ILE C 226 -12.62 -29.77 9.03
N ASP C 227 -11.76 -30.48 9.77
CA ASP C 227 -10.37 -30.10 9.91
C ASP C 227 -9.65 -30.02 8.58
N ARG C 228 -10.16 -30.71 7.56
CA ARG C 228 -9.56 -30.64 6.24
C ARG C 228 -9.42 -29.20 5.75
N TRP C 229 -10.39 -28.35 6.07
CA TRP C 229 -10.39 -26.97 5.60
C TRP C 229 -9.51 -26.06 6.45
N LEU C 230 -8.78 -26.60 7.42
CA LEU C 230 -7.80 -25.80 8.14
C LEU C 230 -6.65 -25.45 7.22
N GLY C 231 -6.29 -24.16 7.20
CA GLY C 231 -5.23 -23.70 6.32
C GLY C 231 -5.67 -23.32 4.93
N GLU C 232 -6.98 -23.31 4.65
CA GLU C 232 -7.52 -22.94 3.35
C GLU C 232 -8.09 -21.53 3.38
N PRO C 233 -8.00 -20.80 2.26
CA PRO C 233 -8.48 -19.41 2.25
C PRO C 233 -10.00 -19.29 2.29
N ILE C 234 -10.57 -19.47 3.48
CA ILE C 234 -12.01 -19.36 3.66
C ILE C 234 -12.33 -17.89 3.92
N LYS C 235 -12.93 -17.23 2.93
CA LYS C 235 -13.37 -15.84 3.12
C LYS C 235 -14.82 -15.77 3.58
N ALA C 236 -15.63 -16.77 3.26
CA ALA C 236 -17.05 -16.74 3.55
C ALA C 236 -17.52 -18.12 4.01
N ALA C 237 -18.48 -18.10 4.93
CA ALA C 237 -19.17 -19.30 5.39
C ALA C 237 -20.66 -19.09 5.15
N ILE C 238 -21.27 -20.00 4.40
CA ILE C 238 -22.65 -19.87 3.96
C ILE C 238 -23.53 -20.72 4.85
N LEU C 239 -24.48 -20.08 5.53
CA LEU C 239 -25.44 -20.75 6.39
C LEU C 239 -26.83 -20.63 5.79
N PRO C 240 -27.51 -21.74 5.52
CA PRO C 240 -28.92 -21.65 5.12
C PRO C 240 -29.83 -21.54 6.34
N THR C 241 -31.04 -21.03 6.09
CA THR C 241 -32.03 -20.97 7.15
C THR C 241 -32.56 -22.36 7.51
N SER C 242 -32.37 -23.34 6.64
CA SER C 242 -32.88 -24.68 6.90
C SER C 242 -32.16 -25.35 8.07
N ILE C 243 -30.88 -25.03 8.27
CA ILE C 243 -30.11 -25.67 9.33
C ILE C 243 -30.38 -25.10 10.70
N PHE C 244 -31.16 -24.01 10.79
CA PHE C 244 -31.46 -23.39 12.07
C PHE C 244 -32.61 -24.12 12.75
N LEU C 245 -32.36 -24.62 13.96
CA LEU C 245 -33.42 -25.19 14.77
C LEU C 245 -34.27 -24.08 15.38
N THR C 246 -35.52 -24.41 15.70
CA THR C 246 -36.46 -23.45 16.25
C THR C 246 -36.44 -23.48 17.77
N ASN C 247 -36.47 -22.29 18.37
CA ASN C 247 -36.47 -22.17 19.82
C ASN C 247 -37.89 -22.34 20.36
N LYS C 248 -37.99 -22.56 21.68
CA LYS C 248 -39.29 -22.68 22.33
C LYS C 248 -40.13 -21.43 22.11
N LYS C 249 -39.51 -20.25 22.25
CA LYS C 249 -40.22 -19.00 21.96
C LYS C 249 -40.52 -18.87 20.48
N GLY C 250 -39.72 -19.48 19.62
CA GLY C 250 -39.89 -19.41 18.18
C GLY C 250 -38.71 -18.82 17.43
N PHE C 251 -37.61 -18.52 18.12
CA PHE C 251 -36.44 -17.93 17.51
C PHE C 251 -35.56 -19.00 16.87
N PRO C 252 -34.68 -18.61 15.95
CA PRO C 252 -33.76 -19.59 15.35
C PRO C 252 -32.47 -19.76 16.16
N VAL C 253 -32.07 -21.01 16.38
CA VAL C 253 -30.84 -21.35 17.05
C VAL C 253 -30.16 -22.48 16.29
N LEU C 254 -28.99 -22.90 16.77
CA LEU C 254 -28.21 -23.95 16.13
C LEU C 254 -27.82 -25.00 17.17
N SER C 255 -27.42 -26.17 16.67
CA SER C 255 -26.97 -27.23 17.56
C SER C 255 -25.62 -26.87 18.18
N LYS C 256 -25.22 -27.66 19.18
CA LYS C 256 -23.95 -27.38 19.85
C LYS C 256 -22.76 -27.60 18.92
N MET C 257 -22.85 -28.58 18.03
CA MET C 257 -21.79 -28.79 17.05
C MET C 257 -21.73 -27.64 16.06
N HIS C 258 -22.89 -27.20 15.57
CA HIS C 258 -22.93 -26.02 14.72
C HIS C 258 -22.34 -24.82 15.41
N GLN C 259 -22.57 -24.68 16.72
CA GLN C 259 -22.03 -23.53 17.44
C GLN C 259 -20.51 -23.63 17.60
N ARG C 260 -20.00 -24.84 17.88
CA ARG C 260 -18.55 -25.02 17.89
C ARG C 260 -17.95 -24.62 16.54
N LEU C 261 -18.61 -25.04 15.44
CA LEU C 261 -18.14 -24.68 14.12
C LEU C 261 -18.18 -23.18 13.91
N ILE C 262 -19.22 -22.52 14.42
CA ILE C 262 -19.35 -21.07 14.27
C ILE C 262 -18.21 -20.37 15.01
N PHE C 263 -17.86 -20.85 16.19
CA PHE C 263 -16.74 -20.26 16.92
C PHE C 263 -15.43 -20.46 16.16
N ARG C 264 -15.21 -21.69 15.66
CA ARG C 264 -14.01 -21.97 14.87
C ARG C 264 -13.92 -21.06 13.65
N LEU C 265 -15.05 -20.77 13.02
CA LEU C 265 -15.05 -19.88 11.86
C LEU C 265 -14.82 -18.44 12.26
N LEU C 266 -15.40 -18.02 13.40
CA LEU C 266 -15.18 -16.66 13.90
C LEU C 266 -13.71 -16.41 14.21
N LYS C 267 -12.98 -17.44 14.66
CA LYS C 267 -11.55 -17.27 14.88
C LYS C 267 -10.84 -16.93 13.57
N LEU C 268 -11.25 -17.55 12.47
CA LEU C 268 -10.66 -17.26 11.17
C LEU C 268 -11.12 -15.93 10.60
N GLU C 269 -12.08 -15.27 11.23
CA GLU C 269 -12.57 -13.96 10.80
C GLU C 269 -13.14 -14.01 9.38
N VAL C 270 -14.05 -14.96 9.16
CA VAL C 270 -14.71 -15.11 7.88
C VAL C 270 -16.02 -14.32 7.90
N GLN C 271 -16.55 -14.03 6.72
CA GLN C 271 -17.83 -13.37 6.59
C GLN C 271 -18.93 -14.40 6.47
N PHE C 272 -20.00 -14.24 7.24
CA PHE C 272 -21.11 -15.19 7.26
C PHE C 272 -22.21 -14.72 6.33
N ILE C 273 -22.72 -15.63 5.51
CA ILE C 273 -23.69 -15.32 4.47
C ILE C 273 -24.94 -16.14 4.72
N ILE C 274 -26.06 -15.46 4.98
CA ILE C 274 -27.33 -16.13 5.20
C ILE C 274 -28.00 -16.37 3.85
N THR C 275 -28.41 -17.61 3.60
CA THR C 275 -29.15 -17.95 2.39
C THR C 275 -30.43 -18.68 2.74
N GLY C 276 -31.38 -18.64 1.81
CA GLY C 276 -32.67 -19.28 2.00
C GLY C 276 -33.71 -18.30 2.50
N THR C 277 -34.96 -18.75 2.44
CA THR C 277 -36.09 -17.92 2.85
C THR C 277 -36.28 -17.99 4.37
N ASN C 278 -37.13 -17.09 4.87
CA ASN C 278 -37.40 -17.01 6.31
C ASN C 278 -38.42 -18.06 6.68
N HIS C 279 -37.98 -19.09 7.40
CA HIS C 279 -38.88 -20.14 7.87
C HIS C 279 -39.45 -19.84 9.25
N HIS C 280 -38.71 -19.08 10.07
CA HIS C 280 -39.22 -18.60 11.35
C HIS C 280 -40.02 -17.33 11.09
N SER C 281 -41.18 -17.52 10.47
CA SER C 281 -41.94 -16.41 9.88
C SER C 281 -42.57 -15.49 10.92
N GLU C 282 -42.64 -15.90 12.19
CA GLU C 282 -43.16 -15.00 13.21
C GLU C 282 -42.24 -13.81 13.45
N LYS C 283 -40.93 -14.00 13.26
CA LYS C 283 -39.96 -12.94 13.51
C LYS C 283 -39.63 -12.23 12.20
N GLU C 284 -38.53 -11.49 12.19
CA GLU C 284 -38.02 -10.86 10.98
C GLU C 284 -36.75 -11.60 10.54
N PHE C 285 -36.13 -11.09 9.48
CA PHE C 285 -34.83 -11.60 9.07
C PHE C 285 -33.74 -11.24 10.07
N CYS C 286 -34.02 -10.30 10.98
CA CYS C 286 -33.02 -9.88 11.96
C CYS C 286 -32.68 -10.98 12.94
N SER C 287 -33.51 -12.02 13.04
CA SER C 287 -33.35 -13.01 14.10
C SER C 287 -32.12 -13.90 13.85
N TYR C 288 -31.92 -14.34 12.60
CA TYR C 288 -30.75 -15.15 12.28
C TYR C 288 -29.46 -14.38 12.53
N LEU C 289 -29.39 -13.15 12.02
CA LEU C 289 -28.22 -12.33 12.21
C LEU C 289 -28.01 -12.02 13.68
N GLN C 290 -29.10 -11.86 14.42
CA GLN C 290 -29.01 -11.56 15.85
C GLN C 290 -28.46 -12.76 16.63
N TYR C 291 -28.82 -13.97 16.22
CA TYR C 291 -28.24 -15.16 16.84
C TYR C 291 -26.73 -15.22 16.60
N LEU C 292 -26.30 -14.90 15.37
CA LEU C 292 -24.87 -14.85 15.07
C LEU C 292 -24.16 -13.81 15.92
N GLU C 293 -24.73 -12.62 16.03
CA GLU C 293 -24.13 -11.57 16.84
C GLU C 293 -24.09 -11.98 18.31
N TYR C 294 -25.16 -12.61 18.80
CA TYR C 294 -25.21 -13.04 20.19
C TYR C 294 -24.18 -14.11 20.48
N LEU C 295 -23.89 -14.96 19.50
CA LEU C 295 -22.79 -15.90 19.64
C LEU C 295 -21.45 -15.18 19.66
N SER C 296 -21.28 -14.17 18.80
CA SER C 296 -20.00 -13.48 18.72
C SER C 296 -19.69 -12.71 19.99
N GLN C 297 -20.69 -12.02 20.56
CA GLN C 297 -20.45 -11.26 21.78
C GLN C 297 -20.14 -12.18 22.96
N ASN C 298 -20.81 -13.32 23.04
CA ASN C 298 -20.62 -14.25 24.14
C ASN C 298 -19.46 -15.21 23.87
N ARG C 299 -18.32 -14.64 23.52
CA ARG C 299 -17.05 -15.30 23.37
C ARG C 299 -16.04 -14.65 24.32
N PRO C 300 -15.18 -15.43 24.97
CA PRO C 300 -14.22 -14.84 25.93
C PRO C 300 -13.46 -13.68 25.33
N PRO C 301 -13.42 -12.54 26.03
CA PRO C 301 -12.83 -11.32 25.48
C PRO C 301 -11.34 -11.51 25.21
N PRO C 302 -10.74 -10.66 24.37
CA PRO C 302 -9.35 -10.87 23.97
C PRO C 302 -8.38 -10.65 25.13
N ASN C 303 -7.53 -11.63 25.36
CA ASN C 303 -6.46 -11.48 26.34
C ASN C 303 -5.36 -10.58 25.77
N ALA C 304 -4.39 -10.24 26.63
CA ALA C 304 -3.35 -9.30 26.24
C ALA C 304 -2.54 -9.82 25.06
N TYR C 305 -2.18 -11.10 25.08
CA TYR C 305 -1.40 -11.68 23.99
C TYR C 305 -2.16 -11.58 22.67
N GLU C 306 -3.39 -12.09 22.64
CA GLU C 306 -4.17 -12.05 21.40
C GLU C 306 -4.51 -10.62 21.01
N LEU C 307 -4.72 -9.75 21.99
CA LEU C 307 -5.01 -8.35 21.70
C LEU C 307 -3.84 -7.70 20.98
N PHE C 308 -2.61 -7.95 21.45
CA PHE C 308 -1.44 -7.38 20.80
C PHE C 308 -1.16 -8.03 19.45
N ALA C 309 -1.30 -9.35 19.37
CA ALA C 309 -0.89 -10.09 18.19
C ALA C 309 -2.03 -10.38 17.23
N LYS C 310 -3.18 -9.72 17.40
CA LYS C 310 -4.29 -9.95 16.47
C LYS C 310 -3.94 -9.42 15.08
N GLY C 311 -3.28 -8.27 14.99
CA GLY C 311 -2.89 -7.73 13.72
C GLY C 311 -1.76 -8.48 13.05
N TYR C 312 -0.95 -9.21 13.83
CA TYR C 312 0.16 -9.98 13.31
C TYR C 312 -0.25 -11.35 12.80
N GLU C 313 -1.55 -11.66 12.76
CA GLU C 313 -2.02 -12.97 12.33
C GLU C 313 -1.59 -13.24 10.89
N ASP C 314 -0.73 -14.25 10.71
CA ASP C 314 -0.23 -14.68 9.40
C ASP C 314 0.54 -13.59 8.67
N TYR C 315 1.12 -12.63 9.39
CA TYR C 315 1.93 -11.60 8.78
C TYR C 315 3.36 -12.10 8.66
N LEU C 316 3.86 -12.19 7.43
CA LEU C 316 5.21 -12.71 7.18
C LEU C 316 6.24 -11.60 7.42
N GLN C 317 7.19 -11.86 8.31
CA GLN C 317 8.30 -10.95 8.56
C GLN C 317 9.61 -11.71 8.47
N SER C 318 10.64 -11.03 7.96
CA SER C 318 11.96 -11.63 7.92
C SER C 318 12.53 -11.73 9.33
N PRO C 319 13.32 -12.77 9.61
CA PRO C 319 13.90 -12.90 10.95
C PRO C 319 14.90 -11.80 11.23
N LEU C 320 14.86 -11.28 12.46
CA LEU C 320 15.84 -10.31 12.89
C LEU C 320 17.21 -10.96 13.00
N GLN C 321 18.25 -10.16 12.81
CA GLN C 321 19.64 -10.60 12.99
C GLN C 321 20.34 -9.59 13.89
N PRO C 322 20.15 -9.70 15.20
CA PRO C 322 20.77 -8.73 16.12
C PRO C 322 22.29 -8.74 16.07
N LEU C 323 22.91 -9.82 15.61
CA LEU C 323 24.37 -9.86 15.54
C LEU C 323 24.89 -9.07 14.34
N MET C 324 24.39 -9.39 13.15
CA MET C 324 24.86 -8.72 11.94
C MET C 324 24.32 -7.30 11.85
N ASP C 325 23.04 -7.10 12.19
CA ASP C 325 22.41 -5.79 12.13
C ASP C 325 22.22 -5.22 13.53
N ASN C 326 22.31 -3.89 13.62
CA ASN C 326 22.02 -3.18 14.87
C ASN C 326 20.53 -2.86 14.91
N LEU C 327 19.86 -3.33 15.96
CA LEU C 327 18.41 -3.20 16.03
C LEU C 327 18.00 -1.75 16.27
N GLU C 328 16.81 -1.42 15.78
CA GLU C 328 16.25 -0.09 15.98
C GLU C 328 15.72 0.06 17.41
N SER C 329 15.26 1.27 17.73
CA SER C 329 14.87 1.58 19.10
C SER C 329 13.54 0.90 19.46
N GLN C 330 12.53 1.03 18.61
CA GLN C 330 11.22 0.44 18.89
C GLN C 330 11.26 -1.08 18.92
N THR C 331 12.24 -1.71 18.27
CA THR C 331 12.39 -3.17 18.40
C THR C 331 12.78 -3.55 19.81
N TYR C 332 13.78 -2.87 20.36
CA TYR C 332 14.12 -3.05 21.77
C TYR C 332 12.95 -2.71 22.66
N GLU C 333 12.15 -1.71 22.24
CA GLU C 333 11.00 -1.30 23.02
C GLU C 333 9.97 -2.42 23.14
N VAL C 334 9.65 -3.08 22.03
CA VAL C 334 8.68 -4.18 22.09
C VAL C 334 9.29 -5.37 22.83
N PHE C 335 10.62 -5.48 22.83
CA PHE C 335 11.27 -6.52 23.63
C PHE C 335 11.10 -6.26 25.13
N GLU C 336 11.21 -5.00 25.54
CA GLU C 336 11.16 -4.67 26.95
C GLU C 336 9.74 -4.76 27.52
N LYS C 337 8.73 -4.59 26.68
CA LYS C 337 7.34 -4.73 27.12
C LYS C 337 6.97 -6.21 27.10
N ASP C 338 7.46 -6.91 28.13
CA ASP C 338 7.20 -8.33 28.31
C ASP C 338 7.53 -8.70 29.75
N PRO C 339 6.64 -8.42 30.70
CA PRO C 339 7.02 -8.60 32.12
C PRO C 339 7.22 -10.04 32.52
N ILE C 340 6.55 -11.00 31.87
CA ILE C 340 6.64 -12.39 32.28
C ILE C 340 8.07 -12.90 32.11
N LYS C 341 8.66 -12.66 30.95
CA LYS C 341 9.99 -13.21 30.68
C LYS C 341 11.06 -12.55 31.54
N TYR C 342 10.93 -11.24 31.79
CA TYR C 342 11.91 -10.59 32.66
C TYR C 342 11.75 -11.02 34.11
N SER C 343 10.51 -11.29 34.54
CA SER C 343 10.31 -11.87 35.86
C SER C 343 10.95 -13.26 35.95
N GLN C 344 10.85 -14.04 34.89
CA GLN C 344 11.50 -15.35 34.86
C GLN C 344 13.02 -15.22 34.97
N TYR C 345 13.60 -14.31 34.17
CA TYR C 345 15.03 -14.08 34.25
C TYR C 345 15.45 -13.64 35.65
N GLN C 346 14.68 -12.74 36.26
CA GLN C 346 14.99 -12.28 37.61
C GLN C 346 14.95 -13.42 38.61
N GLN C 347 13.95 -14.30 38.51
CA GLN C 347 13.86 -15.43 39.43
C GLN C 347 15.03 -16.39 39.23
N ALA C 348 15.43 -16.62 37.98
CA ALA C 348 16.56 -17.51 37.72
C ALA C 348 17.85 -16.95 38.31
N ILE C 349 18.10 -15.66 38.08
CA ILE C 349 19.28 -15.02 38.65
C ILE C 349 19.24 -15.08 40.17
N TYR C 350 18.06 -14.88 40.76
CA TYR C 350 17.90 -14.94 42.21
C TYR C 350 18.28 -16.31 42.75
N LYS C 351 17.75 -17.37 42.13
CA LYS C 351 18.06 -18.72 42.60
C LYS C 351 19.54 -19.04 42.43
N CYS C 352 20.14 -18.60 41.32
CA CYS C 352 21.56 -18.86 41.12
C CYS C 352 22.41 -18.13 42.16
N LEU C 353 22.06 -16.88 42.45
CA LEU C 353 22.76 -16.14 43.50
C LEU C 353 22.67 -16.87 44.83
N LEU C 354 21.47 -17.34 45.19
CA LEU C 354 21.32 -18.05 46.46
C LEU C 354 22.14 -19.33 46.47
N ASP C 355 22.19 -20.05 45.35
CA ASP C 355 22.92 -21.30 45.30
C ASP C 355 24.43 -21.09 45.28
N ARG C 356 24.92 -19.92 44.89
CA ARG C 356 26.36 -19.72 44.82
C ARG C 356 26.97 -19.09 46.06
N VAL C 357 26.24 -18.23 46.75
CA VAL C 357 26.74 -17.48 47.89
C VAL C 357 25.99 -17.94 49.14
N PRO C 358 26.66 -18.58 50.10
CA PRO C 358 25.99 -18.94 51.36
C PRO C 358 25.59 -17.68 52.14
N GLU C 359 24.68 -17.88 53.10
CA GLU C 359 24.15 -16.77 53.87
C GLU C 359 25.23 -16.08 54.69
N GLU C 360 26.16 -16.85 55.25
CA GLU C 360 27.24 -16.28 56.06
C GLU C 360 28.31 -15.59 55.23
N GLU C 361 28.08 -15.38 53.93
CA GLU C 361 29.02 -14.68 53.06
C GLU C 361 28.32 -13.61 52.23
N LYS C 362 27.13 -13.15 52.67
CA LYS C 362 26.38 -12.18 51.88
C LYS C 362 27.12 -10.85 51.74
N ASP C 363 27.88 -10.46 52.76
CA ASP C 363 28.60 -9.20 52.74
C ASP C 363 30.07 -9.34 52.39
N THR C 364 30.59 -10.57 52.34
CA THR C 364 32.00 -10.79 52.01
C THR C 364 32.21 -11.27 50.58
N ASN C 365 31.24 -11.99 50.01
CA ASN C 365 31.38 -12.57 48.68
C ASN C 365 30.58 -11.74 47.69
N VAL C 366 31.28 -11.07 46.77
CA VAL C 366 30.66 -10.30 45.70
C VAL C 366 30.77 -11.09 44.41
N GLN C 367 29.68 -11.10 43.63
CA GLN C 367 29.58 -11.94 42.45
C GLN C 367 29.78 -11.12 41.18
N VAL C 368 30.54 -11.66 40.25
CA VAL C 368 30.72 -11.05 38.94
C VAL C 368 29.60 -11.55 38.02
N LEU C 369 28.78 -10.62 37.56
CA LEU C 369 27.55 -10.94 36.81
C LEU C 369 27.56 -10.09 35.54
N MET C 370 27.77 -10.74 34.39
CA MET C 370 27.91 -10.05 33.12
C MET C 370 26.68 -10.26 32.26
N VAL C 371 26.05 -9.17 31.84
CA VAL C 371 24.92 -9.23 30.92
C VAL C 371 25.46 -9.09 29.51
N LEU C 372 25.48 -10.19 28.76
CA LEU C 372 26.03 -10.23 27.42
C LEU C 372 24.90 -10.01 26.42
N GLY C 373 24.87 -8.83 25.80
CA GLY C 373 23.74 -8.43 24.99
C GLY C 373 22.71 -7.70 25.82
N ALA C 374 23.13 -6.58 26.41
CA ALA C 374 22.31 -5.89 27.40
C ALA C 374 21.15 -5.10 26.79
N GLY C 375 21.24 -4.72 25.52
CA GLY C 375 20.17 -3.94 24.92
C GLY C 375 20.13 -2.54 25.51
N ARG C 376 18.96 -2.12 25.98
CA ARG C 376 18.78 -0.84 26.64
C ARG C 376 18.73 -0.96 28.15
N GLY C 377 19.02 -2.15 28.68
CA GLY C 377 19.13 -2.36 30.11
C GLY C 377 17.89 -2.85 30.84
N PRO C 378 17.14 -3.83 30.28
CA PRO C 378 16.11 -4.49 31.09
C PRO C 378 16.69 -5.64 31.90
N LEU C 379 17.65 -6.36 31.31
CA LEU C 379 18.32 -7.44 32.02
C LEU C 379 19.22 -6.89 33.13
N VAL C 380 19.78 -5.70 32.95
CA VAL C 380 20.57 -5.08 34.01
C VAL C 380 19.69 -4.76 35.23
N ASN C 381 18.53 -4.15 34.98
CA ASN C 381 17.60 -3.87 36.07
C ASN C 381 17.08 -5.17 36.69
N ALA C 382 16.86 -6.19 35.87
CA ALA C 382 16.43 -7.48 36.40
C ALA C 382 17.50 -8.08 37.31
N SER C 383 18.77 -7.97 36.91
CA SER C 383 19.85 -8.47 37.74
C SER C 383 19.93 -7.71 39.06
N LEU C 384 19.76 -6.38 39.01
CA LEU C 384 19.80 -5.58 40.24
C LEU C 384 18.65 -5.97 41.17
N ARG C 385 17.44 -6.10 40.62
CA ARG C 385 16.29 -6.48 41.43
C ARG C 385 16.48 -7.87 42.02
N ALA C 386 17.02 -8.81 41.24
CA ALA C 386 17.26 -10.15 41.76
C ALA C 386 18.33 -10.14 42.85
N ALA C 387 19.34 -9.27 42.71
CA ALA C 387 20.38 -9.19 43.73
C ALA C 387 19.80 -8.66 45.03
N LYS C 388 18.98 -7.61 44.97
CA LYS C 388 18.41 -7.07 46.20
C LYS C 388 17.32 -7.97 46.76
N GLN C 389 16.68 -8.78 45.91
CA GLN C 389 15.70 -9.75 46.40
C GLN C 389 16.39 -10.91 47.11
N ALA C 390 17.53 -11.36 46.58
CA ALA C 390 18.30 -12.43 47.21
C ALA C 390 19.21 -11.94 48.33
N ASP C 391 19.37 -10.63 48.48
CA ASP C 391 20.22 -10.04 49.52
C ASP C 391 21.67 -10.51 49.36
N ARG C 392 22.24 -10.21 48.18
CA ARG C 392 23.61 -10.57 47.87
C ARG C 392 24.27 -9.40 47.13
N ARG C 393 25.60 -9.46 47.03
CA ARG C 393 26.38 -8.44 46.33
C ARG C 393 26.71 -8.93 44.93
N ILE C 394 26.58 -8.03 43.95
CA ILE C 394 26.95 -8.31 42.57
C ILE C 394 27.64 -7.09 41.99
N LYS C 395 28.64 -7.33 41.14
CA LYS C 395 29.23 -6.31 40.29
C LYS C 395 28.80 -6.59 38.85
N LEU C 396 28.22 -5.59 38.20
CA LEU C 396 27.53 -5.80 36.93
C LEU C 396 28.37 -5.29 35.76
N TYR C 397 28.41 -6.09 34.70
CA TYR C 397 28.94 -5.67 33.41
C TYR C 397 27.80 -5.71 32.40
N ALA C 398 27.66 -4.65 31.62
CA ALA C 398 26.61 -4.56 30.60
C ALA C 398 27.31 -4.50 29.24
N VAL C 399 27.42 -5.65 28.59
CA VAL C 399 28.11 -5.75 27.31
C VAL C 399 27.10 -5.61 26.18
N GLU C 400 27.39 -4.74 25.23
CA GLU C 400 26.50 -4.51 24.09
C GLU C 400 27.32 -3.96 22.94
N LYS C 401 27.17 -4.56 21.76
CA LYS C 401 27.91 -4.12 20.58
C LYS C 401 27.16 -3.08 19.77
N ASN C 402 25.85 -2.96 19.95
CA ASN C 402 25.08 -1.90 19.31
C ASN C 402 25.37 -0.57 19.99
N PRO C 403 26.10 0.35 19.36
CA PRO C 403 26.43 1.61 20.05
C PRO C 403 25.22 2.49 20.29
N ASN C 404 24.20 2.41 19.44
CA ASN C 404 22.99 3.20 19.63
C ASN C 404 22.28 2.82 20.92
N ALA C 405 22.30 1.54 21.29
CA ALA C 405 21.80 1.11 22.59
C ALA C 405 22.81 1.34 23.70
N VAL C 406 24.10 1.38 23.36
CA VAL C 406 25.11 1.75 24.36
C VAL C 406 24.88 3.17 24.82
N VAL C 407 24.35 4.03 23.96
CA VAL C 407 23.97 5.38 24.37
C VAL C 407 22.97 5.32 25.52
N THR C 408 21.90 4.53 25.33
CA THR C 408 20.89 4.38 26.37
C THR C 408 21.47 3.77 27.63
N LEU C 409 22.31 2.74 27.47
CA LEU C 409 22.93 2.10 28.63
C LEU C 409 23.78 3.08 29.43
N GLU C 410 24.56 3.92 28.75
CA GLU C 410 25.43 4.84 29.46
C GLU C 410 24.64 5.98 30.09
N ASN C 411 23.56 6.43 29.45
CA ASN C 411 22.68 7.40 30.10
C ASN C 411 22.07 6.82 31.37
N TRP C 412 21.60 5.57 31.31
CA TRP C 412 21.09 4.89 32.50
C TRP C 412 22.16 4.81 33.57
N GLN C 413 23.37 4.41 33.19
CA GLN C 413 24.45 4.20 34.16
C GLN C 413 24.85 5.50 34.83
N PHE C 414 24.85 6.60 34.09
CA PHE C 414 25.14 7.90 34.69
C PHE C 414 24.02 8.34 35.62
N GLU C 415 22.78 8.25 35.15
CA GLU C 415 21.66 8.84 35.88
C GLU C 415 21.15 7.96 37.03
N GLU C 416 21.41 6.66 37.01
CA GLU C 416 20.81 5.78 38.00
C GLU C 416 21.80 4.77 38.59
N TRP C 417 22.40 3.94 37.72
CA TRP C 417 23.13 2.77 38.20
C TRP C 417 24.39 3.15 38.96
N GLY C 418 25.14 4.12 38.47
CA GLY C 418 26.39 4.48 39.11
C GLY C 418 27.52 3.54 38.72
N SER C 419 28.54 3.50 39.58
CA SER C 419 29.72 2.68 39.31
C SER C 419 29.46 1.19 39.48
N GLN C 420 28.32 0.79 40.04
CA GLN C 420 28.04 -0.62 40.21
C GLN C 420 27.97 -1.34 38.87
N VAL C 421 27.38 -0.69 37.87
CA VAL C 421 27.29 -1.24 36.52
C VAL C 421 28.40 -0.62 35.68
N THR C 422 29.16 -1.46 34.98
CA THR C 422 30.18 -1.01 34.05
C THR C 422 29.71 -1.33 32.63
N VAL C 423 29.54 -0.30 31.82
CA VAL C 423 29.06 -0.49 30.45
C VAL C 423 30.25 -0.78 29.55
N VAL C 424 30.15 -1.86 28.78
CA VAL C 424 31.21 -2.30 27.88
C VAL C 424 30.64 -2.28 26.47
N SER C 425 31.15 -1.38 25.63
CA SER C 425 30.65 -1.21 24.26
C SER C 425 31.58 -1.94 23.30
N SER C 426 31.36 -3.25 23.18
CA SER C 426 32.13 -4.08 22.27
C SER C 426 31.40 -5.39 22.07
N ASP C 427 31.94 -6.22 21.19
CA ASP C 427 31.41 -7.56 20.96
C ASP C 427 31.94 -8.50 22.04
N MET C 428 31.07 -9.41 22.49
CA MET C 428 31.46 -10.33 23.56
C MET C 428 32.52 -11.32 23.08
N ARG C 429 32.58 -11.59 21.78
CA ARG C 429 33.59 -12.50 21.25
C ARG C 429 34.96 -11.85 21.19
N GLU C 430 35.03 -10.51 21.19
CA GLU C 430 36.28 -9.78 21.11
C GLU C 430 36.72 -9.18 22.44
N TRP C 431 35.79 -8.97 23.37
CA TRP C 431 36.09 -8.25 24.59
C TRP C 431 37.11 -8.99 25.45
N VAL C 432 38.17 -8.28 25.83
CA VAL C 432 39.16 -8.80 26.78
C VAL C 432 38.75 -8.33 28.16
N ALA C 433 38.19 -9.24 28.97
CA ALA C 433 37.59 -8.87 30.25
C ALA C 433 38.66 -8.60 31.30
N PRO C 434 38.42 -7.63 32.19
CA PRO C 434 39.36 -7.41 33.30
C PRO C 434 39.30 -8.48 34.36
N GLU C 435 38.14 -9.11 34.57
CA GLU C 435 38.00 -10.18 35.52
C GLU C 435 36.99 -11.18 34.97
N LYS C 436 37.02 -12.40 35.50
CA LYS C 436 36.15 -13.45 35.03
C LYS C 436 34.81 -13.43 35.78
N ALA C 437 33.79 -13.97 35.14
CA ALA C 437 32.41 -13.82 35.59
C ALA C 437 31.94 -15.06 36.34
N ASP C 438 31.24 -14.83 37.46
CA ASP C 438 30.54 -15.91 38.13
C ASP C 438 29.31 -16.34 37.35
N ILE C 439 28.56 -15.37 36.82
CA ILE C 439 27.33 -15.64 36.07
C ILE C 439 27.33 -14.78 34.81
N ILE C 440 26.87 -15.36 33.70
CA ILE C 440 26.66 -14.63 32.45
C ILE C 440 25.20 -14.78 32.04
N VAL C 441 24.53 -13.65 31.80
CA VAL C 441 23.12 -13.63 31.45
C VAL C 441 22.98 -13.08 30.04
N SER C 442 22.30 -13.82 29.17
CA SER C 442 22.15 -13.47 27.77
C SER C 442 20.70 -13.62 27.34
N GLU C 443 20.35 -12.90 26.27
CA GLU C 443 19.01 -12.87 25.72
C GLU C 443 19.05 -13.06 24.20
N LEU C 444 20.01 -13.86 23.72
CA LEU C 444 20.35 -13.93 22.30
C LEU C 444 19.53 -14.96 21.54
N LEU C 445 18.44 -15.47 22.12
CA LEU C 445 17.67 -16.51 21.46
C LEU C 445 16.70 -15.92 20.44
N GLY C 446 16.40 -16.71 19.42
CA GLY C 446 15.39 -16.37 18.43
C GLY C 446 14.19 -17.27 18.53
N SER C 447 13.35 -17.18 17.50
CA SER C 447 12.17 -18.06 17.43
C SER C 447 12.58 -19.52 17.29
N PHE C 448 13.65 -19.78 16.56
CA PHE C 448 14.23 -21.11 16.42
C PHE C 448 15.38 -21.33 17.38
N ALA C 449 15.44 -20.56 18.47
CA ALA C 449 16.49 -20.61 19.49
C ALA C 449 17.83 -20.14 18.96
N ASP C 450 18.51 -20.96 18.17
CA ASP C 450 19.86 -20.67 17.73
C ASP C 450 19.92 -19.96 16.37
N ASN C 451 18.78 -19.51 15.84
CA ASN C 451 18.80 -18.84 14.54
C ASN C 451 19.44 -17.47 14.58
N GLU C 452 19.66 -16.91 15.78
CA GLU C 452 20.39 -15.64 15.92
C GLU C 452 21.81 -15.86 16.42
N LEU C 453 22.31 -17.09 16.36
CA LEU C 453 23.71 -17.43 16.62
C LEU C 453 24.10 -17.18 18.07
N SER C 454 23.18 -17.43 18.99
CA SER C 454 23.55 -17.44 20.41
C SER C 454 24.65 -18.45 20.72
N PRO C 455 24.68 -19.66 20.15
CA PRO C 455 25.80 -20.57 20.45
C PRO C 455 27.18 -19.98 20.14
N GLU C 456 27.36 -19.39 18.96
CA GLU C 456 28.68 -18.84 18.61
C GLU C 456 29.05 -17.67 19.53
N CYS C 457 28.10 -16.78 19.81
CA CYS C 457 28.38 -15.63 20.66
C CYS C 457 28.77 -16.07 22.06
N LEU C 458 28.00 -16.99 22.65
CA LEU C 458 28.31 -17.46 23.99
C LEU C 458 29.55 -18.33 24.02
N ASP C 459 29.92 -18.97 22.90
CA ASP C 459 31.18 -19.70 22.86
C ASP C 459 32.36 -18.75 22.85
N GLY C 460 32.28 -17.68 22.05
CA GLY C 460 33.34 -16.69 22.05
C GLY C 460 33.49 -15.97 23.38
N ALA C 461 32.39 -15.83 24.11
CA ALA C 461 32.38 -15.16 25.40
C ALA C 461 32.66 -16.10 26.56
N GLN C 462 32.99 -17.37 26.28
CA GLN C 462 33.09 -18.37 27.33
C GLN C 462 34.42 -18.34 28.07
N HIS C 463 35.46 -17.74 27.47
CA HIS C 463 36.78 -17.81 28.09
C HIS C 463 36.86 -16.96 29.35
N PHE C 464 36.08 -15.88 29.45
CA PHE C 464 36.05 -15.09 30.68
C PHE C 464 34.97 -15.54 31.64
N LEU C 465 34.45 -16.75 31.47
CA LEU C 465 33.55 -17.36 32.45
C LEU C 465 34.37 -18.20 33.42
N LYS C 466 34.06 -18.08 34.71
CA LYS C 466 34.83 -18.78 35.73
C LYS C 466 34.67 -20.29 35.57
N ASP C 467 35.65 -21.03 36.07
CA ASP C 467 35.64 -22.49 35.91
C ASP C 467 34.38 -23.10 36.48
N ASP C 468 33.87 -22.56 37.59
CA ASP C 468 32.61 -22.98 38.18
C ASP C 468 31.47 -22.03 37.84
N GLY C 469 31.52 -21.40 36.66
CA GLY C 469 30.58 -20.36 36.31
C GLY C 469 29.27 -20.91 35.79
N VAL C 470 28.27 -20.02 35.76
CA VAL C 470 26.91 -20.36 35.37
C VAL C 470 26.50 -19.47 34.20
N SER C 471 25.82 -20.07 33.23
CA SER C 471 25.25 -19.36 32.10
C SER C 471 23.73 -19.41 32.18
N ILE C 472 23.09 -18.24 32.13
CA ILE C 472 21.65 -18.09 32.02
C ILE C 472 21.36 -17.48 30.66
N PRO C 473 20.73 -18.21 29.74
CA PRO C 473 20.19 -19.58 29.86
C PRO C 473 21.27 -20.66 29.89
N GLY C 474 21.03 -21.73 30.64
CA GLY C 474 21.94 -22.86 30.64
C GLY C 474 21.74 -23.80 29.47
N GLU C 475 20.52 -23.86 28.94
CA GLU C 475 20.28 -24.76 27.82
C GLU C 475 19.18 -24.20 26.93
N TYR C 476 19.20 -24.58 25.66
CA TYR C 476 18.04 -24.32 24.81
C TYR C 476 17.95 -25.39 23.73
N THR C 477 16.75 -25.48 23.15
CA THR C 477 16.40 -26.55 22.23
C THR C 477 15.35 -26.05 21.26
N SER C 478 15.48 -26.45 19.99
CA SER C 478 14.53 -26.08 18.95
C SER C 478 13.56 -27.21 18.68
N PHE C 479 12.37 -26.87 18.19
CA PHE C 479 11.31 -27.82 17.92
C PHE C 479 10.72 -27.53 16.54
N LEU C 480 10.38 -28.60 15.82
CA LEU C 480 9.78 -28.52 14.49
C LEU C 480 8.49 -29.31 14.46
N ALA C 481 7.57 -28.88 13.59
CA ALA C 481 6.29 -29.57 13.43
C ALA C 481 5.73 -29.31 12.04
N PRO C 482 5.38 -30.36 11.28
CA PRO C 482 4.83 -30.13 9.94
C PRO C 482 3.47 -29.47 10.01
N ILE C 483 3.21 -28.55 9.08
CA ILE C 483 1.96 -27.81 9.07
C ILE C 483 1.37 -27.83 7.66
N SER C 484 0.08 -27.55 7.59
CA SER C 484 -0.64 -27.41 6.32
C SER C 484 -1.34 -26.07 6.31
N SER C 485 -0.98 -25.23 5.33
CA SER C 485 -1.60 -23.91 5.21
C SER C 485 -1.37 -23.42 3.78
N SER C 486 -2.33 -23.73 2.89
CA SER C 486 -2.29 -23.18 1.54
C SER C 486 -2.29 -21.66 1.56
N LYS C 487 -2.94 -21.07 2.57
CA LYS C 487 -2.89 -19.63 2.75
C LYS C 487 -1.47 -19.13 2.89
N LEU C 488 -0.74 -19.67 3.89
CA LEU C 488 0.64 -19.24 4.10
C LEU C 488 1.55 -19.66 2.95
N TYR C 489 1.25 -20.79 2.31
CA TYR C 489 2.02 -21.19 1.14
C TYR C 489 1.92 -20.15 0.03
N ASN C 490 0.69 -19.70 -0.26
CA ASN C 490 0.52 -18.69 -1.30
C ASN C 490 1.08 -17.35 -0.86
N GLU C 491 1.02 -17.03 0.43
CA GLU C 491 1.65 -15.80 0.92
C GLU C 491 3.15 -15.82 0.68
N VAL C 492 3.79 -16.95 0.95
CA VAL C 492 5.22 -17.09 0.68
C VAL C 492 5.48 -17.03 -0.82
N ARG C 493 4.63 -17.71 -1.61
CA ARG C 493 4.81 -17.74 -3.06
C ARG C 493 4.71 -16.35 -3.67
N ALA C 494 3.90 -15.47 -3.06
CA ALA C 494 3.77 -14.10 -3.55
C ALA C 494 4.95 -13.21 -3.17
N CYS C 495 5.97 -13.74 -2.48
CA CYS C 495 7.13 -12.96 -2.08
C CYS C 495 8.25 -13.00 -3.12
N ARG C 496 7.94 -13.38 -4.36
CA ARG C 496 8.96 -13.40 -5.40
C ARG C 496 9.37 -11.98 -5.76
N GLU C 497 10.68 -11.73 -5.76
CA GLU C 497 11.23 -10.42 -6.03
C GLU C 497 12.11 -10.47 -7.28
N LYS C 498 12.21 -9.33 -7.95
CA LYS C 498 13.10 -9.21 -9.09
C LYS C 498 14.56 -9.27 -8.63
N ASP C 499 15.44 -9.65 -9.56
CA ASP C 499 16.89 -9.67 -9.35
C ASP C 499 17.31 -10.72 -8.33
N ARG C 500 16.67 -11.89 -8.35
CA ARG C 500 17.10 -13.01 -7.52
C ARG C 500 16.40 -14.28 -8.01
N ASP C 501 16.72 -15.40 -7.36
CA ASP C 501 16.14 -16.68 -7.69
C ASP C 501 14.61 -16.60 -7.57
N PRO C 502 13.86 -17.01 -8.60
CA PRO C 502 12.39 -16.95 -8.51
C PRO C 502 11.82 -17.76 -7.36
N GLU C 503 12.57 -18.70 -6.79
CA GLU C 503 12.09 -19.53 -5.69
C GLU C 503 12.89 -19.31 -4.41
N ALA C 504 13.56 -18.16 -4.28
CA ALA C 504 14.33 -17.90 -3.07
C ALA C 504 13.44 -17.71 -1.86
N GLN C 505 12.22 -17.18 -2.06
CA GLN C 505 11.33 -16.93 -0.94
C GLN C 505 10.95 -18.22 -0.21
N PHE C 506 10.98 -19.36 -0.91
CA PHE C 506 10.72 -20.63 -0.27
C PHE C 506 11.92 -21.15 0.52
N GLU C 507 13.13 -20.71 0.19
CA GLU C 507 14.35 -21.19 0.84
C GLU C 507 14.81 -20.28 1.96
N MET C 508 13.88 -19.66 2.69
CA MET C 508 14.22 -18.78 3.80
C MET C 508 13.10 -18.83 4.82
N PRO C 509 13.42 -18.72 6.10
CA PRO C 509 12.37 -18.76 7.13
C PRO C 509 11.72 -17.41 7.33
N TYR C 510 10.58 -17.43 8.01
CA TYR C 510 9.80 -16.24 8.30
C TYR C 510 9.28 -16.31 9.72
N VAL C 511 9.45 -15.23 10.48
CA VAL C 511 8.83 -15.11 11.79
C VAL C 511 7.40 -14.64 11.59
N VAL C 512 6.44 -15.43 12.07
CA VAL C 512 5.04 -15.18 11.78
C VAL C 512 4.19 -15.73 12.92
N ARG C 513 3.21 -14.94 13.36
CA ARG C 513 2.21 -15.41 14.31
C ARG C 513 1.26 -16.33 13.56
N LEU C 514 1.49 -17.64 13.66
CA LEU C 514 0.77 -18.60 12.85
C LEU C 514 -0.73 -18.56 13.16
N HIS C 515 -1.52 -18.71 12.11
CA HIS C 515 -2.97 -18.64 12.17
C HIS C 515 -3.51 -19.26 10.89
N ASN C 516 -4.75 -19.74 10.95
CA ASN C 516 -5.39 -20.41 9.82
C ASN C 516 -4.43 -21.42 9.18
N PHE C 517 -3.98 -22.34 10.01
CA PHE C 517 -3.07 -23.40 9.58
C PHE C 517 -3.50 -24.69 10.26
N HIS C 518 -2.71 -25.75 10.09
CA HIS C 518 -3.08 -27.06 10.60
C HIS C 518 -1.82 -27.83 10.93
N GLN C 519 -1.54 -28.02 12.22
CA GLN C 519 -0.43 -28.88 12.61
C GLN C 519 -0.75 -30.32 12.29
N LEU C 520 0.22 -31.03 11.72
CA LEU C 520 0.00 -32.39 11.26
C LEU C 520 0.62 -33.43 12.17
N SER C 521 1.48 -33.04 13.10
CA SER C 521 2.11 -33.97 14.01
C SER C 521 2.67 -33.20 15.20
N ALA C 522 2.80 -33.88 16.32
CA ALA C 522 3.28 -33.25 17.54
C ALA C 522 4.70 -32.72 17.35
N PRO C 523 5.01 -31.54 17.89
CA PRO C 523 6.37 -30.99 17.73
C PRO C 523 7.41 -31.90 18.37
N GLN C 524 8.54 -32.03 17.69
CA GLN C 524 9.66 -32.84 18.15
C GLN C 524 10.92 -32.00 18.19
N PRO C 525 11.83 -32.28 19.13
CA PRO C 525 13.03 -31.46 19.26
C PRO C 525 13.95 -31.61 18.06
N CYS C 526 14.60 -30.51 17.69
CA CYS C 526 15.49 -30.48 16.53
C CYS C 526 16.95 -30.34 16.99
N PHE C 527 17.36 -29.15 17.41
CA PHE C 527 18.74 -28.90 17.82
C PHE C 527 18.76 -28.42 19.26
N THR C 528 19.81 -28.81 19.98
CA THR C 528 19.98 -28.48 21.39
C THR C 528 21.39 -27.95 21.63
N PHE C 529 21.49 -26.90 22.43
CA PHE C 529 22.77 -26.31 22.81
C PHE C 529 22.82 -26.10 24.32
N SER C 530 24.00 -26.33 24.89
CA SER C 530 24.26 -26.20 26.32
C SER C 530 25.39 -25.21 26.55
N HIS C 531 25.25 -24.40 27.60
CA HIS C 531 26.27 -23.41 27.94
C HIS C 531 26.50 -23.44 29.45
N PRO C 532 27.77 -23.49 29.89
CA PRO C 532 29.01 -23.51 29.10
C PRO C 532 29.24 -24.85 28.41
N ASN C 533 30.09 -24.87 27.38
CA ASN C 533 30.33 -26.08 26.59
C ASN C 533 31.77 -26.53 26.85
N ARG C 534 31.92 -27.49 27.78
CA ARG C 534 33.24 -27.96 28.17
C ARG C 534 33.90 -28.81 27.09
N ASP C 535 33.16 -29.16 26.03
CA ASP C 535 33.66 -30.08 25.03
C ASP C 535 34.95 -29.53 24.39
N PRO C 536 35.96 -30.37 24.18
CA PRO C 536 37.16 -29.92 23.49
C PRO C 536 36.91 -29.69 22.00
N MET C 537 36.25 -30.66 21.36
CA MET C 537 35.96 -30.58 19.93
C MET C 537 34.61 -29.86 19.74
N ILE C 538 34.65 -28.54 19.94
CA ILE C 538 33.43 -27.74 19.84
C ILE C 538 32.99 -27.66 18.38
N ASP C 539 31.73 -27.98 18.13
CA ASP C 539 31.16 -27.89 16.79
C ASP C 539 29.68 -27.60 16.92
N ASN C 540 29.23 -26.51 16.30
CA ASN C 540 27.83 -26.13 16.32
C ASN C 540 27.07 -26.56 15.07
N ASN C 541 27.72 -27.31 14.18
CA ASN C 541 27.01 -27.88 13.04
C ASN C 541 26.13 -29.03 13.49
N ARG C 542 24.96 -29.15 12.88
CA ARG C 542 23.98 -30.14 13.31
C ARG C 542 23.35 -30.82 12.11
N TYR C 543 22.94 -32.07 12.30
CA TYR C 543 22.20 -32.82 11.30
C TYR C 543 21.17 -33.68 12.03
N CYS C 544 19.89 -33.38 11.81
CA CYS C 544 18.80 -34.04 12.53
C CYS C 544 17.79 -34.61 11.54
N THR C 545 17.29 -35.80 11.84
CA THR C 545 16.24 -36.45 11.07
C THR C 545 15.02 -36.62 11.96
N LEU C 546 13.84 -36.25 11.45
CA LEU C 546 12.63 -36.29 12.23
C LEU C 546 11.54 -37.05 11.48
N GLU C 547 10.90 -37.99 12.16
CA GLU C 547 9.78 -38.76 11.62
C GLU C 547 8.52 -38.33 12.37
N PHE C 548 7.60 -37.69 11.65
CA PHE C 548 6.35 -37.19 12.21
C PHE C 548 5.19 -38.09 11.80
N PRO C 549 4.56 -38.80 12.72
CA PRO C 549 3.35 -39.57 12.35
C PRO C 549 2.20 -38.64 12.04
N VAL C 550 1.49 -38.94 10.95
CA VAL C 550 0.37 -38.13 10.48
C VAL C 550 -0.89 -39.01 10.50
N GLU C 551 -1.92 -38.54 11.21
CA GLU C 551 -3.14 -39.32 11.38
C GLU C 551 -4.22 -39.00 10.37
N VAL C 552 -4.01 -38.02 9.49
CA VAL C 552 -5.05 -37.53 8.60
C VAL C 552 -4.44 -37.22 7.24
N ASN C 553 -5.28 -37.29 6.20
CA ASN C 553 -4.86 -36.82 4.88
C ASN C 553 -4.81 -35.31 4.87
N THR C 554 -3.80 -34.76 4.20
CA THR C 554 -3.55 -33.32 4.18
C THR C 554 -2.50 -33.03 3.12
N VAL C 555 -2.05 -31.78 3.07
CA VAL C 555 -1.03 -31.34 2.12
C VAL C 555 0.01 -30.52 2.88
N LEU C 556 1.21 -31.07 3.00
CA LEU C 556 2.30 -30.39 3.68
C LEU C 556 2.75 -29.16 2.88
N HIS C 557 2.81 -28.01 3.55
CA HIS C 557 3.32 -26.78 2.97
C HIS C 557 4.57 -26.24 3.66
N GLY C 558 4.87 -26.67 4.87
CA GLY C 558 6.04 -26.17 5.57
C GLY C 558 6.12 -26.73 6.97
N PHE C 559 7.05 -26.18 7.74
CA PHE C 559 7.32 -26.65 9.10
C PHE C 559 7.35 -25.46 10.05
N ALA C 560 6.50 -25.49 11.05
CA ALA C 560 6.56 -24.53 12.14
C ALA C 560 7.71 -24.84 13.08
N GLY C 561 8.31 -23.78 13.63
CA GLY C 561 9.44 -23.92 14.52
C GLY C 561 9.31 -23.10 15.79
N TYR C 562 9.64 -23.73 16.92
CA TYR C 562 9.52 -23.15 18.26
C TYR C 562 10.80 -23.43 19.03
N PHE C 563 10.86 -22.99 20.28
CA PHE C 563 12.03 -23.26 21.10
C PHE C 563 11.62 -23.38 22.58
N GLU C 564 12.50 -24.02 23.34
CA GLU C 564 12.40 -24.12 24.79
C GLU C 564 13.77 -23.87 25.37
N THR C 565 13.86 -23.01 26.38
CA THR C 565 15.13 -22.71 27.01
C THR C 565 15.03 -22.88 28.52
N VAL C 566 16.05 -23.50 29.10
CA VAL C 566 16.21 -23.62 30.55
C VAL C 566 17.18 -22.53 30.97
N LEU C 567 16.66 -21.52 31.69
CA LEU C 567 17.51 -20.46 32.20
C LEU C 567 18.30 -20.91 33.41
N TYR C 568 17.62 -21.53 34.38
CA TYR C 568 18.26 -22.08 35.56
C TYR C 568 17.31 -23.02 36.30
N GLN C 569 17.66 -24.30 36.37
CA GLN C 569 16.90 -25.33 37.11
C GLN C 569 15.48 -25.39 36.53
N ASP C 570 14.44 -25.13 37.32
CA ASP C 570 13.07 -25.26 36.85
C ASP C 570 12.54 -23.98 36.19
N ILE C 571 13.35 -22.93 36.08
CA ILE C 571 12.93 -21.69 35.45
C ILE C 571 13.22 -21.81 33.95
N THR C 572 12.16 -21.81 33.15
CA THR C 572 12.27 -22.02 31.72
C THR C 572 11.38 -21.03 30.98
N LEU C 573 11.70 -20.85 29.70
CA LEU C 573 10.86 -20.10 28.78
C LEU C 573 10.56 -20.99 27.58
N SER C 574 9.43 -20.74 26.93
CA SER C 574 9.04 -21.59 25.80
C SER C 574 7.95 -20.92 24.98
N ILE C 575 8.06 -21.06 23.66
CA ILE C 575 6.98 -20.74 22.74
C ILE C 575 6.38 -21.98 22.12
N ARG C 576 6.88 -23.16 22.45
CA ARG C 576 6.30 -24.40 21.99
C ARG C 576 4.86 -24.51 22.49
N PRO C 577 3.88 -24.74 21.62
CA PRO C 577 2.47 -24.61 22.04
C PRO C 577 2.08 -25.46 23.24
N GLU C 578 2.73 -26.61 23.44
CA GLU C 578 2.36 -27.47 24.56
C GLU C 578 2.87 -26.89 25.88
N THR C 579 4.08 -26.36 25.88
CA THR C 579 4.71 -25.81 27.09
C THR C 579 4.93 -24.31 26.99
N HIS C 580 4.08 -23.61 26.23
N HIS C 580 4.09 -23.62 26.23
CA HIS C 580 4.25 -22.19 26.00
CA HIS C 580 4.31 -22.20 25.99
C HIS C 580 4.14 -21.41 27.30
C HIS C 580 4.16 -21.41 27.29
N SER C 581 5.09 -20.50 27.52
CA SER C 581 5.04 -19.65 28.70
C SER C 581 3.84 -18.71 28.60
N PRO C 582 2.95 -18.69 29.60
CA PRO C 582 1.70 -17.94 29.46
C PRO C 582 1.95 -16.43 29.48
N GLY C 583 1.34 -15.74 28.52
CA GLY C 583 1.40 -14.29 28.49
C GLY C 583 2.71 -13.70 28.01
N MET C 584 3.58 -14.49 27.40
CA MET C 584 4.85 -14.01 26.89
C MET C 584 4.71 -13.74 25.40
N PHE C 585 4.99 -12.49 24.99
CA PHE C 585 4.85 -12.09 23.60
C PHE C 585 6.14 -11.38 23.14
N SER C 586 7.26 -12.08 23.27
CA SER C 586 8.53 -11.63 22.72
C SER C 586 8.89 -12.34 21.43
N TRP C 587 8.56 -13.62 21.30
CA TRP C 587 8.82 -14.40 20.11
C TRP C 587 7.51 -14.88 19.50
N PHE C 588 7.43 -14.84 18.18
CA PHE C 588 6.45 -15.56 17.39
C PHE C 588 7.08 -16.83 16.84
N PRO C 589 6.28 -17.80 16.42
CA PRO C 589 6.85 -19.00 15.80
C PRO C 589 7.55 -18.66 14.49
N ILE C 590 8.41 -19.58 14.06
CA ILE C 590 9.12 -19.43 12.79
C ILE C 590 8.53 -20.44 11.81
N LEU C 591 8.81 -20.24 10.52
CA LEU C 591 8.24 -21.08 9.47
C LEU C 591 9.29 -21.37 8.41
N PHE C 592 9.60 -22.64 8.21
CA PHE C 592 10.44 -23.08 7.11
C PHE C 592 9.55 -23.68 6.03
N PRO C 593 9.28 -22.98 4.94
CA PRO C 593 8.39 -23.51 3.91
C PRO C 593 9.13 -24.45 2.96
N ILE C 594 8.39 -24.99 2.00
CA ILE C 594 8.95 -25.84 0.96
C ILE C 594 8.41 -25.36 -0.39
N LYS C 595 9.20 -25.60 -1.44
CA LYS C 595 8.83 -25.13 -2.78
C LYS C 595 7.50 -25.73 -3.23
N GLN C 596 7.43 -27.06 -3.30
CA GLN C 596 6.24 -27.73 -3.80
C GLN C 596 5.50 -28.39 -2.65
N PRO C 597 4.19 -28.17 -2.54
CA PRO C 597 3.41 -28.85 -1.50
C PRO C 597 3.40 -30.35 -1.72
N ILE C 598 3.30 -31.10 -0.63
CA ILE C 598 3.47 -32.55 -0.66
C ILE C 598 2.19 -33.21 -0.13
N THR C 599 1.56 -34.03 -0.95
CA THR C 599 0.37 -34.75 -0.52
C THR C 599 0.73 -35.79 0.52
N VAL C 600 -0.03 -35.85 1.61
CA VAL C 600 0.19 -36.82 2.69
C VAL C 600 -1.13 -37.51 2.97
N ARG C 601 -1.10 -38.83 3.01
CA ARG C 601 -2.29 -39.62 3.32
C ARG C 601 -2.28 -40.06 4.78
N GLU C 602 -3.46 -40.51 5.24
CA GLU C 602 -3.59 -40.95 6.63
C GLU C 602 -2.67 -42.12 6.91
N GLY C 603 -1.98 -42.06 8.06
CA GLY C 603 -1.07 -43.09 8.47
C GLY C 603 0.35 -42.93 7.97
N GLN C 604 0.56 -42.16 6.90
CA GLN C 604 1.90 -41.94 6.41
C GLN C 604 2.71 -41.12 7.41
N THR C 605 4.03 -41.20 7.28
CA THR C 605 4.96 -40.51 8.16
C THR C 605 5.75 -39.50 7.37
N ILE C 606 5.75 -38.25 7.83
CA ILE C 606 6.51 -37.18 7.21
C ILE C 606 7.92 -37.20 7.80
N CYS C 607 8.90 -37.60 7.00
CA CYS C 607 10.29 -37.60 7.43
C CYS C 607 10.99 -36.41 6.80
N VAL C 608 11.51 -35.52 7.66
CA VAL C 608 12.19 -34.30 7.27
C VAL C 608 13.61 -34.32 7.81
N ARG C 609 14.52 -33.67 7.10
CA ARG C 609 15.91 -33.57 7.48
C ARG C 609 16.28 -32.10 7.65
N PHE C 610 17.11 -31.81 8.65
CA PHE C 610 17.51 -30.44 8.93
C PHE C 610 19.01 -30.38 9.20
N TRP C 611 19.67 -29.39 8.61
CA TRP C 611 21.10 -29.16 8.81
C TRP C 611 21.32 -27.76 9.35
N ARG C 612 22.23 -27.63 10.30
CA ARG C 612 22.77 -26.36 10.74
C ARG C 612 24.23 -26.31 10.29
N CYS C 613 24.49 -25.57 9.23
CA CYS C 613 25.81 -25.46 8.63
C CYS C 613 26.41 -24.09 8.91
N SER C 614 27.71 -23.98 8.69
CA SER C 614 28.42 -22.73 8.99
C SER C 614 29.79 -22.76 8.33
N ASN C 615 30.34 -21.57 8.11
CA ASN C 615 31.74 -21.41 7.74
C ASN C 615 32.33 -20.35 8.68
N SER C 616 33.38 -19.68 8.22
CA SER C 616 34.02 -18.66 9.06
C SER C 616 33.14 -17.43 9.22
N LYS C 617 32.27 -17.17 8.25
CA LYS C 617 31.51 -15.92 8.20
C LYS C 617 30.01 -16.10 8.36
N LYS C 618 29.44 -17.19 7.85
CA LYS C 618 27.99 -17.35 7.79
C LYS C 618 27.56 -18.61 8.53
N VAL C 619 26.31 -18.59 8.97
CA VAL C 619 25.61 -19.77 9.47
C VAL C 619 24.26 -19.82 8.78
N TRP C 620 23.81 -21.02 8.42
CA TRP C 620 22.56 -21.15 7.71
C TRP C 620 21.95 -22.52 7.98
N TYR C 621 20.67 -22.66 7.62
CA TYR C 621 19.95 -23.92 7.75
C TYR C 621 19.65 -24.48 6.37
N GLU C 622 19.86 -25.79 6.22
CA GLU C 622 19.40 -26.54 5.06
C GLU C 622 18.38 -27.57 5.53
N TRP C 623 17.38 -27.83 4.69
CA TRP C 623 16.37 -28.80 5.06
C TRP C 623 15.77 -29.42 3.81
N ALA C 624 15.21 -30.61 3.98
CA ALA C 624 14.60 -31.34 2.88
C ALA C 624 13.69 -32.42 3.44
N VAL C 625 12.55 -32.62 2.79
CA VAL C 625 11.62 -33.68 3.16
C VAL C 625 12.04 -34.96 2.44
N THR C 626 12.11 -36.07 3.17
CA THR C 626 12.42 -37.35 2.57
C THR C 626 11.24 -38.31 2.53
N ALA C 627 10.22 -38.11 3.36
CA ALA C 627 9.05 -38.97 3.32
C ALA C 627 7.80 -38.14 3.58
N PRO C 628 6.66 -38.51 2.97
CA PRO C 628 6.40 -39.70 2.14
C PRO C 628 7.00 -39.59 0.74
N VAL C 629 7.45 -38.41 0.35
CA VAL C 629 8.13 -38.20 -0.92
C VAL C 629 9.25 -37.20 -0.70
N CYS C 630 10.27 -37.29 -1.53
CA CYS C 630 11.42 -36.40 -1.39
C CYS C 630 11.16 -35.06 -2.06
N SER C 631 11.70 -34.02 -1.45
CA SER C 631 11.74 -32.68 -2.02
C SER C 631 13.19 -32.33 -2.34
N ALA C 632 13.39 -31.12 -2.84
CA ALA C 632 14.74 -30.62 -3.05
C ALA C 632 15.33 -30.14 -1.73
N ILE C 633 16.66 -30.19 -1.64
CA ILE C 633 17.34 -29.64 -0.47
C ILE C 633 17.23 -28.13 -0.52
N HIS C 634 16.61 -27.56 0.51
CA HIS C 634 16.31 -26.13 0.52
C HIS C 634 17.47 -25.33 1.10
N ASN C 635 17.74 -24.19 0.47
CA ASN C 635 18.82 -23.27 0.83
C ASN C 635 20.18 -23.98 0.86
N PRO C 636 20.62 -24.60 -0.24
CA PRO C 636 21.95 -25.22 -0.24
C PRO C 636 23.03 -24.15 -0.30
N THR C 637 24.10 -24.37 0.48
CA THR C 637 25.19 -23.41 0.60
C THR C 637 24.69 -22.04 1.04
N GLY C 638 23.51 -22.00 1.66
CA GLY C 638 22.93 -20.77 2.15
C GLY C 638 22.73 -19.76 1.03
N ARG C 639 22.45 -20.28 -0.17
CA ARG C 639 22.38 -19.42 -1.34
C ARG C 639 21.24 -18.42 -1.24
N SER C 640 20.20 -18.73 -0.45
CA SER C 640 19.04 -17.86 -0.33
C SER C 640 18.90 -17.22 1.04
N TYR C 641 19.48 -17.83 2.09
CA TYR C 641 19.37 -17.27 3.43
C TYR C 641 20.60 -17.64 4.24
N THR C 642 21.26 -16.63 4.81
CA THR C 642 22.41 -16.83 5.67
C THR C 642 22.30 -15.92 6.88
N ILE C 643 22.95 -16.34 7.97
CA ILE C 643 23.00 -15.58 9.21
C ILE C 643 24.44 -15.18 9.46
N GLY C 644 24.70 -13.88 9.47
CA GLY C 644 26.07 -13.39 9.49
C GLY C 644 26.70 -13.43 10.88
N LEU C 645 27.96 -13.85 10.93
CA LEU C 645 28.71 -13.87 12.17
C LEU C 645 29.44 -12.54 12.38
N MET D 35 -47.96 -5.74 -19.55
CA MET D 35 -47.50 -7.09 -19.25
C MET D 35 -45.99 -7.20 -19.44
N GLU D 36 -45.37 -8.12 -18.70
CA GLU D 36 -43.94 -8.36 -18.82
C GLU D 36 -43.64 -9.19 -20.07
N ARG D 37 -42.42 -9.05 -20.57
CA ARG D 37 -42.08 -9.59 -21.88
C ARG D 37 -42.10 -11.13 -21.89
N GLN D 38 -41.54 -11.76 -20.87
CA GLN D 38 -41.30 -13.20 -20.90
C GLN D 38 -42.54 -13.94 -20.42
N LEU D 39 -43.27 -14.55 -21.35
CA LEU D 39 -44.42 -15.38 -21.01
C LEU D 39 -43.94 -16.78 -20.63
N GLU D 40 -44.38 -17.25 -19.47
CA GLU D 40 -43.92 -18.53 -18.93
C GLU D 40 -44.94 -19.65 -19.03
N ALA D 41 -46.21 -19.37 -18.77
CA ALA D 41 -47.20 -20.43 -18.66
C ALA D 41 -48.48 -20.08 -19.41
N ALA D 42 -49.05 -21.08 -20.10
CA ALA D 42 -50.33 -20.96 -20.77
C ALA D 42 -51.12 -22.23 -20.50
N ARG D 43 -52.24 -22.10 -19.78
CA ARG D 43 -53.03 -23.25 -19.36
C ARG D 43 -54.50 -23.00 -19.66
N TYR D 44 -55.14 -23.92 -20.36
CA TYR D 44 -56.55 -23.78 -20.69
C TYR D 44 -57.42 -24.30 -19.54
N ARG D 45 -58.48 -23.56 -19.23
CA ARG D 45 -59.46 -24.06 -18.29
C ARG D 45 -60.48 -24.92 -19.03
N SER D 46 -61.23 -25.73 -18.26
CA SER D 46 -62.17 -26.67 -18.86
C SER D 46 -63.20 -25.97 -19.72
N ASP D 47 -63.64 -24.77 -19.33
CA ASP D 47 -64.64 -24.05 -20.10
C ASP D 47 -64.06 -23.25 -21.26
N GLY D 48 -62.75 -23.30 -21.47
CA GLY D 48 -62.13 -22.63 -22.59
C GLY D 48 -61.30 -21.40 -22.25
N ALA D 49 -61.43 -20.85 -21.05
CA ALA D 49 -60.67 -19.65 -20.70
C ALA D 49 -59.19 -19.97 -20.59
N LEU D 50 -58.35 -19.04 -21.04
CA LEU D 50 -56.91 -19.22 -21.07
C LEU D 50 -56.25 -18.48 -19.90
N LEU D 51 -55.29 -19.12 -19.26
CA LEU D 51 -54.56 -18.56 -18.13
C LEU D 51 -53.11 -18.37 -18.52
N LEU D 52 -52.61 -17.15 -18.34
CA LEU D 52 -51.25 -16.78 -18.72
C LEU D 52 -50.47 -16.37 -17.48
N GLY D 53 -49.24 -16.86 -17.37
CA GLY D 53 -48.32 -16.45 -16.33
C GLY D 53 -47.04 -15.93 -16.94
N ALA D 54 -46.67 -14.70 -16.63
CA ALA D 54 -45.54 -14.05 -17.27
C ALA D 54 -44.58 -13.48 -16.23
N SER D 55 -43.35 -13.23 -16.65
CA SER D 55 -42.32 -12.65 -15.80
C SER D 55 -41.50 -11.66 -16.61
N SER D 56 -40.80 -10.78 -15.89
CA SER D 56 -39.83 -9.86 -16.49
C SER D 56 -38.44 -10.35 -16.09
N LEU D 57 -37.71 -10.91 -17.06
CA LEU D 57 -36.39 -11.46 -16.81
C LEU D 57 -35.28 -10.50 -17.19
N SER D 58 -35.60 -9.22 -17.36
CA SER D 58 -34.62 -8.19 -17.66
C SER D 58 -35.24 -6.85 -17.36
N GLY D 59 -34.39 -5.82 -17.28
CA GLY D 59 -34.85 -4.49 -16.97
C GLY D 59 -34.77 -4.18 -15.49
N ARG D 60 -35.35 -3.03 -15.14
CA ARG D 60 -35.29 -2.55 -13.77
C ARG D 60 -36.00 -3.50 -12.81
N CYS D 61 -37.20 -3.93 -13.19
CA CYS D 61 -38.04 -4.75 -12.32
C CYS D 61 -38.00 -6.20 -12.79
N TRP D 62 -37.81 -7.11 -11.84
CA TRP D 62 -37.85 -8.55 -12.09
C TRP D 62 -39.05 -9.14 -11.37
N ALA D 63 -40.24 -8.83 -11.88
CA ALA D 63 -41.49 -9.26 -11.25
C ALA D 63 -42.25 -10.21 -12.17
N GLY D 64 -43.52 -10.46 -11.85
CA GLY D 64 -44.36 -11.34 -12.63
C GLY D 64 -45.80 -10.91 -12.61
N SER D 65 -46.62 -11.64 -13.35
CA SER D 65 -48.03 -11.27 -13.49
C SER D 65 -48.84 -12.49 -13.90
N LEU D 66 -50.11 -12.48 -13.51
CA LEU D 66 -51.08 -13.51 -13.88
C LEU D 66 -52.24 -12.88 -14.61
N TRP D 67 -52.77 -13.59 -15.61
CA TRP D 67 -53.83 -13.06 -16.44
C TRP D 67 -54.81 -14.17 -16.81
N LEU D 68 -56.09 -13.82 -16.87
CA LEU D 68 -57.16 -14.69 -17.32
C LEU D 68 -57.84 -14.05 -18.52
N PHE D 69 -57.96 -14.80 -19.61
CA PHE D 69 -58.55 -14.34 -20.86
C PHE D 69 -59.70 -15.28 -21.21
N LYS D 70 -60.93 -14.81 -21.02
CA LYS D 70 -62.08 -15.56 -21.51
C LYS D 70 -62.20 -15.46 -23.03
N ASP D 71 -61.58 -14.45 -23.63
CA ASP D 71 -61.41 -14.40 -25.07
C ASP D 71 -60.00 -14.86 -25.39
N PRO D 72 -59.82 -16.05 -25.98
CA PRO D 72 -58.44 -16.56 -26.13
C PRO D 72 -57.63 -15.82 -27.18
N CYS D 73 -58.24 -15.45 -28.31
CA CYS D 73 -57.52 -14.77 -29.37
C CYS D 73 -57.19 -13.33 -29.03
N ALA D 74 -57.72 -12.79 -27.93
CA ALA D 74 -57.37 -11.45 -27.50
C ALA D 74 -56.02 -11.39 -26.80
N ALA D 75 -55.54 -12.51 -26.27
CA ALA D 75 -54.23 -12.54 -25.64
C ALA D 75 -53.14 -12.36 -26.69
N PRO D 76 -51.97 -11.82 -26.30
CA PRO D 76 -51.57 -11.39 -24.96
C PRO D 76 -51.90 -9.93 -24.65
N ASN D 77 -52.78 -9.30 -25.42
CA ASN D 77 -53.08 -7.89 -25.23
C ASN D 77 -53.74 -7.66 -23.88
N GLU D 78 -53.15 -6.79 -23.07
CA GLU D 78 -53.66 -6.53 -21.73
C GLU D 78 -54.97 -5.75 -21.74
N GLY D 79 -55.28 -5.06 -22.84
CA GLY D 79 -56.50 -4.27 -22.89
C GLY D 79 -57.74 -5.14 -22.95
N PHE D 80 -57.75 -6.11 -23.86
CA PHE D 80 -58.88 -7.02 -24.02
C PHE D 80 -58.70 -8.23 -23.11
N CYS D 81 -58.71 -7.95 -21.81
CA CYS D 81 -58.40 -8.95 -20.79
C CYS D 81 -59.58 -9.15 -19.87
N SER D 82 -59.70 -10.37 -19.32
CA SER D 82 -60.78 -10.70 -18.40
C SER D 82 -60.39 -10.51 -16.94
N ALA D 83 -59.13 -10.79 -16.57
CA ALA D 83 -58.67 -10.53 -15.22
C ALA D 83 -57.15 -10.47 -15.21
N GLY D 84 -56.59 -9.67 -14.32
CA GLY D 84 -55.15 -9.53 -14.26
C GLY D 84 -54.69 -9.17 -12.86
N VAL D 85 -53.48 -9.60 -12.52
CA VAL D 85 -52.88 -9.30 -11.23
C VAL D 85 -51.37 -9.23 -11.39
N GLN D 86 -50.74 -8.31 -10.64
CA GLN D 86 -49.31 -8.11 -10.64
C GLN D 86 -48.72 -8.70 -9.38
N THR D 87 -47.78 -9.63 -9.52
CA THR D 87 -47.15 -10.27 -8.39
C THR D 87 -45.86 -9.54 -8.01
N GLU D 88 -45.41 -9.77 -6.78
CA GLU D 88 -44.19 -9.11 -6.31
C GLU D 88 -42.95 -9.66 -7.02
N ALA D 89 -42.93 -10.95 -7.30
CA ALA D 89 -41.79 -11.60 -7.93
C ALA D 89 -42.27 -12.39 -9.15
N GLY D 90 -41.30 -12.88 -9.92
CA GLY D 90 -41.62 -13.60 -11.13
C GLY D 90 -42.25 -14.95 -10.86
N VAL D 91 -42.75 -15.56 -11.94
CA VAL D 91 -43.41 -16.86 -11.88
C VAL D 91 -42.60 -17.85 -12.71
N ALA D 92 -42.28 -19.02 -12.13
CA ALA D 92 -41.51 -20.00 -12.85
C ALA D 92 -42.39 -21.07 -13.47
N ASP D 93 -43.34 -21.59 -12.69
CA ASP D 93 -44.29 -22.57 -13.19
C ASP D 93 -45.69 -22.20 -12.69
N LEU D 94 -46.70 -22.79 -13.31
CA LEU D 94 -48.08 -22.44 -13.04
C LEU D 94 -48.96 -23.65 -13.31
N THR D 95 -50.08 -23.74 -12.61
CA THR D 95 -51.01 -24.85 -12.82
C THR D 95 -52.37 -24.49 -12.22
N TRP D 96 -53.41 -25.04 -12.83
CA TRP D 96 -54.77 -24.82 -12.34
C TRP D 96 -55.03 -25.67 -11.09
N VAL D 97 -55.89 -25.13 -10.23
CA VAL D 97 -56.41 -25.90 -9.10
C VAL D 97 -57.93 -25.90 -9.21
N GLY D 98 -58.47 -26.80 -10.02
CA GLY D 98 -59.89 -26.83 -10.27
C GLY D 98 -60.31 -25.84 -11.33
N GLU D 99 -61.16 -24.89 -10.95
CA GLU D 99 -61.63 -23.85 -11.87
C GLU D 99 -61.38 -22.44 -11.36
N ARG D 100 -61.15 -22.25 -10.07
CA ARG D 100 -60.93 -20.92 -9.49
C ARG D 100 -59.59 -20.76 -8.79
N GLY D 101 -58.83 -21.83 -8.61
CA GLY D 101 -57.55 -21.77 -7.92
C GLY D 101 -56.39 -21.79 -8.90
N ILE D 102 -55.39 -20.95 -8.63
CA ILE D 102 -54.21 -20.83 -9.47
C ILE D 102 -52.99 -21.02 -8.57
N LEU D 103 -52.19 -22.06 -8.86
CA LEU D 103 -51.02 -22.38 -8.07
C LEU D 103 -49.77 -21.83 -8.77
N VAL D 104 -48.93 -21.15 -8.00
CA VAL D 104 -47.81 -20.39 -8.52
C VAL D 104 -46.54 -20.82 -7.79
N ALA D 105 -45.50 -21.14 -8.57
CA ALA D 105 -44.16 -21.30 -8.06
C ALA D 105 -43.41 -20.00 -8.32
N SER D 106 -42.92 -19.36 -7.26
CA SER D 106 -42.35 -18.03 -7.39
C SER D 106 -40.84 -18.08 -7.30
N ASP D 107 -40.19 -17.06 -7.88
CA ASP D 107 -38.74 -16.94 -7.74
C ASP D 107 -38.34 -16.71 -6.29
N SER D 108 -39.23 -16.13 -5.49
CA SER D 108 -38.96 -15.82 -4.10
C SER D 108 -38.84 -17.05 -3.22
N GLY D 109 -38.86 -18.24 -3.81
CA GLY D 109 -38.94 -19.46 -3.05
C GLY D 109 -40.31 -19.79 -2.51
N ALA D 110 -41.34 -19.04 -2.88
CA ALA D 110 -42.66 -19.21 -2.31
C ALA D 110 -43.54 -20.07 -3.22
N VAL D 111 -44.47 -20.77 -2.59
CA VAL D 111 -45.59 -21.39 -3.28
C VAL D 111 -46.83 -20.58 -2.92
N GLU D 112 -47.54 -20.12 -3.94
CA GLU D 112 -48.61 -19.14 -3.74
C GLU D 112 -49.88 -19.64 -4.40
N LEU D 113 -50.98 -19.65 -3.65
CA LEU D 113 -52.28 -19.99 -4.18
C LEU D 113 -53.11 -18.71 -4.29
N TRP D 114 -53.52 -18.38 -5.51
CA TRP D 114 -54.38 -17.24 -5.81
C TRP D 114 -55.78 -17.75 -6.11
N GLU D 115 -56.78 -17.15 -5.47
CA GLU D 115 -58.16 -17.52 -5.69
C GLU D 115 -58.82 -16.54 -6.66
N LEU D 116 -59.73 -17.06 -7.48
CA LEU D 116 -60.41 -16.25 -8.48
C LEU D 116 -61.69 -15.65 -7.88
N ASP D 117 -61.94 -14.39 -8.23
CA ASP D 117 -63.05 -13.64 -7.65
C ASP D 117 -64.39 -14.25 -8.07
N GLU D 118 -65.42 -13.97 -7.26
CA GLU D 118 -66.79 -14.38 -7.57
C GLU D 118 -67.18 -13.94 -8.99
N ASN D 119 -66.95 -12.68 -9.31
CA ASN D 119 -67.25 -12.19 -10.66
C ASN D 119 -66.24 -12.68 -11.69
N GLU D 120 -65.13 -13.29 -11.24
CA GLU D 120 -64.03 -13.67 -12.12
C GLU D 120 -63.46 -12.47 -12.86
N THR D 121 -63.39 -11.33 -12.16
CA THR D 121 -62.73 -10.13 -12.65
C THR D 121 -61.47 -9.78 -11.86
N LEU D 122 -61.36 -10.24 -10.62
CA LEU D 122 -60.21 -9.98 -9.78
C LEU D 122 -59.49 -11.29 -9.46
N ILE D 123 -58.23 -11.16 -9.05
CA ILE D 123 -57.41 -12.29 -8.63
C ILE D 123 -56.77 -11.92 -7.30
N VAL D 124 -57.06 -12.70 -6.26
CA VAL D 124 -56.62 -12.40 -4.90
C VAL D 124 -55.75 -13.54 -4.40
N SER D 125 -54.71 -13.19 -3.64
CA SER D 125 -53.80 -14.18 -3.07
C SER D 125 -54.47 -14.87 -1.88
N LYS D 126 -54.71 -16.18 -2.01
CA LYS D 126 -55.28 -16.92 -0.89
C LYS D 126 -54.21 -17.28 0.14
N PHE D 127 -53.06 -17.77 -0.32
CA PHE D 127 -51.93 -17.92 0.59
C PHE D 127 -50.62 -17.81 -0.17
N CYS D 128 -49.54 -17.58 0.57
CA CYS D 128 -48.21 -17.45 -0.01
C CYS D 128 -47.22 -17.92 1.05
N LYS D 129 -46.74 -19.16 0.91
CA LYS D 129 -45.89 -19.78 1.92
C LYS D 129 -44.47 -19.89 1.41
N TYR D 130 -43.52 -19.45 2.23
CA TYR D 130 -42.08 -19.51 1.93
C TYR D 130 -41.49 -20.69 2.70
N GLU D 131 -41.58 -21.88 2.10
CA GLU D 131 -40.96 -23.07 2.67
C GLU D 131 -39.77 -23.58 1.88
N HIS D 132 -39.73 -23.32 0.56
CA HIS D 132 -38.53 -23.61 -0.21
C HIS D 132 -37.48 -22.53 0.03
N ASP D 133 -36.22 -22.92 -0.08
CA ASP D 133 -35.13 -21.98 0.14
C ASP D 133 -34.72 -21.24 -1.13
N ASP D 134 -34.69 -21.93 -2.27
CA ASP D 134 -34.32 -21.34 -3.54
C ASP D 134 -35.55 -21.22 -4.44
N ILE D 135 -35.32 -20.94 -5.72
CA ILE D 135 -36.41 -20.79 -6.68
C ILE D 135 -37.22 -22.08 -6.75
N VAL D 136 -38.54 -21.94 -6.71
CA VAL D 136 -39.44 -23.05 -6.96
C VAL D 136 -39.63 -23.13 -8.48
N SER D 137 -39.12 -24.20 -9.09
CA SER D 137 -39.02 -24.28 -10.54
C SER D 137 -40.14 -25.08 -11.19
N THR D 138 -40.95 -25.80 -10.41
CA THR D 138 -42.01 -26.60 -10.99
C THR D 138 -43.05 -26.92 -9.92
N VAL D 139 -44.31 -27.04 -10.35
CA VAL D 139 -45.42 -27.40 -9.48
C VAL D 139 -46.36 -28.31 -10.27
N SER D 140 -47.06 -29.18 -9.55
CA SER D 140 -48.01 -30.09 -10.18
C SER D 140 -49.06 -30.49 -9.16
N VAL D 141 -50.32 -30.49 -9.57
CA VAL D 141 -51.42 -30.83 -8.68
C VAL D 141 -51.71 -32.32 -8.79
N LEU D 142 -51.89 -32.98 -7.65
CA LEU D 142 -52.14 -34.41 -7.63
C LEU D 142 -53.56 -34.69 -8.12
N SER D 143 -53.89 -35.99 -8.20
CA SER D 143 -55.15 -36.39 -8.84
C SER D 143 -56.36 -35.92 -8.04
N SER D 144 -56.25 -35.91 -6.71
CA SER D 144 -57.39 -35.54 -5.89
C SER D 144 -57.74 -34.07 -5.98
N GLY D 145 -56.83 -33.23 -6.48
CA GLY D 145 -57.06 -31.80 -6.52
C GLY D 145 -57.00 -31.11 -5.18
N THR D 146 -56.74 -31.85 -4.10
CA THR D 146 -56.61 -31.28 -2.77
C THR D 146 -55.17 -31.18 -2.30
N GLN D 147 -54.24 -31.86 -2.98
CA GLN D 147 -52.82 -31.81 -2.64
C GLN D 147 -52.02 -31.45 -3.88
N ALA D 148 -50.80 -30.99 -3.66
CA ALA D 148 -49.92 -30.58 -4.74
C ALA D 148 -48.49 -30.99 -4.42
N VAL D 149 -47.65 -31.02 -5.44
CA VAL D 149 -46.24 -31.34 -5.30
C VAL D 149 -45.44 -30.23 -5.98
N SER D 150 -44.32 -29.85 -5.37
CA SER D 150 -43.50 -28.76 -5.88
C SER D 150 -42.03 -29.15 -5.84
N GLY D 151 -41.31 -28.78 -6.90
CA GLY D 151 -39.88 -28.97 -6.97
C GLY D 151 -39.17 -27.64 -7.05
N SER D 152 -38.01 -27.56 -6.42
CA SER D 152 -37.30 -26.29 -6.32
C SER D 152 -35.82 -26.49 -6.60
N LYS D 153 -35.13 -25.36 -6.82
CA LYS D 153 -33.69 -25.37 -7.00
C LYS D 153 -32.93 -25.62 -5.70
N ASP D 154 -33.64 -25.75 -4.57
CA ASP D 154 -33.02 -26.15 -3.32
C ASP D 154 -32.97 -27.67 -3.16
N ILE D 155 -32.91 -28.39 -4.28
N ILE D 155 -32.85 -28.40 -4.28
CA ILE D 155 -32.73 -29.84 -4.33
CA ILE D 155 -32.70 -29.85 -4.30
C ILE D 155 -33.91 -30.58 -3.71
C ILE D 155 -33.96 -30.55 -3.79
N CYS D 156 -34.77 -29.85 -3.00
CA CYS D 156 -35.87 -30.46 -2.27
C CYS D 156 -37.15 -30.56 -3.10
N ILE D 157 -38.05 -31.44 -2.66
CA ILE D 157 -39.37 -31.63 -3.23
C ILE D 157 -40.37 -31.65 -2.07
N LYS D 158 -41.45 -30.88 -2.20
CA LYS D 158 -42.37 -30.72 -1.09
C LYS D 158 -43.80 -31.06 -1.50
N VAL D 159 -44.52 -31.74 -0.60
CA VAL D 159 -45.92 -32.09 -0.78
C VAL D 159 -46.76 -31.15 0.07
N TRP D 160 -47.83 -30.63 -0.51
CA TRP D 160 -48.63 -29.58 0.11
C TRP D 160 -50.08 -30.01 0.19
N ASP D 161 -50.71 -29.77 1.35
CA ASP D 161 -52.15 -29.86 1.49
C ASP D 161 -52.73 -28.47 1.26
N LEU D 162 -53.36 -28.27 0.10
CA LEU D 162 -53.78 -26.94 -0.31
C LEU D 162 -54.85 -26.36 0.60
N ALA D 163 -55.73 -27.21 1.14
CA ALA D 163 -56.78 -26.71 2.03
C ALA D 163 -56.20 -26.23 3.35
N GLN D 164 -55.35 -27.04 3.97
CA GLN D 164 -54.78 -26.68 5.26
C GLN D 164 -53.65 -25.67 5.14
N GLN D 165 -53.10 -25.47 3.93
CA GLN D 165 -52.06 -24.49 3.67
C GLN D 165 -50.78 -24.80 4.46
N VAL D 166 -50.40 -26.08 4.45
CA VAL D 166 -49.19 -26.54 5.13
C VAL D 166 -48.46 -27.54 4.24
N VAL D 167 -47.24 -27.88 4.65
CA VAL D 167 -46.42 -28.85 3.94
C VAL D 167 -46.47 -30.16 4.73
N LEU D 168 -47.07 -31.18 4.12
CA LEU D 168 -47.17 -32.48 4.80
C LEU D 168 -45.82 -33.17 4.85
N SER D 169 -45.17 -33.33 3.70
CA SER D 169 -43.90 -34.04 3.60
C SER D 169 -42.89 -33.19 2.83
N SER D 170 -41.63 -33.31 3.23
CA SER D 170 -40.52 -32.62 2.58
C SER D 170 -39.40 -33.63 2.36
N TYR D 171 -39.05 -33.84 1.09
CA TYR D 171 -38.07 -34.85 0.71
C TYR D 171 -36.84 -34.20 0.11
N ARG D 172 -35.67 -34.76 0.40
CA ARG D 172 -34.42 -34.40 -0.23
C ARG D 172 -33.86 -35.68 -0.85
N ALA D 173 -34.40 -36.03 -2.02
CA ALA D 173 -34.03 -37.27 -2.68
C ALA D 173 -32.97 -37.09 -3.76
N HIS D 174 -32.88 -35.90 -4.36
CA HIS D 174 -31.94 -35.65 -5.43
C HIS D 174 -30.63 -35.09 -4.87
N ALA D 175 -29.67 -34.87 -5.76
CA ALA D 175 -28.40 -34.23 -5.42
C ALA D 175 -28.15 -32.99 -6.25
N ALA D 176 -29.13 -32.53 -7.03
CA ALA D 176 -29.03 -31.32 -7.81
C ALA D 176 -30.40 -30.68 -7.88
N GLN D 177 -30.48 -29.52 -8.53
CA GLN D 177 -31.73 -28.79 -8.58
C GLN D 177 -32.79 -29.58 -9.33
N VAL D 178 -34.01 -29.59 -8.78
CA VAL D 178 -35.10 -30.36 -9.36
C VAL D 178 -35.61 -29.63 -10.60
N THR D 179 -35.57 -30.31 -11.74
CA THR D 179 -35.98 -29.69 -13.01
C THR D 179 -37.48 -29.80 -13.26
N CYS D 180 -38.10 -30.92 -12.90
CA CYS D 180 -39.52 -31.07 -13.19
C CYS D 180 -40.16 -32.03 -12.20
N VAL D 181 -41.41 -31.74 -11.82
CA VAL D 181 -42.26 -32.67 -11.09
C VAL D 181 -43.58 -32.76 -11.85
N ALA D 182 -44.11 -33.99 -11.95
CA ALA D 182 -45.32 -34.25 -12.73
C ALA D 182 -46.18 -35.24 -11.96
N ALA D 183 -47.32 -34.77 -11.47
CA ALA D 183 -48.19 -35.63 -10.67
C ALA D 183 -48.91 -36.63 -11.57
N SER D 184 -49.07 -37.85 -11.06
CA SER D 184 -49.79 -38.87 -11.80
C SER D 184 -51.26 -38.48 -11.90
N PRO D 185 -51.87 -38.63 -13.08
CA PRO D 185 -53.28 -38.24 -13.23
C PRO D 185 -54.26 -39.20 -12.56
N HIS D 186 -53.81 -40.37 -12.13
CA HIS D 186 -54.70 -41.40 -11.62
C HIS D 186 -54.50 -41.71 -10.14
N LYS D 187 -53.31 -41.50 -9.61
CA LYS D 187 -52.99 -41.82 -8.21
C LYS D 187 -52.56 -40.55 -7.48
N ASP D 188 -53.12 -40.34 -6.29
CA ASP D 188 -52.81 -39.19 -5.47
C ASP D 188 -51.56 -39.38 -4.62
N SER D 189 -50.96 -40.58 -4.64
CA SER D 189 -49.74 -40.86 -3.91
C SER D 189 -48.53 -41.01 -4.82
N VAL D 190 -48.71 -40.89 -6.14
CA VAL D 190 -47.67 -41.20 -7.12
C VAL D 190 -47.39 -39.94 -7.94
N PHE D 191 -46.11 -39.70 -8.22
CA PHE D 191 -45.71 -38.61 -9.10
C PHE D 191 -44.28 -38.87 -9.57
N LEU D 192 -43.92 -38.27 -10.70
CA LEU D 192 -42.58 -38.35 -11.25
C LEU D 192 -41.80 -37.08 -10.94
N SER D 193 -40.49 -37.23 -10.82
CA SER D 193 -39.61 -36.09 -10.65
C SER D 193 -38.32 -36.34 -11.43
N CYS D 194 -37.70 -35.24 -11.88
CA CYS D 194 -36.42 -35.33 -12.57
C CYS D 194 -35.60 -34.09 -12.25
N SER D 195 -34.30 -34.29 -12.05
CA SER D 195 -33.39 -33.24 -11.60
C SER D 195 -32.12 -33.29 -12.43
N GLU D 196 -31.21 -32.36 -12.14
CA GLU D 196 -29.93 -32.30 -12.83
C GLU D 196 -28.91 -33.29 -12.29
N ASP D 197 -29.27 -34.09 -11.29
CA ASP D 197 -28.43 -35.21 -10.86
C ASP D 197 -28.61 -36.43 -11.75
N ASN D 198 -29.28 -36.27 -12.89
CA ASN D 198 -29.52 -37.31 -13.88
C ASN D 198 -30.46 -38.41 -13.36
N ARG D 199 -31.21 -38.15 -12.31
CA ARG D 199 -32.11 -39.13 -11.72
C ARG D 199 -33.55 -38.86 -12.17
N ILE D 200 -34.22 -39.91 -12.64
CA ILE D 200 -35.66 -39.89 -12.83
C ILE D 200 -36.26 -40.75 -11.72
N LEU D 201 -37.13 -40.16 -10.91
CA LEU D 201 -37.67 -40.82 -9.73
C LEU D 201 -39.18 -40.97 -9.87
N LEU D 202 -39.65 -42.21 -9.71
CA LEU D 202 -41.06 -42.52 -9.57
C LEU D 202 -41.38 -42.62 -8.09
N TRP D 203 -42.43 -41.93 -7.64
CA TRP D 203 -42.72 -41.81 -6.23
C TRP D 203 -43.99 -42.56 -5.86
N ASP D 204 -44.07 -42.91 -4.58
CA ASP D 204 -45.25 -43.60 -4.04
C ASP D 204 -45.24 -43.31 -2.53
N THR D 205 -45.87 -42.21 -2.14
CA THR D 205 -45.83 -41.73 -0.75
C THR D 205 -46.33 -42.75 0.24
N ARG D 206 -47.01 -43.81 -0.21
CA ARG D 206 -47.43 -44.86 0.71
C ARG D 206 -46.25 -45.71 1.17
N CYS D 207 -45.25 -45.89 0.31
CA CYS D 207 -44.10 -46.71 0.65
C CYS D 207 -43.22 -46.00 1.68
N PRO D 208 -42.45 -46.76 2.46
CA PRO D 208 -41.51 -46.14 3.41
C PRO D 208 -40.42 -45.33 2.71
N LYS D 209 -39.83 -45.94 1.69
CA LYS D 209 -38.91 -45.22 0.80
C LYS D 209 -39.67 -44.91 -0.48
N PRO D 210 -40.30 -43.73 -0.58
CA PRO D 210 -41.22 -43.49 -1.71
C PRO D 210 -40.53 -43.39 -3.05
N ALA D 211 -39.32 -42.85 -3.12
CA ALA D 211 -38.66 -42.65 -4.39
C ALA D 211 -38.09 -43.96 -4.94
N SER D 212 -38.10 -44.08 -6.26
CA SER D 212 -37.53 -45.25 -6.94
C SER D 212 -36.92 -44.78 -8.25
N GLN D 213 -35.65 -45.11 -8.47
CA GLN D 213 -34.93 -44.63 -9.63
C GLN D 213 -35.27 -45.46 -10.86
N ILE D 214 -35.54 -44.80 -11.97
CA ILE D 214 -35.87 -45.45 -13.23
C ILE D 214 -34.64 -45.29 -14.13
N GLY D 215 -33.83 -46.34 -14.24
CA GLY D 215 -32.60 -46.27 -15.01
C GLY D 215 -32.81 -46.09 -16.50
N CYS D 216 -34.03 -46.27 -16.99
CA CYS D 216 -34.33 -46.19 -18.41
C CYS D 216 -33.43 -47.13 -19.19
N SER D 217 -32.60 -46.59 -20.08
CA SER D 217 -31.57 -47.37 -20.75
C SER D 217 -30.32 -47.42 -19.87
N ALA D 218 -29.54 -46.34 -19.88
CA ALA D 218 -28.32 -46.21 -19.09
C ALA D 218 -28.01 -44.74 -18.95
N PRO D 219 -27.18 -44.35 -17.95
CA PRO D 219 -26.89 -42.92 -17.73
C PRO D 219 -26.73 -42.08 -18.98
N GLY D 220 -27.83 -41.49 -19.44
CA GLY D 220 -27.83 -40.60 -20.58
C GLY D 220 -27.73 -39.15 -20.16
N TYR D 221 -28.25 -38.25 -21.01
CA TYR D 221 -28.20 -36.83 -20.75
C TYR D 221 -29.29 -36.43 -19.77
N LEU D 222 -29.15 -35.22 -19.21
CA LEU D 222 -29.99 -34.82 -18.09
C LEU D 222 -31.46 -34.71 -18.51
N PRO D 223 -32.38 -35.20 -17.69
CA PRO D 223 -33.81 -35.02 -17.99
C PRO D 223 -34.26 -33.61 -17.65
N THR D 224 -35.21 -33.10 -18.46
CA THR D 224 -35.62 -31.72 -18.35
C THR D 224 -37.14 -31.57 -18.27
N SER D 225 -37.87 -32.52 -18.84
CA SER D 225 -39.33 -32.44 -18.85
C SER D 225 -39.92 -33.82 -18.64
N LEU D 226 -41.12 -33.84 -18.05
CA LEU D 226 -41.83 -35.09 -17.77
C LEU D 226 -43.29 -34.94 -18.15
N ALA D 227 -43.89 -36.02 -18.62
CA ALA D 227 -45.30 -35.99 -19.02
C ALA D 227 -45.87 -37.40 -18.89
N TRP D 228 -46.87 -37.54 -18.02
CA TRP D 228 -47.58 -38.81 -17.90
C TRP D 228 -48.45 -39.05 -19.13
N HIS D 229 -48.63 -40.32 -19.47
CA HIS D 229 -49.59 -40.66 -20.50
C HIS D 229 -51.01 -40.57 -19.93
N PRO D 230 -51.95 -39.94 -20.64
CA PRO D 230 -53.27 -39.69 -20.03
C PRO D 230 -54.06 -40.97 -19.78
N GLN D 231 -53.95 -41.96 -20.67
CA GLN D 231 -54.73 -43.18 -20.53
C GLN D 231 -53.99 -44.24 -19.71
N GLN D 232 -52.80 -44.62 -20.15
CA GLN D 232 -52.04 -45.67 -19.49
C GLN D 232 -51.24 -45.09 -18.34
N SER D 233 -51.40 -45.68 -17.15
CA SER D 233 -50.69 -45.21 -15.97
C SER D 233 -49.31 -45.81 -15.83
N GLU D 234 -48.96 -46.79 -16.66
CA GLU D 234 -47.66 -47.44 -16.59
C GLU D 234 -46.64 -46.81 -17.52
N VAL D 235 -47.02 -45.80 -18.30
CA VAL D 235 -46.20 -45.27 -19.39
C VAL D 235 -46.05 -43.77 -19.23
N PHE D 236 -44.87 -43.25 -19.54
CA PHE D 236 -44.66 -41.81 -19.56
C PHE D 236 -43.60 -41.46 -20.59
N VAL D 237 -43.37 -40.16 -20.76
CA VAL D 237 -42.38 -39.64 -21.69
C VAL D 237 -41.54 -38.57 -20.97
N PHE D 238 -40.28 -38.48 -21.38
CA PHE D 238 -39.38 -37.46 -20.83
C PHE D 238 -38.46 -36.93 -21.92
N GLY D 239 -38.24 -35.61 -21.89
CA GLY D 239 -37.27 -34.99 -22.76
C GLY D 239 -35.97 -34.74 -22.03
N ASP D 240 -34.87 -34.66 -22.79
CA ASP D 240 -33.57 -34.41 -22.19
C ASP D 240 -33.00 -33.09 -22.68
N GLU D 241 -31.80 -32.76 -22.20
CA GLU D 241 -31.15 -31.51 -22.55
C GLU D 241 -30.56 -31.53 -23.95
N ASN D 242 -30.40 -32.72 -24.55
CA ASN D 242 -29.81 -32.85 -25.87
C ASN D 242 -30.86 -32.84 -26.98
N GLY D 243 -32.13 -32.58 -26.64
CA GLY D 243 -33.17 -32.52 -27.64
C GLY D 243 -33.77 -33.85 -28.02
N THR D 244 -33.75 -34.82 -27.12
CA THR D 244 -34.27 -36.16 -27.38
C THR D 244 -35.46 -36.41 -26.47
N VAL D 245 -36.55 -36.91 -27.05
CA VAL D 245 -37.77 -37.26 -26.32
C VAL D 245 -37.87 -38.78 -26.29
N SER D 246 -38.12 -39.33 -25.11
CA SER D 246 -38.12 -40.78 -24.93
C SER D 246 -39.42 -41.23 -24.27
N LEU D 247 -39.82 -42.45 -24.63
CA LEU D 247 -41.03 -43.10 -24.14
C LEU D 247 -40.62 -44.31 -23.31
N VAL D 248 -41.05 -44.32 -22.05
CA VAL D 248 -40.64 -45.31 -21.05
C VAL D 248 -41.87 -45.98 -20.46
N ASP D 249 -41.77 -47.29 -20.22
CA ASP D 249 -42.79 -48.07 -19.55
C ASP D 249 -42.23 -48.56 -18.22
N THR D 250 -42.91 -48.22 -17.13
CA THR D 250 -42.40 -48.55 -15.79
C THR D 250 -42.32 -50.06 -15.57
N LYS D 251 -43.18 -50.83 -16.25
CA LYS D 251 -43.15 -52.27 -16.11
C LYS D 251 -41.83 -52.84 -16.63
N SER D 252 -41.43 -52.44 -17.83
CA SER D 252 -40.19 -52.93 -18.43
C SER D 252 -38.95 -52.20 -17.92
N THR D 253 -39.13 -51.12 -17.15
CA THR D 253 -38.08 -50.22 -16.67
C THR D 253 -36.91 -50.10 -17.64
N SER D 254 -37.21 -49.95 -18.92
CA SER D 254 -36.19 -49.77 -19.94
C SER D 254 -36.69 -48.80 -20.99
N CYS D 255 -35.76 -48.06 -21.59
CA CYS D 255 -36.10 -47.08 -22.62
C CYS D 255 -36.79 -47.75 -23.80
N VAL D 256 -38.13 -47.67 -23.84
CA VAL D 256 -38.88 -48.33 -24.90
C VAL D 256 -38.61 -47.67 -26.24
N LEU D 257 -38.70 -46.34 -26.30
CA LEU D 257 -38.48 -45.64 -27.56
C LEU D 257 -37.78 -44.32 -27.29
N SER D 258 -37.08 -43.81 -28.32
CA SER D 258 -36.42 -42.52 -28.22
C SER D 258 -36.33 -41.91 -29.61
N SER D 259 -36.45 -40.58 -29.66
CA SER D 259 -36.46 -39.85 -30.92
C SER D 259 -35.75 -38.52 -30.75
N ALA D 260 -34.89 -38.20 -31.73
CA ALA D 260 -34.18 -36.93 -31.76
C ALA D 260 -35.08 -35.91 -32.45
N VAL D 261 -35.93 -35.27 -31.65
CA VAL D 261 -36.93 -34.32 -32.15
C VAL D 261 -36.33 -32.93 -32.32
N HIS D 262 -35.66 -32.41 -31.30
CA HIS D 262 -35.22 -31.02 -31.30
C HIS D 262 -33.70 -30.94 -31.35
N SER D 263 -33.20 -29.77 -31.74
CA SER D 263 -31.76 -29.53 -31.77
C SER D 263 -31.23 -29.05 -30.43
N GLN D 264 -32.10 -28.54 -29.57
CA GLN D 264 -31.67 -28.04 -28.26
C GLN D 264 -32.55 -28.62 -27.16
N CYS D 265 -32.34 -28.15 -25.93
CA CYS D 265 -32.99 -28.73 -24.76
C CYS D 265 -34.50 -28.73 -24.89
N VAL D 266 -35.12 -29.79 -24.38
CA VAL D 266 -36.58 -29.95 -24.42
C VAL D 266 -37.14 -29.42 -23.10
N THR D 267 -38.03 -28.43 -23.20
CA THR D 267 -38.51 -27.71 -22.02
C THR D 267 -39.89 -28.17 -21.55
N GLY D 268 -40.69 -28.79 -22.41
CA GLY D 268 -42.02 -29.20 -22.00
C GLY D 268 -42.61 -30.26 -22.91
N LEU D 269 -43.46 -31.11 -22.31
CA LEU D 269 -44.17 -32.16 -23.03
C LEU D 269 -45.60 -32.18 -22.55
N VAL D 270 -46.55 -32.01 -23.47
CA VAL D 270 -47.97 -31.93 -23.12
C VAL D 270 -48.75 -32.83 -24.06
N PHE D 271 -49.52 -33.76 -23.51
CA PHE D 271 -50.34 -34.63 -24.33
C PHE D 271 -51.65 -33.94 -24.71
N SER D 272 -52.24 -34.41 -25.80
CA SER D 272 -53.53 -33.91 -26.25
C SER D 272 -54.66 -34.63 -25.51
N PRO D 273 -55.82 -33.98 -25.35
CA PRO D 273 -56.90 -34.61 -24.57
C PRO D 273 -57.60 -35.74 -25.30
N HIS D 274 -57.43 -35.86 -26.62
CA HIS D 274 -58.20 -36.84 -27.38
C HIS D 274 -57.82 -38.26 -26.99
N SER D 275 -58.70 -39.21 -27.33
CA SER D 275 -58.45 -40.61 -27.00
C SER D 275 -57.16 -41.10 -27.66
N VAL D 276 -56.94 -40.71 -28.91
CA VAL D 276 -55.66 -40.99 -29.54
C VAL D 276 -54.78 -39.77 -29.27
N PRO D 277 -53.81 -39.90 -28.36
CA PRO D 277 -53.13 -38.70 -27.84
C PRO D 277 -52.01 -38.23 -28.73
N PHE D 278 -52.06 -36.96 -29.09
CA PHE D 278 -50.94 -36.27 -29.70
C PHE D 278 -50.07 -35.68 -28.60
N LEU D 279 -48.76 -35.60 -28.86
CA LEU D 279 -47.79 -35.16 -27.87
C LEU D 279 -47.06 -33.94 -28.39
N ALA D 280 -47.32 -32.77 -27.79
CA ALA D 280 -46.63 -31.54 -28.14
C ALA D 280 -45.34 -31.44 -27.34
N SER D 281 -44.23 -31.16 -28.03
CA SER D 281 -42.92 -31.02 -27.43
C SER D 281 -42.39 -29.62 -27.70
N LEU D 282 -41.95 -28.95 -26.64
CA LEU D 282 -41.35 -27.63 -26.71
C LEU D 282 -39.84 -27.76 -26.52
N SER D 283 -39.12 -26.69 -26.89
CA SER D 283 -37.68 -26.71 -26.82
C SER D 283 -37.14 -25.29 -26.83
N GLU D 284 -35.86 -25.16 -26.48
CA GLU D 284 -35.15 -23.89 -26.55
C GLU D 284 -34.66 -23.56 -27.95
N ASP D 285 -34.85 -24.47 -28.92
CA ASP D 285 -34.58 -24.14 -30.31
C ASP D 285 -35.69 -23.31 -30.94
N CYS D 286 -36.65 -22.84 -30.13
CA CYS D 286 -37.71 -21.93 -30.57
C CYS D 286 -38.70 -22.62 -31.52
N SER D 287 -38.84 -23.93 -31.41
CA SER D 287 -39.74 -24.68 -32.26
C SER D 287 -40.68 -25.53 -31.42
N LEU D 288 -41.81 -25.90 -32.03
CA LEU D 288 -42.80 -26.78 -31.44
C LEU D 288 -42.97 -27.99 -32.35
N ALA D 289 -43.08 -29.18 -31.76
CA ALA D 289 -43.29 -30.38 -32.55
C ALA D 289 -44.49 -31.15 -32.02
N VAL D 290 -45.24 -31.78 -32.91
CA VAL D 290 -46.36 -32.65 -32.55
C VAL D 290 -46.01 -34.07 -32.96
N LEU D 291 -46.17 -35.01 -32.03
CA LEU D 291 -45.75 -36.38 -32.22
C LEU D 291 -46.94 -37.32 -31.99
N ASP D 292 -46.87 -38.49 -32.59
CA ASP D 292 -47.91 -39.50 -32.49
C ASP D 292 -47.53 -40.52 -31.41
N SER D 293 -48.10 -41.72 -31.50
CA SER D 293 -47.79 -42.77 -30.54
C SER D 293 -46.37 -43.28 -30.69
N SER D 294 -45.87 -43.32 -31.92
CA SER D 294 -44.53 -43.82 -32.21
C SER D 294 -43.48 -42.72 -32.23
N LEU D 295 -43.79 -41.55 -31.67
CA LEU D 295 -42.86 -40.42 -31.58
C LEU D 295 -42.37 -39.99 -32.96
N SER D 296 -43.29 -39.96 -33.93
CA SER D 296 -43.00 -39.47 -35.27
C SER D 296 -43.49 -38.03 -35.40
N GLU D 297 -42.74 -37.22 -36.14
CA GLU D 297 -43.06 -35.79 -36.25
C GLU D 297 -44.22 -35.57 -37.21
N LEU D 298 -45.20 -34.79 -36.77
CA LEU D 298 -46.36 -34.45 -37.59
C LEU D 298 -46.33 -32.98 -37.97
N PHE D 299 -46.76 -32.13 -37.04
CA PHE D 299 -46.73 -30.68 -37.21
C PHE D 299 -45.44 -30.11 -36.64
N ARG D 300 -45.06 -28.94 -37.13
CA ARG D 300 -43.87 -28.26 -36.65
C ARG D 300 -43.99 -26.78 -36.99
N SER D 301 -43.78 -25.93 -36.00
CA SER D 301 -44.01 -24.49 -36.14
C SER D 301 -42.78 -23.72 -35.69
N GLN D 302 -42.21 -22.95 -36.61
CA GLN D 302 -41.15 -22.01 -36.31
C GLN D 302 -41.69 -20.63 -35.95
N ALA D 303 -42.96 -20.54 -35.54
CA ALA D 303 -43.61 -19.24 -35.39
C ALA D 303 -42.94 -18.41 -34.30
N HIS D 304 -42.46 -19.06 -33.24
CA HIS D 304 -41.76 -18.35 -32.17
C HIS D 304 -40.32 -18.05 -32.58
N ARG D 305 -39.87 -16.84 -32.27
CA ARG D 305 -38.49 -16.45 -32.48
C ARG D 305 -37.70 -16.44 -31.19
N ASP D 306 -38.24 -17.01 -30.12
CA ASP D 306 -37.55 -17.14 -28.84
C ASP D 306 -37.98 -18.46 -28.21
N PHE D 307 -37.54 -18.69 -26.98
CA PHE D 307 -37.81 -19.96 -26.31
C PHE D 307 -39.32 -20.21 -26.22
N VAL D 308 -39.72 -21.45 -26.47
CA VAL D 308 -41.11 -21.85 -26.31
C VAL D 308 -41.28 -22.42 -24.91
N ARG D 309 -42.12 -21.78 -24.10
CA ARG D 309 -42.24 -22.10 -22.68
C ARG D 309 -43.37 -23.08 -22.38
N ASP D 310 -44.59 -22.80 -22.84
CA ASP D 310 -45.73 -23.62 -22.48
C ASP D 310 -46.66 -23.77 -23.68
N ALA D 311 -47.47 -24.84 -23.65
CA ALA D 311 -48.40 -25.15 -24.72
C ALA D 311 -49.55 -25.98 -24.15
N THR D 312 -50.78 -25.53 -24.36
CA THR D 312 -51.96 -26.25 -23.90
C THR D 312 -52.97 -26.41 -25.02
N TRP D 313 -53.71 -27.51 -24.97
CA TRP D 313 -54.72 -27.80 -25.97
C TRP D 313 -56.06 -27.23 -25.53
N SER D 314 -56.86 -26.81 -26.50
CA SER D 314 -58.16 -26.25 -26.19
C SER D 314 -59.16 -27.37 -25.90
N PRO D 315 -59.90 -27.30 -24.79
CA PRO D 315 -60.97 -28.29 -24.57
C PRO D 315 -62.19 -28.08 -25.45
N LEU D 316 -62.29 -26.93 -26.12
CA LEU D 316 -63.39 -26.66 -27.02
C LEU D 316 -63.11 -27.14 -28.43
N ASN D 317 -61.84 -27.17 -28.84
CA ASN D 317 -61.41 -27.78 -30.09
C ASN D 317 -60.13 -28.55 -29.79
N HIS D 318 -60.21 -29.88 -29.87
CA HIS D 318 -59.08 -30.73 -29.53
C HIS D 318 -58.04 -30.83 -30.65
N SER D 319 -58.16 -30.01 -31.70
CA SER D 319 -57.12 -29.87 -32.69
C SER D 319 -56.42 -28.51 -32.61
N LEU D 320 -56.87 -27.61 -31.74
CA LEU D 320 -56.24 -26.32 -31.57
C LEU D 320 -55.25 -26.38 -30.41
N LEU D 321 -54.08 -25.77 -30.60
CA LEU D 321 -53.01 -25.85 -29.62
C LEU D 321 -52.40 -24.46 -29.44
N THR D 322 -52.43 -23.94 -28.22
CA THR D 322 -51.97 -22.59 -27.94
C THR D 322 -50.61 -22.67 -27.26
N THR D 323 -49.62 -21.98 -27.83
CA THR D 323 -48.26 -21.94 -27.33
C THR D 323 -47.86 -20.51 -26.97
N VAL D 324 -46.97 -20.40 -25.99
CA VAL D 324 -46.42 -19.10 -25.57
C VAL D 324 -44.91 -19.20 -25.53
N GLY D 325 -44.26 -18.03 -25.52
CA GLY D 325 -42.82 -17.98 -25.51
C GLY D 325 -42.30 -16.67 -24.94
N TRP D 326 -40.97 -16.57 -24.88
CA TRP D 326 -40.32 -15.37 -24.38
C TRP D 326 -40.29 -14.23 -25.39
N ASP D 327 -40.78 -14.46 -26.61
CA ASP D 327 -41.00 -13.37 -27.55
C ASP D 327 -42.32 -12.66 -27.34
N HIS D 328 -42.96 -12.88 -26.19
CA HIS D 328 -44.25 -12.28 -25.85
C HIS D 328 -45.33 -12.61 -26.89
N GLN D 329 -45.18 -13.76 -27.55
CA GLN D 329 -46.09 -14.16 -28.62
C GLN D 329 -46.97 -15.32 -28.16
N VAL D 330 -48.26 -15.22 -28.47
CA VAL D 330 -49.23 -16.26 -28.16
C VAL D 330 -49.75 -16.79 -29.49
N VAL D 331 -49.31 -18.00 -29.85
CA VAL D 331 -49.58 -18.56 -31.17
C VAL D 331 -50.61 -19.67 -31.05
N HIS D 332 -51.65 -19.61 -31.87
CA HIS D 332 -52.66 -20.65 -31.97
C HIS D 332 -52.38 -21.49 -33.22
N HIS D 333 -52.14 -22.78 -33.02
CA HIS D 333 -51.81 -23.71 -34.10
C HIS D 333 -52.98 -24.63 -34.36
N VAL D 334 -53.22 -24.92 -35.64
CA VAL D 334 -54.23 -25.87 -36.08
C VAL D 334 -53.53 -27.16 -36.46
N VAL D 335 -53.88 -28.25 -35.79
CA VAL D 335 -53.19 -29.53 -35.95
C VAL D 335 -54.09 -30.45 -36.77
N PRO D 336 -53.58 -31.09 -37.82
CA PRO D 336 -54.37 -32.02 -38.64
C PRO D 336 -54.75 -33.29 -37.89
CS MTA E . -16.27 7.16 -25.07
S5' MTA E . -14.74 6.24 -24.83
C5' MTA E . -14.66 5.40 -26.44
C4' MTA E . -15.88 4.53 -26.65
O4' MTA E . -15.95 4.05 -28.00
C2' MTA E . -15.47 2.17 -26.70
O2' MTA E . -15.98 0.92 -26.40
C3' MTA E . -15.88 3.30 -25.75
O3' MTA E . -17.20 3.08 -25.28
C1' MTA E . -16.07 2.66 -28.03
N9 MTA E . -15.38 2.16 -29.19
C8 MTA E . -14.04 2.25 -29.48
N7 MTA E . -13.72 1.71 -30.61
C5 MTA E . -14.89 1.22 -31.11
C6 MTA E . -15.21 0.53 -32.29
N6 MTA E . -14.30 0.20 -33.21
N1 MTA E . -16.49 0.19 -32.48
C2 MTA E . -17.40 0.52 -31.57
N3 MTA E . -17.22 1.16 -30.43
C4 MTA E . -15.94 1.49 -30.25
N1 A1BV0 F . -9.15 10.32 -21.08
N3 A1BV0 F . -8.10 4.44 -15.44
C4 A1BV0 F . -11.12 10.34 -22.46
C5 A1BV0 F . -9.85 9.82 -22.19
C6 A1BV0 F . -8.17 9.67 -20.39
C7 A1BV0 F . -7.54 10.36 -19.23
C8 A1BV0 F . -7.19 10.66 -16.83
C10 A1BV0 F . -9.18 12.13 -16.39
C13 A1BV0 F . -8.74 8.84 -17.73
C15 A1BV0 F . -6.70 7.41 -17.95
C17 A1BV0 F . -6.50 5.30 -16.81
C20 A1BV0 F . -8.48 6.65 -16.56
C21 A1BV0 F . -7.48 2.26 -14.47
C22 A1BV0 F . -8.97 2.12 -14.15
C24 A1BV0 F . -8.97 -1.55 -13.28
C26 A1BV0 F . -7.00 1.02 -15.22
C28 A1BV0 F . -11.23 8.86 -24.35
C1 A1BV0 F . -13.53 11.54 -22.97
C11 A1BV0 F . -9.06 9.82 -15.40
C12 A1BV0 F . -9.75 9.19 -16.62
C14 A1BV0 F . -7.95 7.59 -17.38
C16 A1BV0 F . -5.97 6.27 -17.66
C18 A1BV0 F . -7.26 3.49 -15.33
C19 A1BV0 F . -7.76 5.48 -16.24
C2 A1BV0 F . -13.19 10.37 -23.90
C23 A1BV0 F . -9.17 0.86 -13.30
C25 A1BV0 F . -7.25 -0.21 -14.33
C27 A1BV0 F . -9.35 8.85 -23.03
C3 A1BV0 F . -11.82 9.85 -23.56
C9 A1BV0 F . -8.25 11.06 -15.80
N2 A1BV0 F . -7.82 9.96 -17.97
N4 A1BV0 F . -8.68 -0.31 -14.03
N5 A1BV0 F . -10.03 8.40 -24.06
N6 A1BV0 F . -11.92 8.36 -25.45
O1 A1BV0 F . -7.80 8.55 -20.67
O2 A1BV0 F . -6.78 11.29 -19.41
S A1BV0 F . -5.85 3.77 -16.24
CL CL G . 3.51 -5.57 -26.04
CL CL H . 33.03 18.64 3.14
CS MTA I . 18.21 -8.07 23.21
S5' MTA I . 18.38 -8.64 21.50
C5' MTA I . 20.08 -9.28 21.59
C4' MTA I . 21.04 -8.18 21.99
O4' MTA I . 22.39 -8.66 22.09
C2' MTA I . 22.35 -7.32 20.20
O2' MTA I . 22.97 -6.20 19.64
C3' MTA I . 21.07 -7.03 20.98
O3' MTA I . 21.19 -5.83 21.69
C1' MTA I . 23.24 -7.91 21.30
N9 MTA I . 24.29 -8.76 20.79
C8 MTA I . 24.17 -9.80 19.91
N7 MTA I . 25.29 -10.39 19.65
C5 MTA I . 26.22 -9.70 20.40
C6 MTA I . 27.61 -9.85 20.56
N6 MTA I . 28.32 -10.79 19.92
N1 MTA I . 28.24 -8.99 21.38
C2 MTA I . 27.53 -8.06 22.01
N3 MTA I . 26.23 -7.83 21.93
C4 MTA I . 25.62 -8.69 21.12
N1 A1BV0 J . 11.76 -12.02 18.84
N3 A1BV0 J . 10.76 -6.27 13.03
C4 A1BV0 J . 13.23 -11.67 20.72
C5 A1BV0 J . 13.06 -11.97 19.37
C6 A1BV0 J . 11.41 -11.82 17.54
C7 A1BV0 J . 9.96 -11.91 17.17
C8 A1BV0 J . 7.86 -10.93 16.43
C10 A1BV0 J . 7.01 -10.15 18.67
C13 A1BV0 J . 9.95 -9.50 16.72
C15 A1BV0 J . 10.52 -10.15 14.36
C17 A1BV0 J . 10.89 -8.51 12.65
C20 A1BV0 J . 10.35 -7.84 14.91
C21 A1BV0 J . 11.21 -4.92 11.02
C22 A1BV0 J . 11.66 -3.81 11.97
C24 A1BV0 J . 12.82 -1.38 9.35
C26 A1BV0 J . 12.26 -5.06 9.92
C28 A1BV0 J . 15.59 -11.89 20.40
C1 A1BV0 J . 13.38 -11.13 23.38
C11 A1BV0 J . 7.63 -8.48 16.89
C12 A1BV0 J . 9.08 -8.42 17.38
C14 A1BV0 J . 10.28 -9.14 15.28
C16 A1BV0 J . 10.82 -9.84 13.06
C18 A1BV0 J . 11.06 -6.21 11.78
C19 A1BV0 J . 10.65 -7.49 13.58
C2 A1BV0 J . 14.74 -11.29 22.70
C23 A1BV0 J . 11.75 -2.50 11.19
C25 A1BV0 J . 12.34 -3.73 9.15
C27 A1BV0 J . 14.20 -12.23 18.60
C3 A1BV0 J . 14.51 -11.63 21.24
C9 A1BV0 J . 7.04 -9.86 17.16
N2 A1BV0 J . 9.28 -10.81 16.79
N4 A1BV0 J . 12.71 -2.65 10.08
N5 A1BV0 J . 15.40 -12.17 19.14
N6 A1BV0 J . 16.88 -11.85 20.92
O1 A1BV0 J . 12.22 -11.59 16.67
O2 A1BV0 J . 9.40 -12.98 17.22
S A1BV0 J . 11.23 -7.77 11.10
CL CL K . -5.63 -29.90 5.36
CL CL L . 15.32 -27.46 26.47
CL CL M . -11.96 -25.10 9.42
C1 EDO N . 20.99 -33.75 15.99
O1 EDO N . 21.01 -32.64 16.90
C2 EDO N . 22.38 -34.38 15.92
O2 EDO N . 23.25 -33.53 15.17
C1 EDO O . -31.83 -41.35 -17.15
O1 EDO O . -31.16 -40.08 -17.26
C2 EDO O . -31.33 -42.09 -15.91
O2 EDO O . -32.12 -41.74 -14.77
#